data_2XN0
#
_entry.id   2XN0
#
_cell.length_a   126.370
_cell.length_b   149.580
_cell.length_c   90.840
_cell.angle_alpha   90.00
_cell.angle_beta   90.00
_cell.angle_gamma   90.00
#
_symmetry.space_group_name_H-M   'P 21 21 2'
#
loop_
_entity.id
_entity.type
_entity.pdbx_description
1 polymer ALPHA-GALACTOSIDASE
2 non-polymer 'PLATINUM (II) ION'
3 non-polymer GLYCEROL
4 water water
#
_entity_poly.entity_id   1
_entity_poly.type   'polypeptide(L)'
_entity_poly.pdbx_seq_one_letter_code
;MTSNLIKFDDQNKVFHLHNKQISYLLSIEDGGTLSHLYFGGAVKNYNNQLKYPRLDRGFSGNLPESLDRTFSRDSLPKEY
SSAGEMDFHTPATIVRNPDGSNALFLAYKSYKIEDGKPDLKGLPHSWTKEDDEAQTLIVTLEDKVSKLEYDLLYTIYRDR
PVIVRSVQVHNHGEEAVYLEKVASMQMDYVDKDFEVITLPGAHANERRVQRENIGQGIKVFSSYRGTSSHQMNPFMALVD
HDTNEFMGEAYGFALAYSGNHKFEVERDQFGQIHVNTGINDYNFKWKLNPNEEFQTPEVLMVYSDQGLNKMSQAFHSLIH
ERIMRSKFKDQIRPVLVNNWEATYFDFNEDKLKTIVDKAKKLGLEMFVLDDGWFGHRDDDNSSLGDWKVYKKKFPNGLGH
FADYVHEQGLKFGLWFEPEMISYESNLYKEHPDYLMHVPGRKPCPSRNQYVLELGRKEVRDNIFEQMVKILDSKKIDYIK
WDMNRSLSDIYESDLPADQQGEAYHRYVLGYYDLLNKLVTRYPDILFEGCSGGGGRFDVGQAYYTPQIWASDNTDAIERL
KIQYGTSLVYPQSMMTSHVSVSPNEQNGRITPFNTRGAVAMWGDLGYELDLTKMSDEESDQVVKQVTEYKKIREVTQFGT
LYRLKASASNQCAWMMVDSNKNEAVVTVVNVMAHAQPYCTKTKLAGLDPDKRYKNLETDEVFGGDELMHLGFYDPIERGD
FKAKMYHFKAIN
;
_entity_poly.pdbx_strand_id   A,B
#
loop_
_chem_comp.id
_chem_comp.type
_chem_comp.name
_chem_comp.formula
GOL non-polymer GLYCEROL 'C3 H8 O3'
PT non-polymer 'PLATINUM (II) ION' 'Pt 2'
#
# COMPACT_ATOMS: atom_id res chain seq x y z
N ASN A 4 33.47 -21.66 -6.92
CA ASN A 4 32.22 -22.11 -7.54
C ASN A 4 31.01 -21.87 -6.64
N LEU A 5 30.36 -20.73 -6.83
CA LEU A 5 29.36 -20.22 -5.91
C LEU A 5 27.92 -20.60 -6.23
N ILE A 6 27.68 -21.10 -7.44
CA ILE A 6 26.33 -21.38 -7.92
C ILE A 6 26.20 -22.83 -8.43
N LYS A 7 25.27 -23.59 -7.84
CA LYS A 7 25.10 -25.01 -8.20
C LYS A 7 23.67 -25.29 -8.58
N PHE A 8 23.47 -26.22 -9.51
CA PHE A 8 22.13 -26.70 -9.82
C PHE A 8 22.02 -28.21 -9.64
N ASP A 9 21.08 -28.62 -8.80
CA ASP A 9 20.80 -30.03 -8.50
C ASP A 9 19.67 -30.51 -9.41
N ASP A 10 20.01 -31.24 -10.46
CA ASP A 10 19.03 -31.61 -11.49
C ASP A 10 18.12 -32.76 -11.05
N GLN A 11 18.33 -33.23 -9.83
CA GLN A 11 17.50 -34.28 -9.27
C GLN A 11 16.23 -33.67 -8.67
N ASN A 12 16.40 -32.70 -7.79
CA ASN A 12 15.26 -32.05 -7.17
C ASN A 12 14.99 -30.67 -7.76
N LYS A 13 15.78 -30.30 -8.77
CA LYS A 13 15.55 -29.07 -9.52
C LYS A 13 15.76 -27.83 -8.67
N VAL A 14 16.84 -27.81 -7.90
CA VAL A 14 17.12 -26.74 -6.95
C VAL A 14 18.41 -26.00 -7.26
N PHE A 15 18.33 -24.67 -7.25
CA PHE A 15 19.50 -23.80 -7.44
C PHE A 15 19.98 -23.34 -6.10
N HIS A 16 21.29 -23.34 -5.94
CA HIS A 16 21.87 -22.91 -4.68
C HIS A 16 23.02 -21.96 -4.97
N LEU A 17 22.85 -20.70 -4.61
CA LEU A 17 23.93 -19.72 -4.63
C LEU A 17 24.47 -19.63 -3.21
N HIS A 18 25.76 -19.84 -3.01
CA HIS A 18 26.30 -19.70 -1.66
C HIS A 18 27.77 -19.36 -1.54
N ASN A 19 28.10 -18.71 -0.44
CA ASN A 19 29.48 -18.51 -0.03
C ASN A 19 29.58 -18.79 1.48
N LYS A 20 30.59 -18.24 2.14
CA LYS A 20 30.75 -18.48 3.58
C LYS A 20 29.66 -17.84 4.44
N GLN A 21 29.04 -16.79 3.93
CA GLN A 21 28.11 -16.01 4.74
C GLN A 21 26.65 -16.35 4.50
N ILE A 22 26.29 -16.59 3.24
CA ILE A 22 24.90 -16.63 2.85
C ILE A 22 24.61 -17.80 1.91
N SER A 23 23.36 -18.27 1.96
CA SER A 23 22.81 -19.20 0.97
C SER A 23 21.54 -18.60 0.40
N TYR A 24 21.35 -18.79 -0.90
CA TYR A 24 20.11 -18.41 -1.56
C TYR A 24 19.66 -19.60 -2.39
N LEU A 25 18.50 -20.15 -2.03
CA LEU A 25 17.97 -21.33 -2.69
C LEU A 25 16.67 -20.96 -3.41
N LEU A 26 16.56 -21.40 -4.68
CA LEU A 26 15.32 -21.33 -5.43
C LEU A 26 15.12 -22.64 -6.18
N SER A 27 13.87 -22.95 -6.51
CA SER A 27 13.60 -24.22 -7.17
C SER A 27 12.60 -24.11 -8.33
N ILE A 28 12.57 -25.16 -9.14
CA ILE A 28 11.61 -25.24 -10.23
C ILE A 28 10.48 -26.14 -9.76
N GLU A 29 9.32 -25.53 -9.50
CA GLU A 29 8.17 -26.26 -8.99
C GLU A 29 7.18 -26.61 -10.09
N ASP A 30 6.09 -27.28 -9.71
CA ASP A 30 5.06 -27.71 -10.65
C ASP A 30 4.71 -26.65 -11.70
N GLY A 31 4.53 -27.08 -12.94
CA GLY A 31 4.22 -26.17 -14.01
C GLY A 31 5.36 -25.20 -14.32
N GLY A 32 6.60 -25.63 -14.10
CA GLY A 32 7.75 -24.77 -14.34
C GLY A 32 7.65 -23.45 -13.58
N THR A 33 7.13 -23.51 -12.37
CA THR A 33 6.98 -22.31 -11.55
C THR A 33 8.24 -22.09 -10.73
N LEU A 34 8.83 -20.91 -10.87
CA LEU A 34 10.07 -20.60 -10.18
C LEU A 34 9.80 -20.24 -8.72
N SER A 35 10.28 -21.07 -7.81
CA SER A 35 9.89 -20.97 -6.41
C SER A 35 11.01 -20.42 -5.51
N HIS A 36 10.65 -19.57 -4.56
CA HIS A 36 11.64 -19.13 -3.59
C HIS A 36 11.65 -20.06 -2.38
N LEU A 37 12.83 -20.52 -2.01
CA LEU A 37 12.94 -21.40 -0.85
C LEU A 37 13.55 -20.71 0.36
N TYR A 38 14.63 -19.95 0.15
CA TYR A 38 15.44 -19.52 1.28
C TYR A 38 16.46 -18.48 0.90
N PHE A 39 16.62 -17.49 1.79
CA PHE A 39 17.73 -16.55 1.70
C PHE A 39 18.16 -16.23 3.12
N GLY A 40 19.45 -16.42 3.42
CA GLY A 40 19.94 -16.18 4.76
C GLY A 40 21.31 -16.79 4.96
N GLY A 41 21.64 -17.12 6.21
CA GLY A 41 22.90 -17.75 6.55
C GLY A 41 23.21 -18.99 5.74
N ALA A 42 24.48 -19.14 5.35
CA ALA A 42 24.93 -20.22 4.47
C ALA A 42 24.69 -21.60 5.06
N VAL A 43 24.39 -22.54 4.17
CA VAL A 43 24.28 -23.95 4.51
C VAL A 43 25.02 -24.73 3.45
N LYS A 44 25.73 -25.78 3.87
CA LYS A 44 26.51 -26.58 2.93
C LYS A 44 25.60 -27.30 1.93
N ASN A 45 24.55 -27.94 2.41
CA ASN A 45 23.64 -28.65 1.53
C ASN A 45 22.15 -28.34 1.66
N TYR A 46 21.35 -28.84 0.72
CA TYR A 46 19.89 -28.75 0.79
C TYR A 46 19.29 -30.09 0.47
N ASN A 47 18.26 -30.49 1.22
CA ASN A 47 17.69 -31.82 1.06
C ASN A 47 16.16 -31.86 1.01
N ASN A 48 15.58 -30.87 0.34
CA ASN A 48 14.14 -30.84 0.09
C ASN A 48 13.23 -30.59 1.27
N GLN A 49 13.79 -30.20 2.40
CA GLN A 49 13.00 -30.01 3.61
C GLN A 49 12.15 -28.71 3.59
N LEU A 50 12.27 -27.93 2.53
CA LEU A 50 11.47 -26.73 2.37
C LEU A 50 10.55 -26.82 1.16
N LYS A 51 10.24 -28.02 0.72
CA LYS A 51 9.27 -28.15 -0.35
C LYS A 51 7.89 -27.70 0.16
N TYR A 52 7.27 -26.75 -0.54
CA TYR A 52 6.04 -26.15 -0.05
C TYR A 52 4.90 -27.16 0.16
N PRO A 53 4.29 -27.15 1.35
CA PRO A 53 3.24 -28.13 1.62
C PRO A 53 2.09 -28.02 0.61
N ARG A 54 1.60 -29.16 0.16
CA ARG A 54 0.42 -29.22 -0.72
C ARG A 54 -0.84 -29.21 0.13
N LEU A 55 -1.77 -28.32 -0.20
CA LEU A 55 -3.03 -28.26 0.52
C LEU A 55 -4.07 -27.58 -0.37
N ASP A 56 -5.28 -28.13 -0.44
CA ASP A 56 -6.33 -27.53 -1.25
C ASP A 56 -6.88 -26.31 -0.50
N ARG A 57 -6.47 -25.13 -0.93
CA ARG A 57 -6.91 -23.91 -0.28
C ARG A 57 -7.99 -23.22 -1.12
N GLY A 58 -9.14 -23.02 -0.50
CA GLY A 58 -10.31 -22.48 -1.18
C GLY A 58 -10.03 -21.22 -1.98
N PHE A 59 -10.49 -21.20 -3.23
CA PHE A 59 -10.37 -20.04 -4.12
C PHE A 59 -8.95 -19.74 -4.61
N SER A 60 -8.05 -20.68 -4.35
CA SER A 60 -6.70 -20.60 -4.89
C SER A 60 -6.63 -21.56 -6.03
N GLY A 61 -6.99 -21.07 -7.22
CA GLY A 61 -7.10 -21.91 -8.41
C GLY A 61 -5.77 -22.51 -8.84
N ASN A 62 -5.82 -23.35 -9.86
CA ASN A 62 -4.70 -24.23 -10.17
C ASN A 62 -4.15 -24.01 -11.57
N LEU A 63 -3.20 -24.86 -11.96
CA LEU A 63 -2.52 -24.69 -13.24
C LEU A 63 -3.46 -25.04 -14.39
N PRO A 64 -3.30 -24.36 -15.51
CA PRO A 64 -4.12 -24.67 -16.69
C PRO A 64 -4.09 -26.17 -16.96
N GLU A 65 -5.28 -26.76 -17.13
CA GLU A 65 -5.42 -28.16 -17.51
C GLU A 65 -5.16 -29.09 -16.35
N SER A 66 -4.82 -28.52 -15.20
CA SER A 66 -4.46 -29.34 -14.06
C SER A 66 -5.70 -29.82 -13.33
N LEU A 67 -5.60 -31.02 -12.77
CA LEU A 67 -6.65 -31.55 -11.91
C LEU A 67 -6.27 -31.47 -10.43
N ASP A 68 -4.99 -31.22 -10.16
CA ASP A 68 -4.47 -31.16 -8.80
C ASP A 68 -4.80 -29.81 -8.20
N ARG A 69 -5.69 -29.81 -7.21
CA ARG A 69 -6.10 -28.57 -6.58
C ARG A 69 -5.22 -28.17 -5.40
N THR A 70 -4.30 -29.05 -5.01
CA THR A 70 -3.46 -28.80 -3.84
C THR A 70 -2.25 -27.97 -4.18
N PHE A 71 -2.02 -27.75 -5.48
CA PHE A 71 -0.94 -26.87 -5.93
C PHE A 71 -1.50 -25.60 -6.57
N SER A 72 -0.91 -24.45 -6.24
CA SER A 72 -1.46 -23.18 -6.66
C SER A 72 -0.43 -22.05 -6.72
N ARG A 73 -0.37 -21.37 -7.87
CA ARG A 73 0.49 -20.18 -7.99
C ARG A 73 0.02 -19.02 -7.09
N ASP A 74 -1.15 -19.20 -6.50
CA ASP A 74 -1.70 -18.19 -5.61
C ASP A 74 -1.21 -18.38 -4.18
N SER A 75 -0.70 -19.56 -3.84
CA SER A 75 -0.16 -19.80 -2.49
C SER A 75 1.35 -20.05 -2.46
N LEU A 76 1.90 -20.60 -3.54
CA LEU A 76 3.34 -20.85 -3.66
C LEU A 76 4.23 -19.63 -3.49
N PRO A 77 5.27 -19.74 -2.65
CA PRO A 77 6.27 -18.67 -2.59
C PRO A 77 7.11 -18.69 -3.87
N LYS A 78 7.25 -17.53 -4.52
CA LYS A 78 7.83 -17.49 -5.85
C LYS A 78 8.95 -16.45 -6.04
N GLU A 79 9.76 -16.64 -7.08
CA GLU A 79 10.84 -15.72 -7.42
C GLU A 79 10.32 -14.57 -8.28
N TYR A 80 9.05 -14.64 -8.66
CA TYR A 80 8.47 -13.70 -9.62
C TYR A 80 7.02 -14.11 -9.92
N SER A 81 6.27 -13.23 -10.58
CA SER A 81 4.85 -13.45 -10.82
C SER A 81 4.34 -12.46 -11.86
N SER A 82 3.21 -12.77 -12.47
CA SER A 82 2.59 -11.85 -13.41
C SER A 82 1.07 -11.90 -13.29
N ALA A 83 0.43 -10.83 -13.75
CA ALA A 83 -1.01 -10.87 -13.94
C ALA A 83 -1.30 -12.00 -14.94
N GLY A 84 -2.43 -12.68 -14.76
CA GLY A 84 -2.85 -13.69 -15.71
C GLY A 84 -2.43 -15.12 -15.41
N GLU A 85 -1.90 -15.37 -14.22
CA GLU A 85 -1.48 -16.74 -13.90
C GLU A 85 -2.20 -17.33 -12.68
N MET A 86 -3.39 -16.80 -12.38
CA MET A 86 -4.16 -17.27 -11.23
C MET A 86 -3.40 -16.96 -9.94
N ASP A 87 -2.75 -15.81 -9.93
CA ASP A 87 -2.12 -15.30 -8.72
C ASP A 87 -2.80 -13.96 -8.37
N PHE A 88 -3.10 -13.75 -7.09
CA PHE A 88 -3.81 -12.54 -6.68
C PHE A 88 -3.02 -11.65 -5.74
N HIS A 89 -1.74 -11.95 -5.58
CA HIS A 89 -0.85 -11.00 -4.94
C HIS A 89 -0.61 -9.87 -5.95
N THR A 90 0.03 -8.80 -5.54
CA THR A 90 0.41 -7.78 -6.52
C THR A 90 1.54 -8.33 -7.38
N PRO A 91 1.37 -8.28 -8.71
CA PRO A 91 2.28 -9.00 -9.59
C PRO A 91 3.60 -8.28 -9.84
N ALA A 92 4.67 -9.04 -10.04
CA ALA A 92 5.96 -8.41 -10.33
C ALA A 92 5.89 -7.76 -11.69
N THR A 93 5.12 -8.37 -12.59
CA THR A 93 5.04 -7.91 -13.97
C THR A 93 3.64 -8.04 -14.58
N ILE A 94 3.25 -7.01 -15.32
CA ILE A 94 1.97 -6.94 -16.00
C ILE A 94 2.29 -6.58 -17.45
N VAL A 95 1.84 -7.43 -18.38
CA VAL A 95 2.06 -7.17 -19.80
C VAL A 95 0.71 -6.94 -20.49
N ARG A 96 0.69 -6.01 -21.44
CA ARG A 96 -0.50 -5.74 -22.26
C ARG A 96 -0.27 -6.26 -23.68
N ASN A 97 -1.06 -7.24 -24.09
CA ASN A 97 -0.92 -7.87 -25.42
C ASN A 97 -1.79 -7.21 -26.50
N PRO A 98 -1.50 -7.49 -27.78
CA PRO A 98 -2.28 -6.91 -28.87
C PRO A 98 -3.78 -7.20 -28.77
N ASP A 99 -4.18 -8.33 -28.22
CA ASP A 99 -5.60 -8.65 -28.09
C ASP A 99 -6.29 -7.82 -26.99
N GLY A 100 -5.49 -6.97 -26.34
CA GLY A 100 -6.00 -6.08 -25.32
C GLY A 100 -5.94 -6.66 -23.92
N SER A 101 -5.57 -7.93 -23.81
CA SER A 101 -5.56 -8.60 -22.51
C SER A 101 -4.30 -8.28 -21.72
N ASN A 102 -4.29 -8.68 -20.45
CA ASN A 102 -3.08 -8.54 -19.63
C ASN A 102 -2.52 -9.90 -19.18
N ALA A 103 -2.67 -10.90 -20.06
CA ALA A 103 -2.24 -12.26 -19.78
C ALA A 103 -0.73 -12.47 -19.96
N LEU A 104 -0.10 -13.08 -18.96
CA LEU A 104 1.26 -13.56 -19.13
C LEU A 104 1.37 -14.80 -18.28
N PHE A 105 1.91 -15.88 -18.85
CA PHE A 105 2.09 -17.10 -18.08
C PHE A 105 3.51 -17.63 -18.25
N LEU A 106 4.38 -17.28 -17.30
CA LEU A 106 5.80 -17.60 -17.35
C LEU A 106 6.09 -18.98 -16.78
N ALA A 107 6.89 -19.74 -17.52
CA ALA A 107 7.30 -21.06 -17.07
C ALA A 107 8.79 -21.21 -17.34
N TYR A 108 9.47 -21.94 -16.45
CA TYR A 108 10.89 -22.18 -16.59
C TYR A 108 11.22 -22.65 -18.00
N LYS A 109 12.30 -22.11 -18.56
CA LYS A 109 12.80 -22.55 -19.86
C LYS A 109 14.23 -23.07 -19.76
N SER A 110 15.14 -22.24 -19.24
CA SER A 110 16.56 -22.58 -19.20
C SER A 110 17.32 -21.75 -18.19
N TYR A 111 18.55 -22.15 -17.87
CA TYR A 111 19.43 -21.34 -17.04
C TYR A 111 20.86 -21.30 -17.58
N LYS A 112 21.55 -20.19 -17.33
CA LYS A 112 22.99 -20.13 -17.55
C LYS A 112 23.73 -19.66 -16.31
N ILE A 113 25.01 -20.01 -16.22
CA ILE A 113 25.89 -19.54 -15.16
C ILE A 113 27.12 -18.85 -15.77
N GLU A 114 27.31 -17.58 -15.44
CA GLU A 114 28.47 -16.84 -15.95
C GLU A 114 29.36 -16.40 -14.80
N ASP A 115 30.64 -16.19 -15.08
CA ASP A 115 31.49 -15.54 -14.09
C ASP A 115 31.26 -14.04 -14.12
N GLY A 116 31.49 -13.36 -13.00
CA GLY A 116 31.32 -11.92 -12.94
C GLY A 116 29.84 -11.60 -13.02
N LYS A 117 29.52 -10.43 -13.57
CA LYS A 117 28.12 -10.05 -13.76
C LYS A 117 28.06 -9.11 -14.95
N PRO A 118 26.94 -9.15 -15.68
CA PRO A 118 26.82 -8.35 -16.91
C PRO A 118 26.59 -6.87 -16.60
N ASP A 119 27.17 -6.01 -17.43
CA ASP A 119 26.84 -4.60 -17.43
C ASP A 119 25.38 -4.46 -17.82
N LEU A 120 24.69 -3.49 -17.23
CA LEU A 120 23.31 -3.22 -17.57
C LEU A 120 23.26 -2.04 -18.53
N LYS A 121 22.61 -2.22 -19.68
CA LYS A 121 22.63 -1.17 -20.70
C LYS A 121 21.90 0.10 -20.25
N GLY A 122 22.60 1.22 -20.30
CA GLY A 122 22.00 2.51 -20.02
C GLY A 122 21.81 2.80 -18.54
N LEU A 123 22.24 1.87 -17.70
CA LEU A 123 21.93 1.92 -16.28
C LEU A 123 23.17 1.85 -15.39
N PRO A 124 23.11 2.45 -14.20
CA PRO A 124 24.15 2.23 -13.19
C PRO A 124 24.03 0.80 -12.63
N HIS A 125 25.12 0.26 -12.08
CA HIS A 125 25.11 -1.12 -11.60
C HIS A 125 26.40 -1.49 -10.86
N SER A 126 26.31 -2.52 -10.03
CA SER A 126 27.50 -3.05 -9.37
C SER A 126 28.28 -3.85 -10.39
N TRP A 127 29.57 -4.00 -10.14
CA TRP A 127 30.49 -4.63 -11.08
C TRP A 127 31.59 -5.37 -10.34
N THR A 128 32.55 -5.89 -11.09
CA THR A 128 33.67 -6.61 -10.49
C THR A 128 35.01 -6.13 -11.06
N LYS A 129 36.07 -6.27 -10.27
CA LYS A 129 37.42 -6.00 -10.77
C LYS A 129 38.00 -7.28 -11.36
N GLU A 130 37.79 -8.38 -10.67
CA GLU A 130 38.23 -9.68 -11.15
C GLU A 130 36.99 -10.54 -11.32
N ASP A 131 36.90 -11.23 -12.45
CA ASP A 131 35.78 -12.13 -12.69
C ASP A 131 35.57 -13.09 -11.54
N ASP A 132 36.67 -13.58 -10.98
CA ASP A 132 36.62 -14.59 -9.94
C ASP A 132 35.94 -14.12 -8.64
N GLU A 133 35.54 -12.86 -8.59
CA GLU A 133 34.95 -12.36 -7.35
C GLU A 133 33.42 -12.44 -7.32
N ALA A 134 32.82 -12.94 -8.40
CA ALA A 134 31.37 -13.10 -8.49
C ALA A 134 30.91 -14.14 -9.53
N GLN A 135 29.71 -14.68 -9.31
CA GLN A 135 29.05 -15.50 -10.32
C GLN A 135 27.62 -15.03 -10.48
N THR A 136 27.13 -15.06 -11.71
CA THR A 136 25.76 -14.69 -12.00
C THR A 136 25.02 -15.93 -12.50
N LEU A 137 23.87 -16.20 -11.88
CA LEU A 137 22.96 -17.20 -12.40
C LEU A 137 21.90 -16.44 -13.16
N ILE A 138 21.57 -16.90 -14.35
CA ILE A 138 20.48 -16.27 -15.10
C ILE A 138 19.45 -17.32 -15.47
N VAL A 139 18.26 -17.19 -14.87
CA VAL A 139 17.16 -18.09 -15.15
C VAL A 139 16.21 -17.45 -16.15
N THR A 140 15.92 -18.18 -17.24
CA THR A 140 15.01 -17.71 -18.27
C THR A 140 13.62 -18.37 -18.14
N LEU A 141 12.58 -17.54 -18.18
CA LEU A 141 11.20 -18.01 -18.17
C LEU A 141 10.53 -17.51 -19.44
N GLU A 142 9.54 -18.24 -19.94
CA GLU A 142 8.92 -17.87 -21.21
C GLU A 142 7.40 -18.03 -21.17
N ASP A 143 6.69 -17.13 -21.85
CA ASP A 143 5.30 -17.37 -22.16
C ASP A 143 5.31 -17.95 -23.57
N LYS A 144 4.84 -19.19 -23.71
CA LYS A 144 4.86 -19.91 -24.98
C LYS A 144 3.97 -19.24 -26.01
N VAL A 145 2.91 -18.59 -25.55
CA VAL A 145 1.95 -17.98 -26.46
C VAL A 145 2.42 -16.61 -26.96
N SER A 146 2.74 -15.72 -26.04
CA SER A 146 3.20 -14.39 -26.44
C SER A 146 4.66 -14.39 -26.89
N LYS A 147 5.35 -15.48 -26.60
CA LYS A 147 6.78 -15.60 -26.96
C LYS A 147 7.66 -14.54 -26.32
N LEU A 148 7.31 -14.09 -25.12
CA LEU A 148 8.17 -13.21 -24.36
C LEU A 148 9.08 -14.04 -23.46
N GLU A 149 10.35 -13.63 -23.37
CA GLU A 149 11.28 -14.29 -22.45
C GLU A 149 11.76 -13.35 -21.34
N TYR A 150 11.63 -13.81 -20.10
CA TYR A 150 12.09 -13.08 -18.94
C TYR A 150 13.36 -13.70 -18.40
N ASP A 151 14.43 -12.92 -18.39
CA ASP A 151 15.68 -13.37 -17.79
C ASP A 151 15.80 -12.78 -16.41
N LEU A 152 15.85 -13.63 -15.39
CA LEU A 152 16.09 -13.19 -14.03
C LEU A 152 17.56 -13.38 -13.66
N LEU A 153 18.28 -12.29 -13.43
CA LEU A 153 19.70 -12.35 -13.04
C LEU A 153 19.92 -12.37 -11.52
N TYR A 154 20.78 -13.27 -11.05
CA TYR A 154 21.19 -13.34 -9.65
C TYR A 154 22.70 -13.34 -9.59
N THR A 155 23.26 -12.33 -8.94
CA THR A 155 24.69 -12.29 -8.79
C THR A 155 25.06 -12.46 -7.32
N ILE A 156 26.03 -13.32 -7.06
CA ILE A 156 26.54 -13.46 -5.71
C ILE A 156 28.02 -13.18 -5.73
N TYR A 157 28.47 -12.35 -4.79
CA TYR A 157 29.89 -12.07 -4.64
C TYR A 157 30.51 -13.11 -3.71
N ARG A 158 31.76 -13.45 -3.96
CA ARG A 158 32.44 -14.45 -3.15
C ARG A 158 32.54 -14.02 -1.69
N ASP A 159 32.84 -12.74 -1.46
CA ASP A 159 33.15 -12.27 -0.12
C ASP A 159 32.12 -11.33 0.52
N ARG A 160 30.88 -11.36 0.07
CA ARG A 160 29.91 -10.41 0.58
C ARG A 160 28.59 -11.10 0.87
N PRO A 161 27.88 -10.63 1.90
CA PRO A 161 26.55 -11.17 2.23
C PRO A 161 25.48 -10.60 1.30
N VAL A 162 25.74 -10.58 0.01
CA VAL A 162 24.92 -9.86 -0.96
C VAL A 162 24.43 -10.74 -2.10
N ILE A 163 23.21 -10.50 -2.56
CA ILE A 163 22.73 -11.07 -3.81
C ILE A 163 22.17 -9.91 -4.59
N VAL A 164 22.51 -9.83 -5.87
CA VAL A 164 22.01 -8.74 -6.69
C VAL A 164 21.10 -9.30 -7.76
N ARG A 165 19.89 -8.77 -7.84
CA ARG A 165 18.91 -9.23 -8.81
C ARG A 165 18.43 -8.14 -9.75
N SER A 166 18.14 -8.53 -11.00
CA SER A 166 17.58 -7.63 -12.01
C SER A 166 16.83 -8.45 -13.06
N VAL A 167 16.06 -7.78 -13.91
CA VAL A 167 15.32 -8.49 -14.94
C VAL A 167 15.57 -7.94 -16.34
N GLN A 168 15.66 -8.83 -17.32
CA GLN A 168 15.72 -8.45 -18.72
C GLN A 168 14.61 -9.13 -19.52
N VAL A 169 13.79 -8.33 -20.19
CA VAL A 169 12.67 -8.87 -20.95
C VAL A 169 13.01 -8.89 -22.43
N HIS A 170 12.74 -10.01 -23.09
CA HIS A 170 12.98 -10.13 -24.53
C HIS A 170 11.68 -10.45 -25.25
N ASN A 171 11.38 -9.72 -26.33
CA ASN A 171 10.23 -10.04 -27.14
C ASN A 171 10.63 -10.91 -28.34
N HIS A 172 10.37 -12.20 -28.26
CA HIS A 172 10.77 -13.10 -29.33
C HIS A 172 9.61 -13.38 -30.28
N GLY A 173 8.58 -12.55 -30.20
CA GLY A 173 7.39 -12.76 -31.02
C GLY A 173 7.31 -11.91 -32.28
N GLU A 174 6.14 -12.01 -32.92
CA GLU A 174 5.85 -11.32 -34.17
C GLU A 174 5.36 -9.91 -33.94
N GLU A 175 4.65 -9.69 -32.84
CA GLU A 175 4.05 -8.39 -32.62
C GLU A 175 4.59 -7.69 -31.39
N ALA A 176 4.42 -6.37 -31.37
CA ALA A 176 4.81 -5.59 -30.21
C ALA A 176 3.95 -5.96 -29.00
N VAL A 177 4.48 -5.69 -27.81
CA VAL A 177 3.76 -5.94 -26.58
C VAL A 177 4.09 -4.74 -25.69
N TYR A 178 3.26 -4.43 -24.70
CA TYR A 178 3.61 -3.35 -23.75
C TYR A 178 3.91 -3.90 -22.38
N LEU A 179 5.00 -3.42 -21.77
CA LEU A 179 5.29 -3.77 -20.38
C LEU A 179 4.68 -2.70 -19.47
N GLU A 180 3.61 -3.05 -18.76
CA GLU A 180 2.90 -2.08 -17.92
C GLU A 180 3.50 -2.06 -16.52
N LYS A 181 4.38 -3.02 -16.25
CA LYS A 181 5.10 -3.08 -15.00
C LYS A 181 6.16 -4.15 -15.08
N VAL A 182 7.38 -3.83 -14.69
CA VAL A 182 8.36 -4.90 -14.57
C VAL A 182 9.34 -4.70 -13.41
N ALA A 183 9.10 -5.47 -12.34
CA ALA A 183 9.85 -5.40 -11.10
C ALA A 183 11.24 -5.99 -11.25
N SER A 184 12.20 -5.41 -10.55
CA SER A 184 13.57 -5.94 -10.54
C SER A 184 13.70 -7.25 -9.77
N MET A 185 12.85 -7.44 -8.76
CA MET A 185 12.86 -8.69 -8.00
C MET A 185 11.57 -8.91 -7.22
N GLN A 186 11.29 -10.17 -6.94
CA GLN A 186 10.21 -10.54 -6.04
C GLN A 186 10.75 -11.58 -5.08
N MET A 187 10.37 -11.47 -3.81
CA MET A 187 10.79 -12.41 -2.78
C MET A 187 9.61 -12.75 -1.84
N ASP A 188 9.40 -14.05 -1.63
CA ASP A 188 8.26 -14.52 -0.84
C ASP A 188 8.73 -15.33 0.38
N TYR A 189 8.34 -14.90 1.58
CA TYR A 189 8.71 -15.60 2.80
C TYR A 189 7.56 -16.40 3.36
N VAL A 190 7.89 -17.54 3.98
CA VAL A 190 6.89 -18.30 4.73
C VAL A 190 7.24 -18.31 6.22
N ASP A 191 6.23 -18.11 7.05
CA ASP A 191 6.39 -18.14 8.50
C ASP A 191 7.49 -17.19 8.98
N LYS A 192 7.39 -15.93 8.58
CA LYS A 192 8.28 -14.88 9.06
C LYS A 192 7.45 -13.75 9.65
N ASP A 193 7.80 -13.33 10.87
CA ASP A 193 7.14 -12.18 11.47
C ASP A 193 8.10 -10.99 11.45
N PHE A 194 8.07 -10.28 10.34
CA PHE A 194 8.95 -9.15 10.12
C PHE A 194 8.33 -7.84 10.59
N GLU A 195 9.18 -6.89 10.89
CA GLU A 195 8.78 -5.50 10.88
C GLU A 195 9.49 -4.93 9.65
N VAL A 196 9.01 -3.81 9.13
CA VAL A 196 9.65 -3.19 7.97
C VAL A 196 10.15 -1.79 8.29
N ILE A 197 11.38 -1.55 7.85
CA ILE A 197 12.03 -0.29 8.06
C ILE A 197 12.18 0.39 6.71
N THR A 198 11.79 1.66 6.65
CA THR A 198 11.99 2.48 5.47
C THR A 198 12.50 3.83 5.90
N LEU A 199 12.80 4.67 4.92
CA LEU A 199 13.33 5.99 5.18
C LEU A 199 12.47 7.07 4.53
N PRO A 200 11.34 7.38 5.18
CA PRO A 200 10.47 8.45 4.69
C PRO A 200 11.06 9.79 5.08
N GLY A 201 10.51 10.86 4.52
CA GLY A 201 10.94 12.20 4.84
C GLY A 201 10.26 13.25 3.98
N ALA A 202 10.87 14.42 3.94
CA ALA A 202 10.40 15.53 3.12
C ALA A 202 11.61 16.39 2.77
N HIS A 203 11.40 17.43 1.98
CA HIS A 203 12.47 18.37 1.72
C HIS A 203 12.90 18.95 3.08
N ALA A 204 14.22 19.06 3.27
CA ALA A 204 14.80 19.59 4.51
C ALA A 204 14.43 18.70 5.69
N ASN A 205 14.24 17.41 5.41
CA ASN A 205 13.77 16.48 6.41
C ASN A 205 13.79 15.05 5.89
N GLU A 206 14.89 14.70 5.23
CA GLU A 206 15.01 13.43 4.51
C GLU A 206 15.32 12.26 5.44
N ARG A 207 14.82 11.09 5.05
CA ARG A 207 15.32 9.83 5.60
C ARG A 207 15.37 9.69 7.14
N ARG A 208 14.24 9.91 7.82
CA ARG A 208 14.09 9.45 9.19
C ARG A 208 13.85 7.94 9.15
N VAL A 209 14.39 7.20 10.11
CA VAL A 209 14.13 5.77 10.18
C VAL A 209 12.67 5.60 10.59
N GLN A 210 11.99 4.66 9.95
CA GLN A 210 10.62 4.35 10.31
C GLN A 210 10.50 2.84 10.36
N ARG A 211 9.73 2.34 11.32
CA ARG A 211 9.70 0.92 11.57
C ARG A 211 8.28 0.54 11.91
N GLU A 212 7.70 -0.36 11.11
CA GLU A 212 6.29 -0.68 11.26
C GLU A 212 6.04 -2.18 11.36
N ASN A 213 4.91 -2.54 11.95
CA ASN A 213 4.39 -3.88 11.77
C ASN A 213 3.88 -4.08 10.35
N ILE A 214 3.85 -5.33 9.92
CA ILE A 214 3.33 -5.69 8.62
C ILE A 214 1.99 -6.42 8.78
N GLY A 215 0.89 -5.78 8.37
CA GLY A 215 -0.42 -6.35 8.53
C GLY A 215 -0.88 -7.00 7.24
N GLN A 216 -2.03 -7.68 7.26
CA GLN A 216 -2.50 -8.24 6.00
C GLN A 216 -2.88 -7.10 5.09
N GLY A 217 -2.49 -7.22 3.82
CA GLY A 217 -2.66 -6.13 2.87
C GLY A 217 -1.33 -5.74 2.25
N ILE A 218 -1.34 -4.62 1.51
CA ILE A 218 -0.14 -4.17 0.81
C ILE A 218 0.36 -2.83 1.34
N LYS A 219 1.60 -2.82 1.82
CA LYS A 219 2.24 -1.57 2.20
C LYS A 219 3.11 -1.11 1.03
N VAL A 220 2.90 0.14 0.60
CA VAL A 220 3.61 0.67 -0.57
C VAL A 220 4.50 1.89 -0.25
N PHE A 221 5.79 1.76 -0.55
CA PHE A 221 6.74 2.86 -0.43
C PHE A 221 7.23 3.21 -1.85
N SER A 222 7.00 4.44 -2.28
CA SER A 222 7.20 4.76 -3.68
C SER A 222 7.40 6.23 -4.02
N SER A 223 7.66 6.49 -5.30
CA SER A 223 7.78 7.85 -5.80
C SER A 223 7.23 8.02 -7.24
N TYR A 224 6.42 9.07 -7.46
CA TYR A 224 5.97 9.46 -8.81
C TYR A 224 6.67 10.74 -9.27
N ARG A 225 7.66 11.19 -8.52
CA ARG A 225 8.21 12.52 -8.76
C ARG A 225 9.23 12.58 -9.88
N GLY A 226 9.57 11.42 -10.47
CA GLY A 226 10.52 11.37 -11.57
C GLY A 226 11.94 11.32 -11.03
N THR A 227 12.02 11.34 -9.70
CA THR A 227 13.28 11.24 -8.98
C THR A 227 13.08 10.21 -7.91
N SER A 228 14.16 9.73 -7.33
CA SER A 228 14.05 8.79 -6.22
C SER A 228 13.39 9.45 -5.00
N SER A 229 13.61 10.76 -4.83
CA SER A 229 12.77 11.59 -3.94
C SER A 229 13.23 11.83 -2.50
N HIS A 230 12.78 12.96 -1.94
CA HIS A 230 12.99 13.30 -0.54
C HIS A 230 12.05 12.50 0.35
N GLN A 231 10.92 12.10 -0.23
CA GLN A 231 9.77 11.68 0.57
C GLN A 231 9.85 10.21 0.90
N MET A 232 10.54 9.46 0.07
CA MET A 232 10.69 8.03 0.31
C MET A 232 11.92 7.54 -0.44
N ASN A 233 12.95 7.18 0.30
CA ASN A 233 14.19 6.68 -0.29
C ASN A 233 13.95 5.29 -0.88
N PRO A 234 14.62 4.97 -2.00
CA PRO A 234 14.41 3.63 -2.58
C PRO A 234 15.18 2.54 -1.82
N PHE A 235 14.74 2.29 -0.59
CA PHE A 235 15.35 1.28 0.23
C PHE A 235 14.32 0.76 1.21
N MET A 236 14.48 -0.48 1.63
CA MET A 236 13.56 -1.08 2.58
C MET A 236 14.31 -2.19 3.27
N ALA A 237 14.05 -2.39 4.56
CA ALA A 237 14.63 -3.49 5.29
C ALA A 237 13.57 -4.28 6.04
N LEU A 238 13.73 -5.60 6.06
CA LEU A 238 12.86 -6.48 6.81
C LEU A 238 13.66 -7.04 7.97
N VAL A 239 13.14 -6.87 9.19
CA VAL A 239 13.83 -7.35 10.37
C VAL A 239 12.90 -8.09 11.32
N ASP A 240 13.51 -8.93 12.15
CA ASP A 240 12.81 -9.54 13.28
C ASP A 240 12.37 -8.46 14.21
N HIS A 241 11.32 -8.73 14.98
CA HIS A 241 10.85 -7.79 15.98
C HIS A 241 11.95 -7.39 16.97
N ASP A 242 12.92 -8.28 17.20
CA ASP A 242 13.97 -8.06 18.20
C ASP A 242 15.30 -7.54 17.64
N THR A 243 15.38 -7.40 16.31
CA THR A 243 16.60 -6.92 15.66
C THR A 243 16.90 -5.48 16.02
N ASN A 244 18.17 -5.19 16.32
CA ASN A 244 18.56 -3.79 16.54
C ASN A 244 19.84 -3.43 15.81
N GLU A 245 20.59 -2.44 16.33
CA GLU A 245 21.80 -2.01 15.64
C GLU A 245 22.91 -3.04 15.75
N PHE A 246 22.81 -3.95 16.72
CA PHE A 246 23.93 -4.84 17.03
C PHE A 246 23.59 -6.34 16.96
N MET A 247 22.31 -6.68 16.88
CA MET A 247 21.90 -8.08 16.96
C MET A 247 20.64 -8.35 16.14
N GLY A 248 20.47 -9.59 15.70
CA GLY A 248 19.25 -9.98 14.99
C GLY A 248 19.35 -9.92 13.47
N GLU A 249 18.46 -10.62 12.79
CA GLU A 249 18.55 -10.69 11.34
C GLU A 249 17.86 -9.51 10.65
N ALA A 250 18.40 -9.13 9.50
CA ALA A 250 17.90 -7.99 8.76
C ALA A 250 18.08 -8.31 7.30
N TYR A 251 17.06 -8.02 6.51
CA TYR A 251 17.20 -8.07 5.06
C TYR A 251 17.12 -6.65 4.53
N GLY A 252 18.16 -6.24 3.80
CA GLY A 252 18.17 -4.92 3.20
C GLY A 252 17.97 -5.01 1.70
N PHE A 253 17.19 -4.07 1.16
CA PHE A 253 16.92 -4.02 -0.27
C PHE A 253 17.16 -2.60 -0.72
N ALA A 254 18.09 -2.43 -1.65
CA ALA A 254 18.38 -1.10 -2.21
C ALA A 254 18.26 -1.11 -3.73
N LEU A 255 17.33 -0.31 -4.27
CA LEU A 255 17.15 -0.23 -5.71
C LEU A 255 18.16 0.73 -6.35
N ALA A 256 18.92 0.25 -7.31
CA ALA A 256 19.91 1.08 -7.99
C ALA A 256 19.24 1.88 -9.10
N TYR A 257 18.45 2.87 -8.71
CA TYR A 257 17.64 3.62 -9.66
C TYR A 257 17.27 4.98 -9.06
N SER A 258 17.24 6.01 -9.90
CA SER A 258 17.13 7.40 -9.44
C SER A 258 15.87 8.05 -9.93
N GLY A 259 14.96 7.24 -10.46
CA GLY A 259 13.67 7.72 -10.88
C GLY A 259 12.58 7.15 -10.00
N ASN A 260 11.39 6.97 -10.58
CA ASN A 260 10.25 6.44 -9.86
C ASN A 260 10.47 5.01 -9.38
N HIS A 261 10.36 4.80 -8.07
CA HIS A 261 10.48 3.45 -7.53
C HIS A 261 9.20 2.97 -6.86
N LYS A 262 9.05 1.67 -6.74
CA LYS A 262 7.93 1.10 -6.00
C LYS A 262 8.36 -0.13 -5.21
N PHE A 263 8.27 0.01 -3.89
CA PHE A 263 8.50 -1.09 -2.95
C PHE A 263 7.14 -1.51 -2.42
N GLU A 264 6.82 -2.79 -2.63
CA GLU A 264 5.56 -3.35 -2.17
C GLU A 264 5.83 -4.47 -1.16
N VAL A 265 5.14 -4.41 -0.03
CA VAL A 265 5.30 -5.39 1.02
C VAL A 265 3.93 -5.87 1.42
N GLU A 266 3.66 -7.13 1.13
CA GLU A 266 2.33 -7.70 1.31
C GLU A 266 2.36 -8.91 2.25
N ARG A 267 1.58 -8.87 3.33
CA ARG A 267 1.25 -10.09 4.04
C ARG A 267 -0.10 -10.56 3.48
N ASP A 268 -0.18 -11.84 3.14
CA ASP A 268 -1.38 -12.36 2.49
C ASP A 268 -2.27 -13.18 3.41
N GLN A 269 -3.31 -13.77 2.83
CA GLN A 269 -4.31 -14.53 3.59
C GLN A 269 -3.74 -15.75 4.33
N PHE A 270 -2.51 -16.15 4.02
CA PHE A 270 -1.93 -17.35 4.61
C PHE A 270 -0.75 -17.04 5.52
N GLY A 271 -0.59 -15.75 5.87
CA GLY A 271 0.49 -15.30 6.73
C GLY A 271 1.81 -15.10 6.02
N GLN A 272 1.81 -15.26 4.71
CA GLN A 272 3.07 -15.21 3.96
C GLN A 272 3.38 -13.78 3.54
N ILE A 273 4.67 -13.46 3.45
CA ILE A 273 5.08 -12.09 3.14
C ILE A 273 5.71 -12.04 1.78
N HIS A 274 5.19 -11.14 0.94
CA HIS A 274 5.49 -11.09 -0.48
C HIS A 274 6.01 -9.71 -0.84
N VAL A 275 7.19 -9.66 -1.47
CA VAL A 275 7.92 -8.40 -1.68
C VAL A 275 8.29 -8.19 -3.14
N ASN A 276 7.84 -7.07 -3.72
CA ASN A 276 8.29 -6.63 -5.05
C ASN A 276 9.07 -5.33 -4.96
N THR A 277 10.04 -5.15 -5.84
CA THR A 277 10.73 -3.87 -5.96
C THR A 277 11.11 -3.61 -7.40
N GLY A 278 10.97 -2.37 -7.84
CA GLY A 278 11.39 -2.00 -9.18
C GLY A 278 10.92 -0.62 -9.57
N ILE A 279 11.11 -0.29 -10.85
CA ILE A 279 10.57 0.93 -11.41
C ILE A 279 9.09 0.99 -11.05
N ASN A 280 8.64 2.16 -10.59
CA ASN A 280 7.25 2.34 -10.28
C ASN A 280 6.42 2.18 -11.53
N ASP A 281 5.28 1.49 -11.41
CA ASP A 281 4.44 1.18 -12.56
C ASP A 281 3.44 2.27 -12.89
N TYR A 282 3.41 3.32 -12.07
CA TYR A 282 2.58 4.49 -12.32
C TYR A 282 2.97 5.21 -13.63
N ASN A 283 2.00 5.34 -14.54
CA ASN A 283 2.25 5.87 -15.88
C ASN A 283 3.49 5.24 -16.53
N PHE A 284 3.67 3.95 -16.30
CA PHE A 284 4.73 3.21 -16.95
C PHE A 284 4.11 2.23 -17.92
N LYS A 285 4.50 2.33 -19.19
CA LYS A 285 4.00 1.44 -20.22
C LYS A 285 4.97 1.44 -21.38
N TRP A 286 5.84 0.43 -21.43
CA TRP A 286 6.97 0.41 -22.36
C TRP A 286 6.68 -0.46 -23.58
N LYS A 287 6.75 0.13 -24.77
CA LYS A 287 6.51 -0.62 -25.99
C LYS A 287 7.72 -1.46 -26.37
N LEU A 288 7.60 -2.77 -26.20
CA LEU A 288 8.66 -3.69 -26.55
C LEU A 288 8.34 -4.33 -27.89
N ASN A 289 9.02 -3.85 -28.93
CA ASN A 289 8.80 -4.38 -30.27
C ASN A 289 9.47 -5.73 -30.43
N PRO A 290 9.09 -6.45 -31.48
CA PRO A 290 9.75 -7.71 -31.79
C PRO A 290 11.26 -7.55 -31.75
N ASN A 291 11.94 -8.51 -31.14
CA ASN A 291 13.40 -8.53 -31.16
C ASN A 291 14.08 -7.47 -30.28
N GLU A 292 13.30 -6.76 -29.49
CA GLU A 292 13.90 -5.81 -28.56
C GLU A 292 13.98 -6.38 -27.16
N GLU A 293 14.65 -5.66 -26.28
CA GLU A 293 14.78 -6.10 -24.92
C GLU A 293 14.57 -4.91 -23.99
N PHE A 294 14.24 -5.21 -22.74
CA PHE A 294 14.10 -4.18 -21.74
C PHE A 294 14.84 -4.56 -20.47
N GLN A 295 15.78 -3.72 -20.05
CA GLN A 295 16.57 -4.00 -18.83
C GLN A 295 16.10 -3.15 -17.65
N THR A 296 15.81 -3.80 -16.52
CA THR A 296 15.44 -3.11 -15.29
C THR A 296 16.68 -2.69 -14.52
N PRO A 297 16.54 -1.65 -13.67
CA PRO A 297 17.62 -1.43 -12.72
C PRO A 297 17.76 -2.66 -11.83
N GLU A 298 18.92 -2.84 -11.19
CA GLU A 298 19.09 -3.97 -10.28
C GLU A 298 18.82 -3.56 -8.84
N VAL A 299 18.64 -4.53 -7.97
CA VAL A 299 18.45 -4.25 -6.56
C VAL A 299 19.50 -4.99 -5.71
N LEU A 300 20.11 -4.27 -4.78
CA LEU A 300 21.12 -4.86 -3.90
C LEU A 300 20.46 -5.48 -2.69
N MET A 301 20.60 -6.79 -2.54
CA MET A 301 20.04 -7.47 -1.38
C MET A 301 21.10 -7.93 -0.38
N VAL A 302 20.96 -7.47 0.85
CA VAL A 302 21.94 -7.76 1.88
C VAL A 302 21.31 -8.52 3.03
N TYR A 303 22.01 -9.54 3.50
CA TYR A 303 21.56 -10.30 4.65
C TYR A 303 22.53 -10.12 5.81
N SER A 304 22.00 -9.68 6.94
CA SER A 304 22.79 -9.60 8.15
C SER A 304 22.23 -10.55 9.19
N ASP A 305 23.13 -11.33 9.80
CA ASP A 305 22.74 -12.16 10.95
C ASP A 305 22.99 -11.45 12.28
N GLN A 306 23.64 -10.29 12.27
CA GLN A 306 23.93 -9.62 13.54
C GLN A 306 23.72 -8.10 13.55
N GLY A 307 22.47 -7.68 13.36
CA GLY A 307 22.10 -6.29 13.54
C GLY A 307 22.15 -5.41 12.31
N LEU A 308 21.66 -4.18 12.48
CA LEU A 308 21.60 -3.21 11.41
C LEU A 308 22.98 -2.64 11.00
N ASN A 309 23.85 -2.38 11.97
CA ASN A 309 25.19 -1.91 11.67
C ASN A 309 25.88 -2.80 10.65
N LYS A 310 25.89 -4.10 10.92
CA LYS A 310 26.49 -5.06 10.00
C LYS A 310 25.85 -4.99 8.61
N MET A 311 24.52 -4.95 8.58
CA MET A 311 23.81 -4.74 7.34
C MET A 311 24.32 -3.47 6.63
N SER A 312 24.18 -2.33 7.28
CA SER A 312 24.62 -1.08 6.67
C SER A 312 26.06 -1.21 6.18
N GLN A 313 26.88 -1.89 6.98
CA GLN A 313 28.30 -2.02 6.63
C GLN A 313 28.54 -2.77 5.31
N ALA A 314 27.70 -3.75 4.99
CA ALA A 314 27.80 -4.47 3.73
C ALA A 314 27.33 -3.61 2.53
N PHE A 315 26.30 -2.80 2.72
CA PHE A 315 25.94 -1.77 1.73
C PHE A 315 27.11 -0.79 1.53
N HIS A 316 27.62 -0.23 2.63
CA HIS A 316 28.72 0.71 2.57
C HIS A 316 29.91 0.17 1.75
N SER A 317 30.26 -1.09 2.01
CA SER A 317 31.39 -1.68 1.36
C SER A 317 31.12 -1.87 -0.13
N LEU A 318 29.97 -2.46 -0.45
CA LEU A 318 29.64 -2.77 -1.83
C LEU A 318 29.53 -1.50 -2.69
N ILE A 319 28.81 -0.51 -2.17
CA ILE A 319 28.66 0.77 -2.85
C ILE A 319 30.01 1.42 -3.12
N HIS A 320 30.84 1.46 -2.09
CA HIS A 320 32.10 2.18 -2.16
C HIS A 320 33.13 1.49 -3.06
N GLU A 321 33.10 0.17 -3.10
CA GLU A 321 34.14 -0.60 -3.76
C GLU A 321 33.74 -1.15 -5.12
N ARG A 322 32.45 -1.41 -5.33
CA ARG A 322 32.03 -2.08 -6.57
C ARG A 322 30.86 -1.41 -7.27
N ILE A 323 30.61 -0.14 -6.95
CA ILE A 323 29.57 0.65 -7.60
C ILE A 323 30.11 2.01 -8.01
N MET A 324 30.56 2.79 -7.02
CA MET A 324 31.25 4.06 -7.28
C MET A 324 32.42 3.93 -8.26
N ARG A 325 32.42 4.74 -9.30
CA ARG A 325 33.50 4.69 -10.27
C ARG A 325 34.43 5.92 -10.21
N SER A 326 34.01 6.99 -9.53
CA SER A 326 34.84 8.18 -9.43
C SER A 326 36.24 7.83 -8.98
N LYS A 327 37.23 8.41 -9.65
CA LYS A 327 38.63 8.30 -9.24
C LYS A 327 38.85 8.94 -7.86
N PHE A 328 37.89 9.75 -7.40
CA PHE A 328 37.98 10.41 -6.11
C PHE A 328 37.42 9.60 -4.95
N LYS A 329 36.77 8.49 -5.26
CA LYS A 329 36.07 7.73 -4.23
C LYS A 329 36.94 7.30 -3.04
N ASP A 330 38.23 7.06 -3.29
CA ASP A 330 39.19 6.65 -2.27
C ASP A 330 40.10 7.80 -1.86
N GLN A 331 39.73 9.03 -2.21
CA GLN A 331 40.54 10.18 -1.86
C GLN A 331 39.86 11.02 -0.81
N ILE A 332 40.64 11.46 0.16
CA ILE A 332 40.17 12.41 1.13
C ILE A 332 39.47 13.59 0.46
N ARG A 333 38.25 13.86 0.90
CA ARG A 333 37.46 14.93 0.34
C ARG A 333 37.89 16.27 0.92
N PRO A 334 37.98 17.30 0.05
CA PRO A 334 38.39 18.64 0.47
C PRO A 334 37.42 19.29 1.47
N VAL A 335 37.98 20.04 2.43
CA VAL A 335 37.19 20.86 3.32
C VAL A 335 36.86 22.16 2.57
N LEU A 336 35.61 22.26 2.13
CA LEU A 336 35.21 23.30 1.19
C LEU A 336 34.37 24.39 1.84
N VAL A 337 34.34 25.57 1.23
CA VAL A 337 33.36 26.58 1.60
C VAL A 337 32.42 26.89 0.44
N ASN A 338 31.13 26.69 0.67
CA ASN A 338 30.11 27.00 -0.32
C ASN A 338 29.42 28.31 0.06
N ASN A 339 29.25 29.21 -0.91
CA ASN A 339 28.73 30.55 -0.61
C ASN A 339 27.20 30.72 -0.57
N TRP A 340 26.46 29.66 -0.91
CA TRP A 340 24.97 29.70 -0.97
C TRP A 340 24.24 30.33 0.25
N GLU A 341 24.34 29.70 1.42
CA GLU A 341 23.73 30.23 2.65
C GLU A 341 24.44 31.50 3.10
N ALA A 342 25.65 31.70 2.58
CA ALA A 342 26.44 32.88 2.94
C ALA A 342 25.93 34.15 2.27
N THR A 343 25.67 34.08 0.97
CA THR A 343 25.32 35.28 0.22
C THR A 343 24.08 35.11 -0.65
N TYR A 344 23.63 33.87 -0.80
CA TYR A 344 22.53 33.57 -1.72
C TYR A 344 22.87 34.16 -3.07
N PHE A 345 21.94 34.89 -3.68
CA PHE A 345 22.23 35.51 -4.98
C PHE A 345 22.95 36.85 -4.82
N ASP A 346 22.88 37.38 -3.60
CA ASP A 346 23.41 38.70 -3.30
C ASP A 346 24.93 38.64 -3.22
N PHE A 347 25.57 38.73 -4.38
CA PHE A 347 27.01 38.66 -4.44
C PHE A 347 27.48 39.03 -5.83
N ASN A 348 28.76 39.37 -5.91
CA ASN A 348 29.45 39.49 -7.18
C ASN A 348 30.88 39.01 -6.95
N GLU A 349 31.77 39.29 -7.89
CA GLU A 349 33.11 38.73 -7.82
C GLU A 349 33.89 39.16 -6.57
N ASP A 350 34.01 40.47 -6.36
CA ASP A 350 34.80 41.00 -5.26
C ASP A 350 34.33 40.49 -3.90
N LYS A 351 33.01 40.37 -3.75
CA LYS A 351 32.44 39.85 -2.52
C LYS A 351 32.96 38.44 -2.29
N LEU A 352 32.95 37.65 -3.36
CA LEU A 352 33.44 36.28 -3.30
C LEU A 352 34.94 36.21 -3.00
N LYS A 353 35.75 37.03 -3.67
CA LYS A 353 37.19 37.01 -3.45
C LYS A 353 37.53 37.17 -1.97
N THR A 354 36.80 38.06 -1.29
CA THR A 354 37.07 38.29 0.12
C THR A 354 36.77 37.03 0.90
N ILE A 355 35.79 36.27 0.45
CA ILE A 355 35.47 35.00 1.09
C ILE A 355 36.58 33.97 0.82
N VAL A 356 37.16 34.07 -0.37
CA VAL A 356 38.24 33.18 -0.76
C VAL A 356 39.45 33.43 0.14
N ASP A 357 39.73 34.70 0.39
CA ASP A 357 40.85 35.11 1.24
C ASP A 357 40.71 34.63 2.69
N LYS A 358 39.52 34.81 3.24
CA LYS A 358 39.20 34.30 4.56
C LYS A 358 39.33 32.77 4.58
N ALA A 359 38.90 32.12 3.50
CA ALA A 359 39.03 30.67 3.39
C ALA A 359 40.48 30.21 3.51
N LYS A 360 41.35 30.78 2.70
CA LYS A 360 42.76 30.43 2.74
C LYS A 360 43.29 30.53 4.16
N LYS A 361 43.07 31.67 4.80
CA LYS A 361 43.53 31.88 6.17
C LYS A 361 43.00 30.83 7.14
N LEU A 362 41.81 30.30 6.88
CA LEU A 362 41.18 29.36 7.81
C LEU A 362 41.61 27.92 7.57
N GLY A 363 42.33 27.68 6.48
CA GLY A 363 42.81 26.35 6.19
C GLY A 363 41.90 25.55 5.29
N LEU A 364 40.97 26.22 4.60
CA LEU A 364 40.03 25.51 3.74
C LEU A 364 40.67 25.17 2.41
N GLU A 365 40.18 24.12 1.76
CA GLU A 365 40.86 23.59 0.61
C GLU A 365 40.18 23.88 -0.71
N MET A 366 38.94 24.32 -0.65
CA MET A 366 38.16 24.52 -1.87
C MET A 366 37.09 25.59 -1.73
N PHE A 367 36.92 26.38 -2.79
CA PHE A 367 35.84 27.33 -2.86
C PHE A 367 34.87 26.88 -3.94
N VAL A 368 33.61 26.73 -3.57
CA VAL A 368 32.57 26.34 -4.51
C VAL A 368 31.65 27.53 -4.77
N LEU A 369 31.65 28.03 -6.00
CA LEU A 369 30.69 29.04 -6.42
C LEU A 369 29.34 28.39 -6.65
N ASP A 370 28.32 28.82 -5.91
CA ASP A 370 26.99 28.23 -6.00
C ASP A 370 26.08 28.98 -6.98
N ASP A 371 24.79 28.68 -6.96
CA ASP A 371 23.82 29.29 -7.85
C ASP A 371 24.01 30.81 -7.97
N GLY A 372 23.88 31.35 -9.18
CA GLY A 372 23.81 32.79 -9.39
C GLY A 372 24.87 33.39 -10.29
N TRP A 373 25.72 32.54 -10.87
CA TRP A 373 26.93 32.99 -11.57
C TRP A 373 26.71 33.07 -13.07
N PHE A 374 25.52 32.67 -13.52
CA PHE A 374 25.27 32.42 -14.95
C PHE A 374 24.08 33.21 -15.49
N GLY A 375 23.92 33.21 -16.83
CA GLY A 375 22.83 33.90 -17.50
C GLY A 375 22.63 35.32 -16.99
N HIS A 376 21.44 35.59 -16.45
CA HIS A 376 21.22 36.82 -15.69
C HIS A 376 20.52 36.46 -14.38
N ARG A 377 21.13 35.50 -13.69
CA ARG A 377 20.55 34.90 -12.51
C ARG A 377 20.72 35.80 -11.28
N ASP A 378 19.77 36.69 -11.07
CA ASP A 378 19.77 37.55 -9.89
C ASP A 378 18.88 36.98 -8.78
N ASP A 379 18.01 36.06 -9.15
CA ASP A 379 17.16 35.31 -8.22
C ASP A 379 16.72 34.03 -8.94
N ASP A 380 15.83 33.25 -8.33
CA ASP A 380 15.41 31.99 -8.95
C ASP A 380 14.20 32.14 -9.88
N ASN A 381 14.13 33.24 -10.62
CA ASN A 381 13.04 33.41 -11.57
C ASN A 381 13.48 33.47 -13.03
N SER A 382 14.73 33.14 -13.30
CA SER A 382 15.25 33.23 -14.66
C SER A 382 16.51 32.42 -14.91
N SER A 383 16.88 32.33 -16.18
CA SER A 383 18.23 31.98 -16.61
C SER A 383 18.56 30.49 -16.70
N LEU A 384 17.75 29.62 -16.12
CA LEU A 384 18.05 28.19 -16.20
C LEU A 384 18.03 27.72 -17.66
N GLY A 385 19.14 27.14 -18.11
CA GLY A 385 19.29 26.81 -19.51
C GLY A 385 20.38 27.65 -20.18
N ASP A 386 20.77 28.72 -19.51
CA ASP A 386 21.76 29.65 -20.03
C ASP A 386 23.10 29.49 -19.31
N TRP A 387 23.79 28.41 -19.62
CA TRP A 387 25.00 28.08 -18.90
C TRP A 387 26.25 28.76 -19.47
N LYS A 388 26.22 30.09 -19.43
CA LYS A 388 27.36 30.94 -19.76
C LYS A 388 27.50 32.00 -18.66
N VAL A 389 28.70 32.48 -18.42
CA VAL A 389 28.95 33.35 -17.27
C VAL A 389 28.16 34.64 -17.31
N TYR A 390 27.76 35.12 -16.14
CA TYR A 390 27.00 36.36 -16.00
C TYR A 390 27.98 37.54 -15.92
N LYS A 391 28.16 38.24 -17.03
CA LYS A 391 29.21 39.26 -17.16
C LYS A 391 29.22 40.27 -16.03
N LYS A 392 28.07 40.84 -15.75
CA LYS A 392 27.95 41.87 -14.71
C LYS A 392 28.61 41.45 -13.38
N LYS A 393 28.61 40.15 -13.11
CA LYS A 393 29.19 39.67 -11.86
C LYS A 393 30.67 39.28 -12.00
N PHE A 394 31.07 38.84 -13.20
CA PHE A 394 32.44 38.43 -13.45
C PHE A 394 32.94 39.11 -14.70
N PRO A 395 33.14 40.43 -14.62
CA PRO A 395 33.47 41.27 -15.76
C PRO A 395 34.65 40.73 -16.59
N ASN A 396 35.53 39.97 -15.95
CA ASN A 396 36.69 39.39 -16.66
C ASN A 396 36.53 37.91 -16.96
N GLY A 397 35.30 37.43 -16.85
CA GLY A 397 35.03 36.03 -17.13
C GLY A 397 35.26 35.17 -15.93
N LEU A 398 34.79 33.93 -16.02
CA LEU A 398 34.80 33.03 -14.90
C LEU A 398 36.22 32.50 -14.64
N GLY A 399 36.99 32.37 -15.70
CA GLY A 399 38.34 31.83 -15.59
C GLY A 399 39.27 32.73 -14.81
N HIS A 400 38.99 34.03 -14.87
CA HIS A 400 39.72 35.03 -14.10
C HIS A 400 39.58 34.71 -12.62
N PHE A 401 38.33 34.52 -12.19
CA PHE A 401 38.03 34.18 -10.82
C PHE A 401 38.61 32.81 -10.43
N ALA A 402 38.46 31.82 -11.32
CA ALA A 402 39.01 30.49 -11.02
C ALA A 402 40.52 30.56 -10.83
N ASP A 403 41.16 31.44 -11.59
CA ASP A 403 42.61 31.61 -11.51
C ASP A 403 42.97 32.19 -10.16
N TYR A 404 42.11 33.07 -9.66
CA TYR A 404 42.31 33.67 -8.35
C TYR A 404 42.21 32.66 -7.22
N VAL A 405 41.20 31.81 -7.26
CA VAL A 405 41.03 30.77 -6.25
C VAL A 405 42.26 29.87 -6.21
N HIS A 406 42.71 29.47 -7.39
CA HIS A 406 43.88 28.62 -7.49
C HIS A 406 45.16 29.30 -7.01
N GLU A 407 45.25 30.62 -7.19
CA GLU A 407 46.44 31.34 -6.76
C GLU A 407 46.49 31.45 -5.24
N GLN A 408 45.31 31.47 -4.60
CA GLN A 408 45.20 31.45 -3.15
C GLN A 408 45.48 30.07 -2.55
N GLY A 409 45.63 29.06 -3.41
CA GLY A 409 45.93 27.70 -2.97
C GLY A 409 44.71 26.80 -2.80
N LEU A 410 43.55 27.25 -3.29
CA LEU A 410 42.34 26.43 -3.19
C LEU A 410 41.91 25.80 -4.51
N LYS A 411 41.23 24.66 -4.42
CA LYS A 411 40.53 24.12 -5.58
C LYS A 411 39.26 24.95 -5.79
N PHE A 412 38.71 24.89 -6.99
CA PHE A 412 37.55 25.68 -7.34
C PHE A 412 36.39 24.80 -7.81
N GLY A 413 35.20 25.04 -7.26
CA GLY A 413 34.03 24.27 -7.62
C GLY A 413 32.94 25.13 -8.24
N LEU A 414 32.02 24.51 -8.95
CA LEU A 414 30.97 25.25 -9.66
C LEU A 414 29.64 24.49 -9.68
N TRP A 415 28.57 25.25 -9.51
CA TRP A 415 27.22 24.74 -9.44
C TRP A 415 26.53 24.77 -10.82
N PHE A 416 25.86 23.69 -11.17
CA PHE A 416 25.02 23.63 -12.36
C PHE A 416 23.68 23.02 -12.00
N GLU A 417 22.67 23.29 -12.82
CA GLU A 417 21.41 22.59 -12.71
C GLU A 417 20.96 22.22 -14.12
N PRO A 418 21.66 21.26 -14.73
CA PRO A 418 21.58 20.95 -16.17
C PRO A 418 20.21 20.50 -16.68
N GLU A 419 19.31 20.07 -15.79
CA GLU A 419 18.05 19.49 -16.22
C GLU A 419 16.91 20.48 -16.41
N MET A 420 17.16 21.74 -16.08
CA MET A 420 16.06 22.67 -15.86
C MET A 420 16.05 23.88 -16.80
N ILE A 421 14.87 24.47 -16.98
CA ILE A 421 14.72 25.63 -17.85
C ILE A 421 13.75 26.67 -17.27
N SER A 422 14.08 27.95 -17.41
CA SER A 422 13.14 29.02 -17.03
C SER A 422 12.41 29.59 -18.26
N TYR A 423 11.19 30.09 -18.08
CA TYR A 423 10.51 30.83 -19.15
C TYR A 423 11.39 32.01 -19.57
N GLU A 424 11.97 32.68 -18.59
CA GLU A 424 12.89 33.78 -18.85
C GLU A 424 14.31 33.29 -19.05
N SER A 425 14.56 32.73 -20.23
CA SER A 425 15.92 32.34 -20.63
C SER A 425 16.11 32.43 -22.14
N ASN A 426 17.36 32.64 -22.56
CA ASN A 426 17.64 32.52 -23.97
C ASN A 426 17.33 31.10 -24.47
N LEU A 427 17.58 30.10 -23.63
CA LEU A 427 17.32 28.72 -24.04
C LEU A 427 15.85 28.56 -24.41
N TYR A 428 14.96 29.07 -23.57
CA TYR A 428 13.55 28.92 -23.83
C TYR A 428 13.09 29.76 -25.02
N LYS A 429 13.76 30.87 -25.24
CA LYS A 429 13.42 31.71 -26.37
C LYS A 429 13.84 31.05 -27.67
N GLU A 430 14.92 30.28 -27.63
CA GLU A 430 15.45 29.65 -28.83
C GLU A 430 14.91 28.25 -29.10
N HIS A 431 14.52 27.55 -28.04
CA HIS A 431 14.01 26.19 -28.18
C HIS A 431 12.86 25.94 -27.21
N PRO A 432 11.78 26.70 -27.36
CA PRO A 432 10.68 26.56 -26.40
C PRO A 432 10.20 25.11 -26.24
N ASP A 433 10.29 24.34 -27.32
CA ASP A 433 9.85 22.95 -27.27
C ASP A 433 10.75 22.03 -26.44
N TYR A 434 11.85 22.56 -25.91
CA TYR A 434 12.72 21.74 -25.04
C TYR A 434 12.10 21.52 -23.67
N LEU A 435 11.01 22.25 -23.41
CA LEU A 435 10.37 22.31 -22.11
C LEU A 435 9.31 21.23 -21.98
N MET A 436 9.53 20.29 -21.07
CA MET A 436 8.58 19.19 -20.86
C MET A 436 7.21 19.70 -20.42
N HIS A 437 6.22 19.49 -21.28
CA HIS A 437 4.84 19.78 -20.94
C HIS A 437 3.99 19.00 -21.91
N VAL A 438 2.72 18.83 -21.58
CA VAL A 438 1.76 18.19 -22.47
C VAL A 438 1.23 19.28 -23.39
N PRO A 439 1.51 19.16 -24.69
CA PRO A 439 1.09 20.18 -25.66
C PRO A 439 -0.41 20.50 -25.51
N GLY A 440 -0.72 21.80 -25.44
CA GLY A 440 -2.09 22.25 -25.26
C GLY A 440 -2.44 22.59 -23.82
N ARG A 441 -1.56 22.22 -22.89
CA ARG A 441 -1.79 22.47 -21.46
C ARG A 441 -0.67 23.29 -20.82
N LYS A 442 -1.04 24.34 -20.10
CA LYS A 442 -0.04 25.11 -19.36
C LYS A 442 0.57 24.19 -18.30
N PRO A 443 1.91 24.07 -18.30
CA PRO A 443 2.60 23.18 -17.36
C PRO A 443 2.67 23.85 -15.99
N CYS A 444 2.72 23.05 -14.93
CA CYS A 444 2.79 23.54 -13.57
C CYS A 444 4.17 23.98 -13.16
N PRO A 445 4.30 25.21 -12.64
CA PRO A 445 5.61 25.67 -12.19
C PRO A 445 5.96 25.12 -10.83
N SER A 446 7.26 25.01 -10.55
CA SER A 446 7.74 24.69 -9.21
C SER A 446 9.07 25.43 -9.05
N ARG A 447 9.27 26.09 -7.91
CA ARG A 447 10.32 27.11 -7.79
C ARG A 447 10.39 27.95 -9.08
N ASN A 448 9.22 28.18 -9.67
CA ASN A 448 9.10 28.96 -10.89
C ASN A 448 10.02 28.53 -12.03
N GLN A 449 10.20 27.23 -12.21
CA GLN A 449 10.97 26.70 -13.33
C GLN A 449 10.31 25.45 -13.87
N TYR A 450 10.84 24.95 -14.98
CA TYR A 450 10.29 23.77 -15.63
C TYR A 450 11.38 22.76 -15.94
N VAL A 451 10.97 21.59 -16.39
CA VAL A 451 11.91 20.52 -16.64
C VAL A 451 12.19 20.38 -18.13
N LEU A 452 13.46 20.06 -18.47
CA LEU A 452 13.85 19.78 -19.84
C LEU A 452 13.44 18.38 -20.30
N GLU A 453 13.10 18.24 -21.58
CA GLU A 453 12.83 16.92 -22.13
C GLU A 453 14.11 16.12 -22.36
N LEU A 454 14.67 15.59 -21.28
CA LEU A 454 15.96 14.90 -21.32
C LEU A 454 15.92 13.55 -22.05
N GLY A 455 14.73 13.06 -22.34
CA GLY A 455 14.59 11.88 -23.16
C GLY A 455 15.07 12.10 -24.58
N ARG A 456 15.14 13.37 -24.99
CA ARG A 456 15.57 13.71 -26.36
C ARG A 456 17.06 14.01 -26.47
N LYS A 457 17.74 13.27 -27.34
CA LYS A 457 19.16 13.49 -27.54
C LYS A 457 19.47 14.96 -27.85
N GLU A 458 18.68 15.60 -28.72
CA GLU A 458 19.02 16.96 -29.09
C GLU A 458 18.95 17.94 -27.91
N VAL A 459 18.15 17.61 -26.92
CA VAL A 459 18.07 18.43 -25.72
C VAL A 459 19.35 18.26 -24.90
N ARG A 460 19.72 17.01 -24.65
CA ARG A 460 20.93 16.68 -23.91
C ARG A 460 22.18 17.27 -24.56
N ASP A 461 22.26 17.14 -25.88
CA ASP A 461 23.42 17.66 -26.59
C ASP A 461 23.61 19.13 -26.32
N ASN A 462 22.52 19.89 -26.42
CA ASN A 462 22.57 21.32 -26.17
C ASN A 462 23.17 21.68 -24.79
N ILE A 463 22.68 21.05 -23.74
CA ILE A 463 23.22 21.28 -22.42
C ILE A 463 24.68 20.81 -22.34
N PHE A 464 24.95 19.63 -22.90
CA PHE A 464 26.30 19.08 -22.88
C PHE A 464 27.30 20.01 -23.54
N GLU A 465 26.89 20.66 -24.62
CA GLU A 465 27.79 21.54 -25.35
C GLU A 465 27.97 22.84 -24.59
N GLN A 466 26.95 23.23 -23.83
CA GLN A 466 27.05 24.45 -23.03
C GLN A 466 28.05 24.26 -21.89
N MET A 467 27.93 23.14 -21.20
CA MET A 467 28.76 22.86 -20.04
C MET A 467 30.22 22.62 -20.45
N VAL A 468 30.40 21.94 -21.58
CA VAL A 468 31.74 21.66 -22.07
C VAL A 468 32.52 22.94 -22.37
N LYS A 469 31.85 23.96 -22.88
CA LYS A 469 32.48 25.26 -23.10
C LYS A 469 33.18 25.71 -21.82
N ILE A 470 32.47 25.59 -20.71
CA ILE A 470 32.98 26.00 -19.40
C ILE A 470 33.99 25.04 -18.79
N LEU A 471 33.73 23.73 -18.90
CA LEU A 471 34.54 22.74 -18.19
C LEU A 471 35.87 22.36 -18.86
N ASP A 472 35.95 22.50 -20.18
CA ASP A 472 37.17 22.15 -20.92
C ASP A 472 38.41 22.95 -20.52
N SER A 473 38.20 24.12 -19.89
CA SER A 473 39.32 24.90 -19.37
C SER A 473 40.11 24.11 -18.33
N LYS A 474 39.44 23.20 -17.63
CA LYS A 474 40.02 22.40 -16.54
C LYS A 474 40.37 23.26 -15.32
N LYS A 475 39.76 24.43 -15.26
CA LYS A 475 39.88 25.30 -14.12
C LYS A 475 38.90 24.90 -13.02
N ILE A 476 37.89 24.10 -13.38
CA ILE A 476 36.85 23.66 -12.45
C ILE A 476 37.13 22.27 -11.88
N ASP A 477 37.49 22.20 -10.60
CA ASP A 477 37.94 20.94 -9.97
C ASP A 477 36.82 20.12 -9.40
N TYR A 478 35.61 20.67 -9.43
CA TYR A 478 34.51 20.11 -8.68
C TYR A 478 33.23 20.72 -9.19
N ILE A 479 32.20 19.90 -9.29
CA ILE A 479 30.92 20.35 -9.79
C ILE A 479 29.85 19.93 -8.79
N LYS A 480 28.95 20.85 -8.48
CA LYS A 480 27.77 20.51 -7.69
C LYS A 480 26.58 20.50 -8.64
N TRP A 481 26.10 19.31 -8.96
CA TRP A 481 25.01 19.12 -9.91
C TRP A 481 23.69 19.12 -9.15
N ASP A 482 22.94 20.22 -9.24
CA ASP A 482 21.69 20.38 -8.49
C ASP A 482 20.46 20.11 -9.38
N MET A 483 19.29 20.03 -8.76
CA MET A 483 18.05 19.63 -9.43
C MET A 483 16.91 19.98 -8.48
N ASN A 484 16.21 21.08 -8.75
CA ASN A 484 15.38 21.70 -7.72
C ASN A 484 13.84 21.56 -7.79
N ARG A 485 13.33 20.62 -8.58
CA ARG A 485 11.89 20.32 -8.58
C ARG A 485 11.54 18.92 -9.12
N SER A 486 10.37 18.42 -8.78
CA SER A 486 9.89 17.16 -9.32
C SER A 486 9.29 17.34 -10.73
N LEU A 487 9.14 16.24 -11.45
CA LEU A 487 8.46 16.27 -12.74
C LEU A 487 6.95 16.20 -12.48
N SER A 488 6.21 17.11 -13.10
CA SER A 488 4.76 17.14 -12.94
C SER A 488 4.01 16.90 -14.25
N ASP A 489 4.56 17.37 -15.36
CA ASP A 489 3.85 17.32 -16.63
C ASP A 489 4.52 16.33 -17.56
N ILE A 490 4.01 15.11 -17.56
CA ILE A 490 4.76 14.00 -18.12
C ILE A 490 4.51 13.82 -19.63
N TYR A 491 5.50 14.19 -20.43
CA TYR A 491 5.40 14.05 -21.87
C TYR A 491 6.77 14.09 -22.54
N GLU A 492 6.90 13.35 -23.63
CA GLU A 492 8.07 13.48 -24.48
C GLU A 492 7.61 13.71 -25.89
N SER A 493 7.81 14.92 -26.39
CA SER A 493 7.15 15.40 -27.59
C SER A 493 7.54 14.64 -28.87
N ASP A 494 8.65 13.90 -28.83
CA ASP A 494 9.08 13.13 -30.00
C ASP A 494 8.52 11.69 -30.07
N LEU A 495 7.96 11.19 -28.98
CA LEU A 495 7.38 9.86 -28.95
C LEU A 495 5.95 9.88 -29.50
N PRO A 496 5.56 8.82 -30.21
CA PRO A 496 4.17 8.60 -30.61
C PRO A 496 3.27 8.45 -29.39
N ALA A 497 1.98 8.74 -29.55
CA ALA A 497 1.04 8.71 -28.42
C ALA A 497 1.13 7.41 -27.63
N ASP A 498 1.23 6.29 -28.33
CA ASP A 498 1.21 5.01 -27.67
C ASP A 498 2.49 4.74 -26.87
N GLN A 499 3.47 5.65 -26.98
CA GLN A 499 4.75 5.49 -26.26
C GLN A 499 4.95 6.48 -25.11
N GLN A 500 3.91 7.22 -24.75
CA GLN A 500 4.06 8.24 -23.71
C GLN A 500 4.27 7.66 -22.31
N GLY A 501 3.94 6.39 -22.14
CA GLY A 501 4.26 5.67 -20.93
C GLY A 501 5.75 5.41 -20.74
N GLU A 502 6.57 5.88 -21.67
CA GLU A 502 8.01 5.73 -21.59
C GLU A 502 8.70 7.02 -21.12
N ALA A 503 7.92 8.07 -20.93
CA ALA A 503 8.48 9.38 -20.63
C ALA A 503 9.33 9.37 -19.35
N TYR A 504 8.71 9.02 -18.24
CA TYR A 504 9.42 8.91 -16.96
C TYR A 504 10.77 8.22 -17.10
N HIS A 505 10.77 6.99 -17.57
CA HIS A 505 11.98 6.18 -17.58
C HIS A 505 12.99 6.72 -18.57
N ARG A 506 12.52 7.16 -19.73
CA ARG A 506 13.41 7.76 -20.73
C ARG A 506 14.14 8.96 -20.17
N TYR A 507 13.42 9.76 -19.37
CA TYR A 507 14.01 10.90 -18.70
C TYR A 507 15.20 10.47 -17.83
N VAL A 508 15.01 9.40 -17.07
CA VAL A 508 16.09 8.89 -16.24
C VAL A 508 17.21 8.35 -17.11
N LEU A 509 16.86 7.73 -18.22
CA LEU A 509 17.87 7.22 -19.12
C LEU A 509 18.67 8.40 -19.70
N GLY A 510 17.95 9.43 -20.15
CA GLY A 510 18.60 10.63 -20.65
C GLY A 510 19.55 11.21 -19.60
N TYR A 511 19.01 11.39 -18.39
CA TYR A 511 19.78 11.90 -17.27
C TYR A 511 21.07 11.13 -17.07
N TYR A 512 20.94 9.83 -16.87
CA TYR A 512 22.07 8.96 -16.68
C TYR A 512 23.06 9.07 -17.83
N ASP A 513 22.55 9.24 -19.05
CA ASP A 513 23.40 9.31 -20.22
C ASP A 513 24.18 10.62 -20.23
N LEU A 514 23.49 11.73 -19.99
CA LEU A 514 24.15 13.03 -19.92
C LEU A 514 25.21 13.03 -18.80
N LEU A 515 24.81 12.57 -17.61
CA LEU A 515 25.74 12.52 -16.50
C LEU A 515 26.95 11.61 -16.80
N ASN A 516 26.68 10.46 -17.38
CA ASN A 516 27.76 9.53 -17.71
C ASN A 516 28.75 10.18 -18.67
N LYS A 517 28.23 10.87 -19.66
CA LYS A 517 29.06 11.58 -20.63
C LYS A 517 30.03 12.54 -19.91
N LEU A 518 29.48 13.39 -19.05
CA LEU A 518 30.29 14.38 -18.38
C LEU A 518 31.30 13.75 -17.42
N VAL A 519 30.82 12.84 -16.60
CA VAL A 519 31.66 12.20 -15.59
C VAL A 519 32.80 11.36 -16.21
N THR A 520 32.57 10.85 -17.42
CA THR A 520 33.59 10.07 -18.08
C THR A 520 34.60 10.98 -18.77
N ARG A 521 34.12 12.14 -19.24
CA ARG A 521 34.95 13.10 -19.95
C ARG A 521 35.80 13.93 -18.98
N TYR A 522 35.31 14.10 -17.76
CA TYR A 522 36.05 14.83 -16.73
C TYR A 522 36.26 13.97 -15.51
N PRO A 523 37.13 12.96 -15.64
CA PRO A 523 37.48 12.03 -14.57
C PRO A 523 38.27 12.71 -13.45
N ASP A 524 38.68 13.96 -13.66
CA ASP A 524 39.46 14.67 -12.66
C ASP A 524 38.62 15.73 -11.98
N ILE A 525 37.34 15.77 -12.33
CA ILE A 525 36.40 16.60 -11.60
C ILE A 525 35.66 15.80 -10.51
N LEU A 526 35.74 16.26 -9.27
CA LEU A 526 34.95 15.73 -8.16
C LEU A 526 33.48 16.17 -8.31
N PHE A 527 32.60 15.20 -8.57
CA PHE A 527 31.18 15.48 -8.75
C PHE A 527 30.44 15.27 -7.45
N GLU A 528 29.75 16.30 -7.00
CA GLU A 528 28.86 16.17 -5.86
C GLU A 528 27.42 16.31 -6.33
N GLY A 529 26.65 15.24 -6.15
CA GLY A 529 25.22 15.24 -6.45
C GLY A 529 24.40 16.05 -5.47
N CYS A 530 23.28 16.56 -5.95
CA CYS A 530 22.39 17.37 -5.14
C CYS A 530 21.04 17.45 -5.83
N SER A 531 19.98 17.55 -5.04
CA SER A 531 18.64 17.72 -5.57
C SER A 531 17.83 18.38 -4.48
N GLY A 532 17.97 19.69 -4.36
CA GLY A 532 17.37 20.43 -3.25
C GLY A 532 17.70 19.70 -1.97
N GLY A 533 18.98 19.43 -1.74
CA GLY A 533 19.39 18.51 -0.71
C GLY A 533 19.41 17.07 -1.23
N GLY A 534 18.86 16.16 -0.41
CA GLY A 534 18.97 14.74 -0.68
C GLY A 534 17.75 14.20 -1.39
N GLY A 535 17.33 14.88 -2.45
CA GLY A 535 16.13 14.51 -3.17
C GLY A 535 16.39 13.42 -4.19
N ARG A 536 17.66 13.12 -4.44
CA ARG A 536 18.03 12.06 -5.38
C ARG A 536 19.25 11.32 -4.84
N PHE A 537 19.09 10.75 -3.66
CA PHE A 537 20.17 10.18 -2.87
C PHE A 537 20.04 8.67 -2.89
N ASP A 538 20.58 8.04 -3.92
CA ASP A 538 20.40 6.60 -4.05
C ASP A 538 21.62 5.90 -4.59
N VAL A 539 21.58 4.58 -4.57
CA VAL A 539 22.70 3.77 -5.03
C VAL A 539 23.00 3.98 -6.51
N GLY A 540 21.97 4.27 -7.29
CA GLY A 540 22.17 4.59 -8.69
C GLY A 540 23.04 5.83 -8.83
N GLN A 541 22.64 6.91 -8.18
CA GLN A 541 23.38 8.16 -8.20
C GLN A 541 24.86 7.96 -7.80
N ALA A 542 25.09 7.07 -6.84
CA ALA A 542 26.45 6.81 -6.34
C ALA A 542 27.42 6.43 -7.46
N TYR A 543 26.90 5.75 -8.48
CA TYR A 543 27.69 5.25 -9.59
C TYR A 543 28.35 6.42 -10.34
N TYR A 544 27.69 7.57 -10.29
CA TYR A 544 28.15 8.75 -11.02
C TYR A 544 28.80 9.78 -10.11
N THR A 545 28.18 10.07 -8.98
CA THR A 545 28.69 11.08 -8.05
C THR A 545 29.07 10.43 -6.71
N PRO A 546 30.35 10.52 -6.33
CA PRO A 546 30.88 9.89 -5.10
C PRO A 546 30.45 10.59 -3.79
N GLN A 547 29.76 11.72 -3.88
CA GLN A 547 29.19 12.36 -2.69
C GLN A 547 27.95 13.15 -3.07
N ILE A 548 27.06 13.32 -2.09
CA ILE A 548 25.77 13.96 -2.31
C ILE A 548 25.43 14.83 -1.13
N TRP A 549 24.98 16.05 -1.40
CA TRP A 549 24.53 16.97 -0.38
C TRP A 549 23.29 16.35 0.31
N ALA A 550 23.39 16.09 1.61
CA ALA A 550 22.41 15.24 2.30
C ALA A 550 21.04 15.89 2.49
N SER A 551 21.02 17.21 2.64
CA SER A 551 19.79 17.90 2.97
C SER A 551 19.99 19.41 3.02
N ASP A 552 19.00 20.16 2.56
CA ASP A 552 19.02 21.61 2.69
C ASP A 552 18.91 22.03 4.15
N ASN A 553 18.49 21.12 5.01
CA ASN A 553 18.40 21.37 6.44
C ASN A 553 19.80 21.24 7.00
N THR A 554 20.33 22.32 7.56
CA THR A 554 21.68 22.29 8.11
C THR A 554 21.68 22.59 9.59
N ASP A 555 20.55 22.35 10.25
CA ASP A 555 20.56 22.43 11.69
C ASP A 555 21.33 21.23 12.23
N ALA A 556 22.27 21.48 13.13
CA ALA A 556 23.01 20.41 13.79
C ALA A 556 22.08 19.30 14.30
N ILE A 557 21.00 19.70 14.97
CA ILE A 557 20.17 18.73 15.66
C ILE A 557 19.31 17.90 14.70
N GLU A 558 18.61 18.55 13.77
CA GLU A 558 17.77 17.81 12.85
C GLU A 558 18.61 16.96 11.89
N ARG A 559 19.83 17.42 11.59
CA ARG A 559 20.78 16.68 10.75
C ARG A 559 21.16 15.33 11.36
N LEU A 560 21.07 15.25 12.70
CA LEU A 560 21.38 13.99 13.41
C LEU A 560 20.52 12.85 12.92
N LYS A 561 19.21 13.07 12.85
CA LYS A 561 18.32 12.00 12.45
C LYS A 561 18.48 11.76 10.95
N ILE A 562 18.63 12.83 10.18
CA ILE A 562 18.81 12.74 8.74
C ILE A 562 20.08 11.95 8.36
N GLN A 563 21.19 12.29 9.00
CA GLN A 563 22.45 11.59 8.73
C GLN A 563 22.41 10.15 9.26
N TYR A 564 21.80 9.97 10.41
CA TYR A 564 21.57 8.64 10.98
C TYR A 564 20.84 7.71 9.99
N GLY A 565 19.69 8.16 9.49
CA GLY A 565 18.92 7.39 8.55
C GLY A 565 19.69 7.18 7.26
N THR A 566 20.39 8.22 6.83
CA THR A 566 21.13 8.12 5.59
C THR A 566 22.17 7.00 5.72
N SER A 567 22.78 6.92 6.89
CA SER A 567 23.85 5.96 7.15
C SER A 567 23.34 4.52 7.10
N LEU A 568 22.03 4.36 7.18
CA LEU A 568 21.41 3.04 7.11
C LEU A 568 21.83 2.29 5.85
N VAL A 569 22.01 3.02 4.75
CA VAL A 569 22.31 2.39 3.47
C VAL A 569 23.66 2.87 2.93
N TYR A 570 23.92 4.16 3.11
CA TYR A 570 24.99 4.85 2.39
C TYR A 570 26.21 5.14 3.23
N PRO A 571 27.40 5.00 2.63
CA PRO A 571 28.68 5.20 3.32
C PRO A 571 28.81 6.69 3.65
N GLN A 572 29.49 7.02 4.73
CA GLN A 572 29.47 8.39 5.20
C GLN A 572 30.26 9.33 4.26
N SER A 573 31.22 8.77 3.53
CA SER A 573 31.99 9.56 2.55
C SER A 573 31.09 10.04 1.42
N MET A 574 29.92 9.44 1.31
CA MET A 574 28.99 9.75 0.24
C MET A 574 28.04 10.88 0.61
N MET A 575 28.05 11.30 1.88
CA MET A 575 27.22 12.44 2.25
C MET A 575 28.07 13.61 2.71
N THR A 576 27.63 14.81 2.36
CA THR A 576 28.34 16.00 2.74
C THR A 576 27.54 16.82 3.76
N SER A 577 28.27 17.43 4.69
CA SER A 577 27.67 18.19 5.75
C SER A 577 28.46 19.46 6.01
N HIS A 578 27.73 20.57 6.13
CA HIS A 578 28.36 21.88 6.27
C HIS A 578 27.95 22.54 7.59
N VAL A 579 28.93 23.17 8.25
CA VAL A 579 28.63 24.04 9.37
C VAL A 579 27.95 25.30 8.84
N SER A 580 26.72 25.56 9.30
CA SER A 580 25.99 26.75 8.88
C SER A 580 25.79 27.74 10.03
N VAL A 581 25.11 28.83 9.75
CA VAL A 581 24.96 29.89 10.73
C VAL A 581 23.96 29.51 11.84
N SER A 582 23.93 30.27 12.93
CA SER A 582 22.95 30.13 14.01
C SER A 582 22.49 31.50 14.43
N PRO A 583 21.17 31.71 14.59
CA PRO A 583 20.07 30.73 14.48
C PRO A 583 20.04 30.12 13.10
N ASN A 584 19.60 28.87 13.03
CA ASN A 584 19.61 28.13 11.79
C ASN A 584 18.58 28.65 10.79
N GLU A 585 19.02 28.83 9.55
CA GLU A 585 18.20 29.41 8.49
C GLU A 585 16.91 28.67 8.22
N GLN A 586 16.86 27.37 8.47
CA GLN A 586 15.68 26.58 8.10
C GLN A 586 14.63 26.42 9.22
N ASN A 587 15.07 26.37 10.48
CA ASN A 587 14.14 26.16 11.58
C ASN A 587 14.31 27.08 12.78
N GLY A 588 15.33 27.92 12.79
CA GLY A 588 15.49 28.91 13.84
C GLY A 588 16.18 28.42 15.10
N ARG A 589 16.55 27.15 15.15
CA ARG A 589 17.25 26.58 16.32
C ARG A 589 18.58 27.26 16.62
N ILE A 590 18.85 27.48 17.91
CA ILE A 590 20.13 28.04 18.35
C ILE A 590 21.06 26.94 18.87
N THR A 591 22.21 26.75 18.21
CA THR A 591 23.12 25.67 18.60
C THR A 591 24.54 26.15 18.78
N PRO A 592 25.28 25.50 19.69
CA PRO A 592 26.73 25.75 19.83
C PRO A 592 27.48 25.55 18.53
N PHE A 593 28.49 26.40 18.29
CA PHE A 593 29.31 26.27 17.10
C PHE A 593 29.99 24.91 17.08
N ASN A 594 30.48 24.48 18.24
CA ASN A 594 31.16 23.19 18.35
C ASN A 594 30.25 22.03 17.96
N THR A 595 28.97 22.15 18.28
CA THR A 595 28.03 21.11 17.97
C THR A 595 27.81 21.01 16.46
N ARG A 596 27.64 22.14 15.82
CA ARG A 596 27.48 22.17 14.37
C ARG A 596 28.70 21.54 13.70
N GLY A 597 29.90 21.87 14.17
CA GLY A 597 31.11 21.24 13.67
C GLY A 597 31.06 19.73 13.81
N ALA A 598 30.81 19.26 15.02
CA ALA A 598 30.93 17.84 15.33
C ALA A 598 29.96 17.02 14.51
N VAL A 599 28.72 17.50 14.41
CA VAL A 599 27.73 16.86 13.57
C VAL A 599 28.13 16.91 12.10
N ALA A 600 28.83 17.97 11.69
CA ALA A 600 29.18 18.06 10.28
C ALA A 600 30.45 17.26 9.94
N MET A 601 31.13 16.74 10.95
CA MET A 601 32.28 15.86 10.72
C MET A 601 31.87 14.40 10.51
N TRP A 602 30.59 14.10 10.66
CA TRP A 602 30.08 12.77 10.34
C TRP A 602 30.14 12.55 8.82
N GLY A 603 29.66 13.53 8.07
CA GLY A 603 29.85 13.54 6.62
C GLY A 603 31.14 14.24 6.21
N ASP A 604 31.24 14.57 4.92
CA ASP A 604 32.40 15.29 4.42
C ASP A 604 32.25 16.75 4.77
N LEU A 605 33.08 17.20 5.71
CA LEU A 605 33.02 18.56 6.28
C LEU A 605 33.13 19.72 5.28
N GLY A 606 32.23 20.68 5.42
CA GLY A 606 32.29 21.92 4.67
C GLY A 606 31.78 23.08 5.50
N TYR A 607 31.87 24.28 4.94
CA TYR A 607 31.35 25.49 5.59
C TYR A 607 30.44 26.28 4.64
N GLU A 608 29.32 26.72 5.16
CA GLU A 608 28.32 27.36 4.35
C GLU A 608 27.80 28.53 5.16
N LEU A 609 28.61 29.58 5.23
CA LEU A 609 28.30 30.75 6.01
C LEU A 609 29.33 31.82 5.71
N ASP A 610 29.02 33.07 6.01
CA ASP A 610 29.85 34.17 5.53
C ASP A 610 31.09 34.33 6.39
N LEU A 611 32.14 33.62 6.01
CA LEU A 611 33.41 33.61 6.72
C LEU A 611 33.90 35.01 7.08
N THR A 612 33.59 36.00 6.25
CA THR A 612 34.05 37.36 6.50
C THR A 612 33.25 38.10 7.59
N LYS A 613 32.09 37.58 7.95
CA LYS A 613 31.29 38.16 9.03
C LYS A 613 31.44 37.36 10.33
N MET A 614 32.53 36.60 10.44
CA MET A 614 32.74 35.77 11.61
C MET A 614 33.51 36.51 12.69
N SER A 615 33.20 36.19 13.95
CA SER A 615 33.93 36.72 15.09
C SER A 615 35.27 36.00 15.27
N ASP A 616 36.27 36.71 15.78
CA ASP A 616 37.58 36.14 16.03
C ASP A 616 37.43 34.81 16.75
N GLU A 617 36.54 34.80 17.73
CA GLU A 617 36.21 33.58 18.46
C GLU A 617 35.86 32.45 17.51
N GLU A 618 35.04 32.77 16.49
CA GLU A 618 34.63 31.78 15.49
C GLU A 618 35.71 31.47 14.44
N SER A 619 36.42 32.50 13.97
CA SER A 619 37.50 32.27 13.01
C SER A 619 38.47 31.22 13.52
N ASP A 620 38.82 31.32 14.80
CA ASP A 620 39.74 30.39 15.43
C ASP A 620 39.07 29.07 15.80
N GLN A 621 37.75 29.10 15.95
CA GLN A 621 36.98 27.88 16.09
C GLN A 621 37.11 27.06 14.82
N VAL A 622 37.00 27.76 13.68
CA VAL A 622 37.11 27.12 12.38
C VAL A 622 38.51 26.58 12.20
N VAL A 623 39.50 27.40 12.53
CA VAL A 623 40.88 27.00 12.33
C VAL A 623 41.13 25.73 13.12
N LYS A 624 40.59 25.67 14.33
CA LYS A 624 40.70 24.50 15.18
C LYS A 624 39.98 23.28 14.61
N GLN A 625 38.70 23.45 14.26
CA GLN A 625 37.92 22.36 13.67
C GLN A 625 38.61 21.78 12.45
N VAL A 626 39.02 22.65 11.54
CA VAL A 626 39.60 22.21 10.28
C VAL A 626 40.91 21.46 10.52
N THR A 627 41.73 22.02 11.40
CA THR A 627 43.04 21.46 11.72
C THR A 627 42.88 20.10 12.36
N GLU A 628 41.87 19.95 13.20
CA GLU A 628 41.62 18.67 13.84
C GLU A 628 40.95 17.69 12.89
N TYR A 629 40.04 18.19 12.07
CA TYR A 629 39.39 17.36 11.08
C TYR A 629 40.44 16.76 10.14
N LYS A 630 41.45 17.55 9.82
CA LYS A 630 42.46 17.09 8.87
C LYS A 630 43.29 15.95 9.45
N LYS A 631 43.31 15.86 10.78
CA LYS A 631 44.01 14.78 11.47
C LYS A 631 43.21 13.48 11.46
N ILE A 632 41.89 13.59 11.51
CA ILE A 632 41.04 12.40 11.65
C ILE A 632 40.23 11.95 10.41
N ARG A 633 40.18 12.78 9.36
CA ARG A 633 39.24 12.55 8.25
C ARG A 633 39.46 11.25 7.46
N GLU A 634 40.65 10.68 7.52
CA GLU A 634 40.88 9.40 6.85
C GLU A 634 40.06 8.31 7.53
N VAL A 635 39.98 8.39 8.86
CA VAL A 635 39.18 7.47 9.63
C VAL A 635 37.68 7.84 9.61
N THR A 636 37.34 9.11 9.80
CA THR A 636 35.93 9.50 9.79
C THR A 636 35.29 9.30 8.42
N GLN A 637 35.98 9.70 7.36
CA GLN A 637 35.43 9.57 6.00
C GLN A 637 35.33 8.12 5.50
N PHE A 638 36.26 7.25 5.90
CA PHE A 638 36.40 5.93 5.28
C PHE A 638 36.42 4.73 6.23
N GLY A 639 36.32 4.97 7.53
CA GLY A 639 36.29 3.86 8.48
C GLY A 639 34.97 3.11 8.49
N THR A 640 35.00 1.88 9.01
CA THR A 640 33.77 1.13 9.22
C THR A 640 32.92 2.01 10.14
N LEU A 641 31.66 2.22 9.75
CA LEU A 641 30.75 3.06 10.52
C LEU A 641 29.90 2.25 11.50
N TYR A 642 29.84 2.68 12.75
CA TYR A 642 28.93 2.07 13.72
C TYR A 642 28.04 3.14 14.37
N ARG A 643 26.73 3.01 14.24
CA ARG A 643 25.80 3.87 14.95
C ARG A 643 25.68 3.35 16.38
N LEU A 644 25.76 4.23 17.39
CA LEU A 644 25.71 3.79 18.79
C LEU A 644 24.41 4.15 19.54
N LYS A 645 23.88 5.35 19.29
CA LYS A 645 22.64 5.81 19.92
C LYS A 645 21.82 6.67 18.95
N ALA A 646 20.51 6.45 18.94
CA ALA A 646 19.60 7.22 18.10
C ALA A 646 18.97 8.38 18.88
N SER A 647 18.78 9.51 18.20
CA SER A 647 18.37 10.76 18.84
C SER A 647 17.16 10.70 19.80
N ALA A 648 16.27 9.74 19.60
CA ALA A 648 15.12 9.58 20.47
C ALA A 648 15.52 9.23 21.90
N SER A 649 16.72 8.70 22.08
CA SER A 649 17.23 8.41 23.43
C SER A 649 17.64 9.69 24.15
N ASN A 650 17.61 10.80 23.42
CA ASN A 650 18.14 12.09 23.86
C ASN A 650 19.63 12.27 23.53
N GLN A 651 20.27 11.18 23.15
CA GLN A 651 21.61 11.26 22.58
C GLN A 651 21.63 10.59 21.20
N CYS A 652 22.50 11.10 20.34
CA CYS A 652 22.81 10.45 19.08
C CYS A 652 24.32 10.30 19.11
N ALA A 653 24.79 9.09 18.85
CA ALA A 653 26.21 8.81 18.96
C ALA A 653 26.60 7.85 17.86
N TRP A 654 27.79 8.05 17.31
CA TRP A 654 28.31 7.19 16.26
C TRP A 654 29.82 7.18 16.34
N MET A 655 30.45 6.32 15.55
CA MET A 655 31.89 6.23 15.54
C MET A 655 32.41 5.50 14.29
N MET A 656 33.67 5.81 13.95
CA MET A 656 34.35 5.17 12.84
C MET A 656 35.62 4.47 13.30
N VAL A 657 35.87 3.29 12.74
CA VAL A 657 37.07 2.54 13.06
C VAL A 657 37.82 2.19 11.77
N ASP A 658 39.14 2.43 11.73
CA ASP A 658 39.89 2.07 10.53
C ASP A 658 39.94 0.56 10.30
N SER A 659 40.43 0.15 9.13
CA SER A 659 40.31 -1.23 8.70
C SER A 659 41.13 -2.18 9.59
N ASN A 660 42.14 -1.66 10.27
CA ASN A 660 42.97 -2.50 11.15
C ASN A 660 42.53 -2.49 12.59
N LYS A 661 41.47 -1.73 12.89
CA LYS A 661 41.04 -1.58 14.27
C LYS A 661 42.18 -0.98 15.12
N ASN A 662 42.94 -0.07 14.53
CA ASN A 662 43.99 0.63 15.26
C ASN A 662 43.57 2.03 15.67
N GLU A 663 42.56 2.55 15.00
CA GLU A 663 42.16 3.93 15.21
C GLU A 663 40.65 4.04 15.14
N ALA A 664 40.07 4.79 16.08
CA ALA A 664 38.64 4.97 16.17
C ALA A 664 38.33 6.42 16.54
N VAL A 665 37.32 6.99 15.90
CA VAL A 665 36.87 8.33 16.22
C VAL A 665 35.41 8.25 16.63
N VAL A 666 35.10 8.70 17.85
CA VAL A 666 33.75 8.61 18.40
C VAL A 666 33.13 10.01 18.62
N THR A 667 31.84 10.14 18.38
CA THR A 667 31.16 11.40 18.67
C THR A 667 29.90 11.11 19.45
N VAL A 668 29.65 11.89 20.50
CA VAL A 668 28.42 11.77 21.27
C VAL A 668 27.73 13.12 21.37
N VAL A 669 26.47 13.18 20.96
CA VAL A 669 25.73 14.44 21.03
C VAL A 669 24.50 14.32 21.92
N ASN A 670 24.39 15.25 22.86
CA ASN A 670 23.24 15.31 23.76
C ASN A 670 22.27 16.32 23.23
N VAL A 671 21.01 15.93 23.09
CA VAL A 671 20.00 16.87 22.60
C VAL A 671 19.47 17.80 23.71
N MET A 672 18.63 17.26 24.59
CA MET A 672 18.01 18.05 25.66
C MET A 672 18.77 18.00 26.99
N ALA A 673 18.85 19.13 27.67
CA ALA A 673 19.43 19.18 29.00
C ALA A 673 18.33 19.12 30.05
N HIS A 674 18.64 18.56 31.21
CA HIS A 674 17.71 18.54 32.33
C HIS A 674 18.36 19.07 33.59
N ALA A 675 17.57 19.72 34.43
CA ALA A 675 18.06 20.23 35.69
C ALA A 675 18.64 19.08 36.52
N GLN A 676 18.09 17.89 36.32
CA GLN A 676 18.47 16.73 37.13
C GLN A 676 18.81 15.54 36.25
N PRO A 677 19.98 15.56 35.63
CA PRO A 677 20.34 14.56 34.60
C PRO A 677 20.58 13.15 35.14
N TYR A 678 20.09 12.16 34.39
CA TYR A 678 20.46 10.76 34.58
C TYR A 678 21.87 10.56 34.07
N CYS A 679 22.66 9.72 34.73
CA CYS A 679 24.00 9.42 34.22
C CYS A 679 23.90 8.50 33.02
N THR A 680 24.71 8.75 32.00
CA THR A 680 24.75 7.88 30.84
C THR A 680 26.15 7.38 30.56
N LYS A 681 26.21 6.16 30.03
CA LYS A 681 27.46 5.61 29.52
C LYS A 681 27.43 5.48 28.01
N THR A 682 28.59 5.62 27.37
CA THR A 682 28.70 5.26 25.98
C THR A 682 29.66 4.09 25.84
N LYS A 683 29.18 3.01 25.22
CA LYS A 683 30.03 1.85 24.93
C LYS A 683 30.35 1.80 23.43
N LEU A 684 31.53 1.28 23.11
CA LEU A 684 32.01 1.32 21.74
C LEU A 684 31.82 0.00 20.99
N ALA A 685 32.23 -0.02 19.73
CA ALA A 685 32.04 -1.18 18.88
C ALA A 685 33.15 -1.19 17.85
N GLY A 686 33.37 -2.34 17.23
CA GLY A 686 34.32 -2.45 16.13
C GLY A 686 35.78 -2.42 16.54
N LEU A 687 36.05 -2.52 17.84
CA LEU A 687 37.42 -2.54 18.31
C LEU A 687 37.90 -3.97 18.48
N ASP A 688 39.21 -4.12 18.66
CA ASP A 688 39.80 -5.43 18.91
C ASP A 688 39.83 -5.66 20.41
N PRO A 689 39.20 -6.74 20.85
CA PRO A 689 39.09 -6.99 22.29
C PRO A 689 40.47 -7.03 22.95
N ASP A 690 41.47 -7.46 22.20
CA ASP A 690 42.76 -7.73 22.79
C ASP A 690 43.79 -6.61 22.63
N LYS A 691 43.49 -5.60 21.81
CA LYS A 691 44.39 -4.47 21.67
C LYS A 691 44.19 -3.46 22.79
N ARG A 692 45.15 -2.55 22.94
CA ARG A 692 45.03 -1.52 23.95
C ARG A 692 45.00 -0.12 23.35
N TYR A 693 43.95 0.63 23.69
CA TYR A 693 43.67 1.92 23.05
C TYR A 693 43.91 3.12 23.94
N LYS A 694 44.64 4.10 23.42
CA LYS A 694 44.93 5.31 24.16
C LYS A 694 43.97 6.41 23.77
N ASN A 695 43.35 7.00 24.79
CA ASN A 695 42.57 8.21 24.59
C ASN A 695 43.56 9.34 24.37
N LEU A 696 43.61 9.83 23.13
CA LEU A 696 44.62 10.81 22.75
C LEU A 696 44.47 12.14 23.49
N GLU A 697 43.26 12.41 23.98
CA GLU A 697 43.05 13.62 24.77
C GLU A 697 43.59 13.46 26.19
N THR A 698 43.21 12.38 26.86
CA THR A 698 43.54 12.15 28.26
C THR A 698 44.84 11.35 28.50
N ASP A 699 45.32 10.67 27.47
CA ASP A 699 46.49 9.78 27.56
C ASP A 699 46.28 8.49 28.36
N GLU A 700 45.05 8.27 28.82
CA GLU A 700 44.74 7.02 29.53
C GLU A 700 44.51 5.92 28.53
N VAL A 701 44.71 4.69 28.95
CA VAL A 701 44.68 3.55 28.04
C VAL A 701 43.66 2.52 28.48
N PHE A 702 42.93 1.95 27.53
CA PHE A 702 41.94 0.95 27.85
C PHE A 702 41.95 -0.18 26.83
N GLY A 703 41.72 -1.40 27.30
CA GLY A 703 41.57 -2.52 26.40
C GLY A 703 40.32 -2.36 25.54
N GLY A 704 40.34 -3.00 24.38
CA GLY A 704 39.19 -2.96 23.50
C GLY A 704 37.99 -3.58 24.17
N ASP A 705 38.23 -4.60 24.98
CA ASP A 705 37.17 -5.23 25.75
C ASP A 705 36.54 -4.25 26.74
N GLU A 706 37.38 -3.51 27.46
CA GLU A 706 36.89 -2.46 28.35
C GLU A 706 35.94 -1.51 27.62
N LEU A 707 36.45 -0.87 26.57
CA LEU A 707 35.70 0.14 25.83
C LEU A 707 34.37 -0.42 25.26
N MET A 708 34.35 -1.71 24.95
CA MET A 708 33.13 -2.32 24.44
C MET A 708 32.17 -2.78 25.54
N HIS A 709 32.71 -3.16 26.69
CA HIS A 709 31.85 -3.64 27.78
C HIS A 709 31.58 -2.69 28.91
N LEU A 710 32.58 -1.93 29.32
CA LEU A 710 32.38 -1.00 30.42
C LEU A 710 31.94 0.32 29.84
N GLY A 711 32.51 0.66 28.69
CA GLY A 711 32.26 1.95 28.10
C GLY A 711 32.75 2.99 29.08
N PHE A 712 32.22 4.20 28.97
CA PHE A 712 32.60 5.25 29.88
C PHE A 712 31.41 6.17 30.17
N TYR A 713 31.52 6.93 31.23
CA TYR A 713 30.51 7.93 31.55
C TYR A 713 30.59 9.10 30.59
N ASP A 714 29.43 9.57 30.13
CA ASP A 714 29.37 10.80 29.36
C ASP A 714 29.45 11.91 30.38
N PRO A 715 30.20 12.98 30.07
CA PRO A 715 30.27 14.08 31.04
C PRO A 715 28.94 14.81 31.13
N ILE A 716 28.54 15.13 32.36
CA ILE A 716 27.30 15.85 32.59
C ILE A 716 27.53 17.35 32.35
N GLU A 717 26.83 17.88 31.35
CA GLU A 717 26.92 19.30 31.01
C GLU A 717 25.55 19.96 31.01
N ARG A 718 25.53 21.25 31.36
CA ARG A 718 24.34 22.06 31.21
C ARG A 718 24.23 22.59 29.79
N GLY A 719 23.02 22.97 29.37
CA GLY A 719 22.80 23.56 28.05
C GLY A 719 22.35 22.54 27.04
N ASP A 720 21.53 22.98 26.09
CA ASP A 720 21.02 22.09 25.05
C ASP A 720 22.06 21.88 23.95
N PHE A 721 21.96 20.74 23.25
CA PHE A 721 22.70 20.52 22.02
C PHE A 721 24.22 20.54 22.17
N LYS A 722 24.77 19.72 23.06
CA LYS A 722 26.23 19.71 23.23
C LYS A 722 26.81 18.46 22.62
N ALA A 723 28.06 18.57 22.16
CA ALA A 723 28.73 17.41 21.58
C ALA A 723 30.05 17.18 22.28
N LYS A 724 30.49 15.93 22.31
CA LYS A 724 31.83 15.60 22.73
C LYS A 724 32.41 14.60 21.75
N MET A 725 33.72 14.66 21.56
CA MET A 725 34.37 13.85 20.55
C MET A 725 35.56 13.09 21.16
N TYR A 726 35.79 11.87 20.72
CA TYR A 726 36.92 11.11 21.24
C TYR A 726 37.72 10.52 20.11
N HIS A 727 39.02 10.43 20.34
CA HIS A 727 39.95 9.84 19.40
C HIS A 727 40.79 8.82 20.18
N PHE A 728 40.67 7.55 19.80
CA PHE A 728 41.42 6.48 20.43
C PHE A 728 42.39 5.92 19.39
N LYS A 729 43.58 5.52 19.86
CA LYS A 729 44.56 4.90 19.00
C LYS A 729 45.24 3.71 19.70
N ALA A 730 45.30 2.59 19.00
CA ALA A 730 45.98 1.40 19.51
C ALA A 730 47.46 1.70 19.79
N ILE A 731 47.99 1.13 20.87
CA ILE A 731 49.41 1.31 21.20
C ILE A 731 50.17 -0.01 21.04
N ASN A 732 51.44 -0.01 21.44
CA ASN A 732 52.24 -1.23 21.35
C ASN A 732 52.65 -1.79 22.70
N ASN B 4 -33.21 21.68 6.00
CA ASN B 4 -32.17 22.60 5.54
C ASN B 4 -30.77 22.02 5.73
N LEU B 5 -30.49 20.89 5.08
CA LEU B 5 -29.31 20.10 5.40
C LEU B 5 -28.01 20.59 4.76
N ILE B 6 -28.13 21.32 3.65
CA ILE B 6 -26.95 21.68 2.88
C ILE B 6 -26.99 23.16 2.50
N LYS B 7 -25.93 23.89 2.88
CA LYS B 7 -25.84 25.32 2.59
C LYS B 7 -24.57 25.62 1.79
N PHE B 8 -24.66 26.59 0.87
CA PHE B 8 -23.47 27.12 0.22
C PHE B 8 -23.31 28.58 0.60
N ASP B 9 -22.10 28.93 1.04
CA ASP B 9 -21.77 30.33 1.30
C ASP B 9 -20.93 30.84 0.13
N ASP B 10 -21.58 31.58 -0.78
CA ASP B 10 -20.94 32.05 -2.01
C ASP B 10 -19.92 33.13 -1.72
N GLN B 11 -19.96 33.67 -0.51
CA GLN B 11 -19.01 34.67 -0.05
C GLN B 11 -17.67 34.05 0.33
N ASN B 12 -17.72 33.00 1.12
CA ASN B 12 -16.52 32.33 1.60
C ASN B 12 -16.22 31.09 0.78
N LYS B 13 -17.19 30.68 -0.03
CA LYS B 13 -17.06 29.52 -0.90
C LYS B 13 -16.89 28.26 -0.07
N VAL B 14 -17.78 28.09 0.91
CA VAL B 14 -17.80 26.92 1.76
C VAL B 14 -19.13 26.17 1.61
N PHE B 15 -19.04 24.86 1.40
CA PHE B 15 -20.22 24.01 1.40
C PHE B 15 -20.35 23.34 2.77
N HIS B 16 -21.56 23.35 3.31
CA HIS B 16 -21.80 22.81 4.64
C HIS B 16 -22.97 21.84 4.65
N LEU B 17 -22.67 20.55 4.77
CA LEU B 17 -23.71 19.55 4.99
C LEU B 17 -23.79 19.22 6.48
N HIS B 18 -24.97 19.37 7.06
CA HIS B 18 -25.10 19.02 8.47
C HIS B 18 -26.53 18.77 8.97
N ASN B 19 -26.62 17.92 9.99
CA ASN B 19 -27.85 17.67 10.71
C ASN B 19 -27.53 17.80 12.19
N LYS B 20 -28.29 17.15 13.06
CA LYS B 20 -28.02 17.28 14.50
C LYS B 20 -26.80 16.48 14.96
N GLN B 21 -26.30 15.60 14.10
CA GLN B 21 -25.20 14.73 14.47
C GLN B 21 -23.88 15.10 13.84
N ILE B 22 -23.87 15.28 12.54
CA ILE B 22 -22.60 15.44 11.84
C ILE B 22 -22.53 16.72 11.06
N SER B 23 -21.29 17.15 10.80
CA SER B 23 -21.03 18.28 9.92
C SER B 23 -20.02 17.85 8.89
N TYR B 24 -20.28 18.21 7.64
CA TYR B 24 -19.31 17.97 6.59
C TYR B 24 -19.03 19.30 5.89
N LEU B 25 -17.76 19.72 5.90
CA LEU B 25 -17.37 21.00 5.31
C LEU B 25 -16.29 20.86 4.24
N LEU B 26 -16.55 21.51 3.09
CA LEU B 26 -15.62 21.55 1.97
C LEU B 26 -15.67 22.95 1.38
N SER B 27 -14.64 23.34 0.64
CA SER B 27 -14.55 24.71 0.12
C SER B 27 -13.86 24.79 -1.24
N ILE B 28 -14.03 25.94 -1.89
CA ILE B 28 -13.40 26.20 -3.17
C ILE B 28 -12.17 27.05 -2.93
N GLU B 29 -11.00 26.42 -2.97
CA GLU B 29 -9.71 27.08 -2.75
C GLU B 29 -9.13 27.66 -4.06
N ASP B 30 -8.00 28.35 -3.94
CA ASP B 30 -7.28 28.91 -5.08
C ASP B 30 -7.29 27.98 -6.30
N GLY B 31 -7.50 28.56 -7.47
CA GLY B 31 -7.46 27.78 -8.70
C GLY B 31 -8.56 26.74 -8.79
N GLY B 32 -9.69 27.02 -8.13
CA GLY B 32 -10.85 26.17 -8.22
C GLY B 32 -10.62 24.78 -7.68
N THR B 33 -9.74 24.67 -6.69
CA THR B 33 -9.38 23.38 -6.12
C THR B 33 -10.37 23.04 -5.01
N LEU B 34 -11.01 21.87 -5.10
CA LEU B 34 -12.00 21.49 -4.10
C LEU B 34 -11.36 20.95 -2.81
N SER B 35 -11.43 21.74 -1.76
CA SER B 35 -10.71 21.42 -0.53
C SER B 35 -11.59 20.80 0.55
N HIS B 36 -11.06 19.80 1.24
CA HIS B 36 -11.79 19.19 2.36
C HIS B 36 -11.43 19.85 3.69
N LEU B 37 -12.45 20.36 4.37
CA LEU B 37 -12.23 21.08 5.63
C LEU B 37 -12.45 20.22 6.87
N TYR B 38 -13.54 19.46 6.87
CA TYR B 38 -13.99 18.84 8.12
C TYR B 38 -15.12 17.84 7.98
N PHE B 39 -15.01 16.78 8.76
CA PHE B 39 -16.09 15.82 8.89
C PHE B 39 -16.07 15.32 10.32
N GLY B 40 -17.19 15.44 11.03
CA GLY B 40 -17.23 15.06 12.43
C GLY B 40 -18.50 15.53 13.09
N GLY B 41 -18.39 15.87 14.38
CA GLY B 41 -19.54 16.32 15.16
C GLY B 41 -20.13 17.59 14.58
N ALA B 42 -21.46 17.73 14.64
CA ALA B 42 -22.12 18.88 14.04
C ALA B 42 -21.70 20.20 14.67
N VAL B 43 -21.62 21.22 13.84
CA VAL B 43 -21.43 22.58 14.31
C VAL B 43 -22.46 23.46 13.61
N LYS B 44 -22.94 24.48 14.31
CA LYS B 44 -24.02 25.29 13.78
C LYS B 44 -23.51 26.17 12.65
N ASN B 45 -22.23 26.54 12.72
CA ASN B 45 -21.68 27.55 11.85
C ASN B 45 -20.23 27.29 11.45
N TYR B 46 -19.75 28.03 10.47
CA TYR B 46 -18.35 28.02 10.09
C TYR B 46 -17.88 29.44 9.77
N ASN B 47 -16.69 29.79 10.27
CA ASN B 47 -16.17 31.14 10.12
C ASN B 47 -14.69 31.13 9.69
N ASN B 48 -14.37 30.32 8.67
CA ASN B 48 -13.07 30.35 8.02
C ASN B 48 -11.85 29.85 8.81
N GLN B 49 -12.07 29.32 10.02
CA GLN B 49 -10.96 28.98 10.90
C GLN B 49 -10.15 27.78 10.42
N LEU B 50 -10.70 27.00 9.49
CA LEU B 50 -9.99 25.83 8.97
C LEU B 50 -9.35 26.09 7.61
N LYS B 51 -9.31 27.36 7.22
CA LYS B 51 -8.56 27.76 6.04
C LYS B 51 -7.10 27.26 6.13
N TYR B 52 -6.68 26.48 5.14
CA TYR B 52 -5.36 25.83 5.19
C TYR B 52 -4.19 26.80 5.16
N PRO B 53 -3.27 26.66 6.12
CA PRO B 53 -2.08 27.53 6.25
C PRO B 53 -1.24 27.59 4.97
N ARG B 54 -0.81 28.79 4.60
CA ARG B 54 0.07 28.96 3.45
C ARG B 54 1.52 28.92 3.90
N LEU B 55 2.28 28.00 3.32
CA LEU B 55 3.70 27.90 3.58
C LEU B 55 4.35 27.42 2.29
N ASP B 56 5.51 27.97 1.96
CA ASP B 56 6.26 27.52 0.80
C ASP B 56 6.94 26.22 1.18
N ARG B 57 6.42 25.12 0.64
CA ARG B 57 7.00 23.82 0.93
C ARG B 57 7.84 23.29 -0.23
N GLY B 58 9.08 22.94 0.07
CA GLY B 58 10.04 22.52 -0.91
C GLY B 58 9.52 21.39 -1.79
N PHE B 59 9.54 21.63 -3.10
CA PHE B 59 9.18 20.63 -4.10
C PHE B 59 7.68 20.40 -4.23
N SER B 60 6.89 21.16 -3.50
CA SER B 60 5.44 21.13 -3.67
C SER B 60 5.09 22.26 -4.60
N GLY B 61 4.90 21.91 -5.87
CA GLY B 61 4.71 22.88 -6.93
C GLY B 61 3.36 23.56 -6.95
N ASN B 62 3.20 24.47 -7.90
CA ASN B 62 2.12 25.45 -7.84
C ASN B 62 1.15 25.43 -9.03
N LEU B 63 0.07 26.19 -8.94
CA LEU B 63 -0.91 26.30 -10.01
C LEU B 63 -0.26 26.82 -11.29
N PRO B 64 -0.70 26.28 -12.45
CA PRO B 64 -0.17 26.79 -13.72
C PRO B 64 -0.26 28.30 -13.80
N GLU B 65 0.84 28.93 -14.18
CA GLU B 65 0.92 30.39 -14.34
C GLU B 65 0.98 31.13 -13.01
N SER B 66 0.87 30.42 -11.90
CA SER B 66 0.91 31.09 -10.60
C SER B 66 2.34 31.47 -10.16
N LEU B 67 2.45 32.61 -9.50
CA LEU B 67 3.71 33.03 -8.90
C LEU B 67 3.74 32.77 -7.40
N ASP B 68 2.58 32.39 -6.87
CA ASP B 68 2.41 32.13 -5.44
C ASP B 68 2.88 30.73 -5.08
N ARG B 69 4.03 30.63 -4.43
CA ARG B 69 4.59 29.33 -4.11
C ARG B 69 4.04 28.71 -2.81
N THR B 70 3.31 29.52 -2.05
CA THR B 70 2.83 29.08 -0.74
C THR B 70 1.53 28.28 -0.81
N PHE B 71 0.99 28.14 -2.03
CA PHE B 71 -0.20 27.31 -2.24
C PHE B 71 0.03 26.18 -3.24
N SER B 72 -0.35 24.96 -2.85
CA SER B 72 0.01 23.79 -3.63
C SER B 72 -0.97 22.65 -3.52
N ARG B 73 -1.40 22.14 -4.67
CA ARG B 73 -2.29 20.99 -4.69
C ARG B 73 -1.60 19.74 -4.14
N ASP B 74 -0.30 19.83 -3.91
CA ASP B 74 0.43 18.69 -3.35
C ASP B 74 0.40 18.71 -1.82
N SER B 75 -0.01 19.83 -1.25
CA SER B 75 -0.07 19.95 0.21
C SER B 75 -1.49 20.20 0.70
N LEU B 76 -2.34 20.76 -0.15
CA LEU B 76 -3.71 21.04 0.26
C LEU B 76 -4.51 19.76 0.53
N PRO B 77 -5.34 19.78 1.57
CA PRO B 77 -6.30 18.69 1.82
C PRO B 77 -7.46 18.82 0.80
N LYS B 78 -7.77 17.74 0.10
CA LYS B 78 -8.70 17.84 -1.02
C LYS B 78 -9.83 16.80 -1.03
N GLU B 79 -10.92 17.13 -1.72
CA GLU B 79 -12.05 16.23 -1.95
C GLU B 79 -11.81 15.26 -3.10
N TYR B 80 -10.86 15.61 -3.96
CA TYR B 80 -10.57 14.80 -5.13
C TYR B 80 -9.19 15.16 -5.65
N SER B 81 -8.63 14.31 -6.52
CA SER B 81 -7.30 14.52 -7.07
C SER B 81 -7.17 13.74 -8.38
N SER B 82 -6.22 14.14 -9.22
CA SER B 82 -5.99 13.42 -10.46
C SER B 82 -4.49 13.37 -10.76
N ALA B 83 -4.11 12.55 -11.73
CA ALA B 83 -2.75 12.63 -12.26
C ALA B 83 -2.64 13.90 -13.11
N GLY B 84 -1.46 14.51 -13.12
CA GLY B 84 -1.20 15.67 -13.94
C GLY B 84 -1.61 17.01 -13.39
N GLU B 85 -1.79 17.11 -12.07
CA GLU B 85 -2.20 18.37 -11.46
C GLU B 85 -1.16 18.91 -10.47
N MET B 86 0.06 18.37 -10.55
CA MET B 86 1.16 18.73 -9.64
C MET B 86 0.92 18.20 -8.22
N ASP B 87 0.18 17.10 -8.12
CA ASP B 87 -0.04 16.40 -6.85
C ASP B 87 0.61 15.02 -6.86
N PHE B 88 1.33 14.67 -5.80
CA PHE B 88 2.11 13.42 -5.78
C PHE B 88 1.62 12.40 -4.79
N HIS B 89 0.41 12.60 -4.27
CA HIS B 89 -0.29 11.52 -3.58
C HIS B 89 -0.83 10.54 -4.61
N THR B 90 -1.27 9.37 -4.15
CA THR B 90 -1.96 8.43 -5.02
C THR B 90 -3.30 9.09 -5.42
N PRO B 91 -3.48 9.31 -6.73
CA PRO B 91 -4.60 10.15 -7.18
C PRO B 91 -5.94 9.41 -7.18
N ALA B 92 -7.02 10.17 -7.06
CA ALA B 92 -8.36 9.58 -7.05
C ALA B 92 -8.72 9.09 -8.44
N THR B 93 -8.24 9.80 -9.45
CA THR B 93 -8.64 9.53 -10.83
C THR B 93 -7.49 9.74 -11.80
N ILE B 94 -7.38 8.84 -12.76
CA ILE B 94 -6.35 8.93 -13.77
C ILE B 94 -7.00 8.76 -15.13
N VAL B 95 -6.76 9.72 -16.02
CA VAL B 95 -7.36 9.72 -17.35
C VAL B 95 -6.31 9.61 -18.44
N ARG B 96 -6.56 8.80 -19.46
CA ARG B 96 -5.66 8.68 -20.60
C ARG B 96 -6.25 9.45 -21.80
N ASN B 97 -5.51 10.42 -22.32
CA ASN B 97 -5.98 11.24 -23.43
C ASN B 97 -5.54 10.71 -24.80
N PRO B 98 -6.21 11.18 -25.87
CA PRO B 98 -5.79 10.76 -27.21
C PRO B 98 -4.29 10.98 -27.47
N ASP B 99 -3.71 12.08 -27.00
CA ASP B 99 -2.28 12.34 -27.27
C ASP B 99 -1.34 11.38 -26.52
N GLY B 100 -1.91 10.52 -25.67
CA GLY B 100 -1.14 9.52 -24.99
C GLY B 100 -0.76 9.93 -23.58
N SER B 101 -1.13 11.14 -23.18
CA SER B 101 -0.78 11.63 -21.85
C SER B 101 -1.81 11.20 -20.80
N ASN B 102 -1.43 11.27 -19.53
CA ASN B 102 -2.37 10.96 -18.47
C ASN B 102 -2.74 12.22 -17.68
N ALA B 103 -2.82 13.34 -18.39
CA ALA B 103 -3.06 14.62 -17.76
C ALA B 103 -4.53 14.93 -17.58
N LEU B 104 -4.89 15.36 -16.38
CA LEU B 104 -6.22 15.84 -16.06
C LEU B 104 -6.06 16.94 -15.03
N PHE B 105 -6.73 18.06 -15.24
CA PHE B 105 -6.69 19.16 -14.28
C PHE B 105 -8.12 19.63 -13.98
N LEU B 106 -8.68 19.13 -12.89
CA LEU B 106 -10.05 19.44 -12.53
C LEU B 106 -10.15 20.73 -11.73
N ALA B 107 -11.04 21.62 -12.17
CA ALA B 107 -11.26 22.89 -11.49
C ALA B 107 -12.74 23.05 -11.23
N TYR B 108 -13.08 23.68 -10.10
CA TYR B 108 -14.48 23.92 -9.78
C TYR B 108 -15.22 24.64 -10.91
N LYS B 109 -16.37 24.09 -11.29
CA LYS B 109 -17.22 24.65 -12.33
C LYS B 109 -18.55 25.15 -11.74
N SER B 110 -19.32 24.23 -11.14
CA SER B 110 -20.52 24.64 -10.40
C SER B 110 -21.09 23.56 -9.46
N TYR B 111 -22.27 23.83 -8.90
CA TYR B 111 -22.89 22.93 -7.93
C TYR B 111 -24.42 22.90 -8.06
N LYS B 112 -25.03 21.89 -7.45
CA LYS B 112 -26.47 21.89 -7.26
C LYS B 112 -26.86 21.12 -5.99
N ILE B 113 -27.97 21.52 -5.38
CA ILE B 113 -28.47 20.87 -4.19
C ILE B 113 -29.84 20.31 -4.47
N GLU B 114 -29.99 18.99 -4.35
CA GLU B 114 -31.26 18.33 -4.65
C GLU B 114 -31.87 17.63 -3.43
N ASP B 115 -33.18 17.44 -3.46
CA ASP B 115 -33.83 16.61 -2.44
C ASP B 115 -33.57 15.15 -2.76
N GLY B 116 -33.58 14.31 -1.74
CA GLY B 116 -33.34 12.89 -1.94
C GLY B 116 -31.95 12.62 -2.47
N LYS B 117 -31.81 11.53 -3.22
CA LYS B 117 -30.55 11.22 -3.87
C LYS B 117 -30.83 10.49 -5.17
N PRO B 118 -30.06 10.81 -6.20
CA PRO B 118 -30.29 10.18 -7.49
C PRO B 118 -29.95 8.68 -7.46
N ASP B 119 -30.66 7.92 -8.30
CA ASP B 119 -30.36 6.51 -8.50
C ASP B 119 -29.09 6.34 -9.32
N LEU B 120 -28.37 5.26 -9.07
CA LEU B 120 -27.16 4.98 -9.83
C LEU B 120 -27.45 3.89 -10.84
N LYS B 121 -27.18 4.17 -12.11
CA LYS B 121 -27.53 3.25 -13.18
C LYS B 121 -26.66 1.99 -13.13
N GLY B 122 -27.29 0.84 -13.20
CA GLY B 122 -26.60 -0.45 -13.20
C GLY B 122 -26.00 -0.84 -11.86
N LEU B 123 -26.14 0.01 -10.84
CA LEU B 123 -25.47 -0.22 -9.57
C LEU B 123 -26.43 -0.17 -8.37
N PRO B 124 -26.14 -0.96 -7.34
CA PRO B 124 -26.85 -0.85 -6.06
C PRO B 124 -26.48 0.46 -5.38
N HIS B 125 -27.38 0.99 -4.56
CA HIS B 125 -27.18 2.29 -3.93
C HIS B 125 -28.19 2.44 -2.81
N SER B 126 -27.93 3.34 -1.87
CA SER B 126 -28.90 3.64 -0.83
C SER B 126 -29.95 4.59 -1.41
N TRP B 127 -31.08 4.70 -0.73
CA TRP B 127 -32.20 5.47 -1.27
C TRP B 127 -33.01 6.14 -0.17
N THR B 128 -34.06 6.85 -0.55
CA THR B 128 -34.93 7.48 0.41
C THR B 128 -36.33 6.96 0.18
N LYS B 129 -37.13 6.96 1.24
CA LYS B 129 -38.54 6.61 1.13
C LYS B 129 -39.35 7.88 0.97
N GLU B 130 -39.03 8.87 1.80
CA GLU B 130 -39.59 10.21 1.65
C GLU B 130 -38.50 11.21 1.29
N ASP B 131 -38.70 11.95 0.21
CA ASP B 131 -37.68 12.88 -0.30
C ASP B 131 -37.13 13.86 0.73
N ASP B 132 -37.99 14.28 1.66
CA ASP B 132 -37.60 15.22 2.71
C ASP B 132 -36.55 14.67 3.67
N GLU B 133 -36.19 13.38 3.53
CA GLU B 133 -35.29 12.76 4.49
C GLU B 133 -33.80 12.93 4.15
N ALA B 134 -33.51 13.46 2.96
CA ALA B 134 -32.13 13.64 2.56
C ALA B 134 -31.93 14.74 1.52
N GLN B 135 -30.69 15.23 1.42
CA GLN B 135 -30.32 16.16 0.36
C GLN B 135 -28.98 15.75 -0.24
N THR B 136 -28.81 16.06 -1.51
CA THR B 136 -27.62 15.64 -2.21
C THR B 136 -26.96 16.84 -2.83
N LEU B 137 -25.71 17.09 -2.44
CA LEU B 137 -24.91 18.12 -3.07
C LEU B 137 -24.18 17.48 -4.22
N ILE B 138 -24.21 18.14 -5.37
CA ILE B 138 -23.42 17.68 -6.50
C ILE B 138 -22.53 18.82 -6.97
N VAL B 139 -21.23 18.68 -6.71
CA VAL B 139 -20.24 19.64 -7.18
C VAL B 139 -19.69 19.13 -8.51
N THR B 140 -19.61 20.02 -9.50
CA THR B 140 -19.09 19.64 -10.80
C THR B 140 -17.72 20.25 -11.03
N LEU B 141 -16.74 19.41 -11.34
CA LEU B 141 -15.42 19.87 -11.67
C LEU B 141 -15.21 19.63 -13.15
N GLU B 142 -14.36 20.43 -13.80
CA GLU B 142 -14.14 20.26 -15.23
C GLU B 142 -12.67 20.41 -15.59
N ASP B 143 -12.29 19.84 -16.73
CA ASP B 143 -11.01 20.11 -17.33
C ASP B 143 -11.29 20.86 -18.63
N LYS B 144 -11.08 22.17 -18.62
CA LYS B 144 -11.39 23.01 -19.77
C LYS B 144 -10.79 22.49 -21.07
N VAL B 145 -9.69 21.75 -20.99
CA VAL B 145 -9.00 21.33 -22.21
C VAL B 145 -9.56 20.04 -22.80
N SER B 146 -9.54 18.96 -22.03
CA SER B 146 -10.13 17.71 -22.48
C SER B 146 -11.67 17.76 -22.43
N LYS B 147 -12.19 18.68 -21.64
CA LYS B 147 -13.63 18.94 -21.58
C LYS B 147 -14.37 17.84 -20.87
N LEU B 148 -13.71 17.21 -19.90
CA LEU B 148 -14.37 16.20 -19.08
C LEU B 148 -14.99 16.90 -17.88
N GLU B 149 -16.09 16.36 -17.38
CA GLU B 149 -16.69 16.91 -16.18
C GLU B 149 -16.90 15.82 -15.15
N TYR B 150 -16.40 16.05 -13.95
CA TYR B 150 -16.61 15.11 -12.86
C TYR B 150 -17.69 15.63 -11.94
N ASP B 151 -18.73 14.84 -11.71
CA ASP B 151 -19.75 15.20 -10.73
C ASP B 151 -19.49 14.46 -9.44
N LEU B 152 -19.26 15.22 -8.38
CA LEU B 152 -19.05 14.66 -7.04
C LEU B 152 -20.34 14.72 -6.22
N LEU B 153 -20.86 13.54 -5.89
CA LEU B 153 -22.11 13.44 -5.13
C LEU B 153 -21.87 13.31 -3.63
N TYR B 154 -22.62 14.09 -2.86
CA TYR B 154 -22.55 14.04 -1.41
C TYR B 154 -23.98 13.98 -0.87
N THR B 155 -24.39 12.83 -0.35
CA THR B 155 -25.71 12.76 0.25
C THR B 155 -25.64 12.76 1.77
N ILE B 156 -26.57 13.49 2.40
CA ILE B 156 -26.72 13.43 3.85
C ILE B 156 -28.17 13.19 4.23
N TYR B 157 -28.41 12.15 5.02
CA TYR B 157 -29.73 11.91 5.58
C TYR B 157 -29.95 12.83 6.79
N ARG B 158 -31.20 13.18 7.03
CA ARG B 158 -31.57 14.07 8.12
C ARG B 158 -31.32 13.48 9.51
N ASP B 159 -31.43 12.17 9.66
CA ASP B 159 -31.36 11.54 10.98
C ASP B 159 -30.25 10.52 11.18
N ARG B 160 -29.22 10.55 10.34
CA ARG B 160 -28.17 9.56 10.43
C ARG B 160 -26.84 10.26 10.42
N PRO B 161 -25.81 9.65 11.04
CA PRO B 161 -24.48 10.25 11.05
C PRO B 161 -23.71 9.78 9.82
N VAL B 162 -24.29 10.00 8.64
CA VAL B 162 -23.83 9.35 7.41
C VAL B 162 -23.71 10.36 6.28
N ILE B 163 -22.54 10.40 5.64
CA ILE B 163 -22.37 11.08 4.38
C ILE B 163 -22.18 9.99 3.35
N VAL B 164 -22.84 10.12 2.19
CA VAL B 164 -22.71 9.14 1.13
C VAL B 164 -22.14 9.79 -0.13
N ARG B 165 -21.07 9.20 -0.66
CA ARG B 165 -20.35 9.80 -1.79
C ARG B 165 -20.20 8.89 -3.03
N SER B 166 -20.20 9.51 -4.20
CA SER B 166 -19.93 8.78 -5.43
C SER B 166 -19.51 9.77 -6.51
N VAL B 167 -19.03 9.26 -7.64
CA VAL B 167 -18.58 10.12 -8.71
C VAL B 167 -19.23 9.75 -10.04
N GLN B 168 -19.51 10.77 -10.84
CA GLN B 168 -20.05 10.56 -12.18
C GLN B 168 -19.20 11.36 -13.15
N VAL B 169 -18.68 10.70 -14.17
CA VAL B 169 -17.78 11.34 -15.12
C VAL B 169 -18.46 11.49 -16.47
N HIS B 170 -18.35 12.69 -17.06
CA HIS B 170 -19.00 13.04 -18.32
C HIS B 170 -17.98 13.48 -19.36
N ASN B 171 -17.96 12.83 -20.51
CA ASN B 171 -17.12 13.29 -21.61
C ASN B 171 -17.90 14.25 -22.52
N HIS B 172 -17.54 15.53 -22.49
CA HIS B 172 -18.23 16.53 -23.30
C HIS B 172 -17.39 17.00 -24.49
N GLY B 173 -16.34 16.25 -24.80
CA GLY B 173 -15.42 16.61 -25.86
C GLY B 173 -15.75 15.94 -27.17
N GLU B 174 -14.87 16.13 -28.15
CA GLU B 174 -15.08 15.60 -29.50
C GLU B 174 -14.53 14.20 -29.64
N GLU B 175 -13.60 13.83 -28.77
CA GLU B 175 -12.95 12.52 -28.84
C GLU B 175 -13.14 11.69 -27.59
N ALA B 176 -12.92 10.39 -27.72
CA ALA B 176 -12.97 9.51 -26.55
C ALA B 176 -11.79 9.73 -25.62
N VAL B 177 -11.95 9.27 -24.39
CA VAL B 177 -10.86 9.29 -23.44
C VAL B 177 -10.97 8.01 -22.63
N TYR B 178 -9.87 7.52 -22.08
CA TYR B 178 -9.94 6.33 -21.22
C TYR B 178 -9.81 6.71 -19.76
N LEU B 179 -10.63 6.10 -18.92
CA LEU B 179 -10.53 6.27 -17.47
C LEU B 179 -9.75 5.08 -16.95
N GLU B 180 -8.53 5.33 -16.45
CA GLU B 180 -7.68 4.27 -15.93
C GLU B 180 -7.89 4.14 -14.43
N LYS B 181 -8.56 5.12 -13.86
CA LYS B 181 -8.93 5.07 -12.46
C LYS B 181 -9.92 6.18 -12.12
N VAL B 182 -10.99 5.81 -11.43
CA VAL B 182 -11.93 6.79 -10.91
C VAL B 182 -12.45 6.30 -9.57
N ALA B 183 -11.94 6.91 -8.50
CA ALA B 183 -12.33 6.58 -7.14
C ALA B 183 -13.70 7.16 -6.86
N SER B 184 -14.38 6.57 -5.88
CA SER B 184 -15.70 7.02 -5.46
C SER B 184 -15.60 8.24 -4.53
N MET B 185 -14.48 8.34 -3.80
CA MET B 185 -14.29 9.46 -2.88
C MET B 185 -12.84 9.58 -2.47
N GLN B 186 -12.45 10.80 -2.15
CA GLN B 186 -11.16 11.04 -1.53
C GLN B 186 -11.41 11.87 -0.28
N MET B 187 -10.66 11.61 0.79
CA MET B 187 -10.77 12.43 1.99
C MET B 187 -9.41 12.65 2.64
N ASP B 188 -9.06 13.91 2.90
CA ASP B 188 -7.77 14.27 3.45
C ASP B 188 -7.90 14.89 4.84
N TYR B 189 -7.18 14.33 5.81
CA TYR B 189 -7.20 14.82 7.18
C TYR B 189 -5.94 15.59 7.54
N VAL B 190 -6.10 16.61 8.38
CA VAL B 190 -4.94 17.33 8.92
C VAL B 190 -4.86 17.11 10.42
N ASP B 191 -3.63 16.92 10.92
CA ASP B 191 -3.37 16.75 12.36
C ASP B 191 -4.25 15.69 13.01
N LYS B 192 -4.37 14.54 12.35
CA LYS B 192 -5.07 13.38 12.92
C LYS B 192 -4.12 12.21 13.09
N ASP B 193 -4.11 11.63 14.29
CA ASP B 193 -3.35 10.42 14.49
C ASP B 193 -4.35 9.28 14.58
N PHE B 194 -4.34 8.46 13.55
CA PHE B 194 -5.34 7.41 13.41
C PHE B 194 -4.71 6.03 13.50
N GLU B 195 -5.46 5.06 13.99
CA GLU B 195 -5.19 3.69 13.63
C GLU B 195 -6.17 3.34 12.53
N VAL B 196 -5.92 2.27 11.80
CA VAL B 196 -6.83 1.89 10.73
C VAL B 196 -7.36 0.48 10.98
N ILE B 197 -8.67 0.34 10.92
CA ILE B 197 -9.29 -0.97 11.09
C ILE B 197 -9.76 -1.53 9.76
N THR B 198 -9.38 -2.78 9.49
CA THR B 198 -9.84 -3.48 8.31
C THR B 198 -10.31 -4.89 8.70
N LEU B 199 -10.83 -5.63 7.74
CA LEU B 199 -11.34 -6.96 8.00
C LEU B 199 -10.82 -7.91 6.95
N PRO B 200 -9.56 -8.36 7.12
CA PRO B 200 -8.98 -9.34 6.18
C PRO B 200 -9.36 -10.75 6.58
N GLY B 201 -9.05 -11.70 5.70
CA GLY B 201 -9.29 -13.11 6.00
C GLY B 201 -8.82 -14.04 4.90
N ALA B 202 -9.47 -15.20 4.84
CA ALA B 202 -9.30 -16.15 3.76
C ALA B 202 -10.58 -16.98 3.72
N HIS B 203 -10.66 -17.91 2.78
CA HIS B 203 -11.80 -18.80 2.71
C HIS B 203 -11.84 -19.58 4.04
N ALA B 204 -13.05 -19.80 4.55
CA ALA B 204 -13.23 -20.45 5.85
C ALA B 204 -12.57 -19.69 7.00
N ASN B 205 -12.40 -18.39 6.83
CA ASN B 205 -11.67 -17.58 7.80
C ASN B 205 -11.87 -16.06 7.58
N GLU B 206 -13.10 -15.68 7.24
CA GLU B 206 -13.37 -14.32 6.81
C GLU B 206 -13.35 -13.28 7.94
N ARG B 207 -13.04 -12.04 7.57
CA ARG B 207 -13.28 -10.85 8.38
C ARG B 207 -12.89 -10.87 9.86
N ARG B 208 -11.62 -11.16 10.14
CA ARG B 208 -11.08 -10.92 11.47
C ARG B 208 -10.88 -9.42 11.55
N VAL B 209 -10.99 -8.85 12.74
CA VAL B 209 -10.68 -7.45 12.92
C VAL B 209 -9.16 -7.24 13.04
N GLN B 210 -8.56 -6.52 12.11
CA GLN B 210 -7.16 -6.08 12.26
C GLN B 210 -7.08 -4.56 12.43
N ARG B 211 -6.18 -4.13 13.31
CA ARG B 211 -6.03 -2.74 13.71
C ARG B 211 -4.57 -2.34 13.62
N GLU B 212 -4.26 -1.33 12.83
CA GLU B 212 -2.86 -0.95 12.58
C GLU B 212 -2.54 0.52 12.81
N ASN B 213 -1.28 0.80 13.11
CA ASN B 213 -0.81 2.17 13.03
C ASN B 213 -0.60 2.56 11.57
N ILE B 214 -0.67 3.86 11.30
CA ILE B 214 -0.45 4.38 9.97
C ILE B 214 0.87 5.14 9.93
N GLY B 215 1.82 4.61 9.16
CA GLY B 215 3.10 5.28 8.95
C GLY B 215 3.15 5.95 7.60
N GLN B 216 4.17 6.76 7.37
CA GLN B 216 4.32 7.41 6.07
C GLN B 216 4.43 6.35 4.98
N GLY B 217 3.77 6.59 3.85
CA GLY B 217 3.67 5.60 2.80
C GLY B 217 2.20 5.34 2.53
N ILE B 218 1.90 4.30 1.75
CA ILE B 218 0.53 4.01 1.36
C ILE B 218 0.16 2.60 1.72
N LYS B 219 -0.94 2.45 2.47
CA LYS B 219 -1.43 1.14 2.85
C LYS B 219 -2.62 0.83 1.94
N VAL B 220 -2.56 -0.29 1.24
CA VAL B 220 -3.62 -0.67 0.30
C VAL B 220 -4.36 -1.94 0.73
N PHE B 221 -5.68 -1.86 0.72
CA PHE B 221 -6.54 -2.99 1.05
C PHE B 221 -7.47 -3.18 -0.16
N SER B 222 -7.43 -4.36 -0.77
CA SER B 222 -8.05 -4.50 -2.08
C SER B 222 -8.40 -5.92 -2.51
N SER B 223 -9.06 -6.02 -3.67
CA SER B 223 -9.31 -7.30 -4.32
C SER B 223 -9.15 -7.23 -5.87
N TYR B 224 -8.46 -8.20 -6.47
CA TYR B 224 -8.37 -8.31 -7.93
C TYR B 224 -9.16 -9.53 -8.42
N ARG B 225 -9.87 -10.16 -7.50
CA ARG B 225 -10.53 -11.44 -7.80
C ARG B 225 -11.83 -11.32 -8.58
N GLY B 226 -12.28 -10.08 -8.83
CA GLY B 226 -13.54 -9.85 -9.50
C GLY B 226 -14.71 -9.91 -8.54
N THR B 227 -14.41 -10.17 -7.27
CA THR B 227 -15.42 -10.21 -6.22
C THR B 227 -14.93 -9.34 -5.07
N SER B 228 -15.81 -8.95 -4.16
CA SER B 228 -15.34 -8.19 -3.00
C SER B 228 -14.39 -9.03 -2.14
N SER B 229 -14.64 -10.34 -2.05
CA SER B 229 -13.63 -11.34 -1.64
C SER B 229 -13.57 -11.74 -0.16
N HIS B 230 -13.05 -12.95 0.07
CA HIS B 230 -12.83 -13.47 1.43
C HIS B 230 -11.62 -12.79 2.08
N GLN B 231 -10.70 -12.31 1.25
CA GLN B 231 -9.38 -11.92 1.74
C GLN B 231 -9.36 -10.53 2.32
N MET B 232 -10.19 -9.64 1.78
CA MET B 232 -10.23 -8.27 2.25
C MET B 232 -11.60 -7.68 1.95
N ASN B 233 -12.37 -7.45 2.99
CA ASN B 233 -13.70 -6.87 2.83
C ASN B 233 -13.59 -5.42 2.39
N PRO B 234 -14.54 -4.96 1.57
CA PRO B 234 -14.51 -3.56 1.11
C PRO B 234 -15.01 -2.63 2.22
N PHE B 235 -14.30 -2.67 3.35
CA PHE B 235 -14.60 -1.83 4.49
C PHE B 235 -13.32 -1.33 5.09
N MET B 236 -13.40 -0.19 5.77
CA MET B 236 -12.24 0.36 6.44
C MET B 236 -12.72 1.42 7.41
N ALA B 237 -12.07 1.51 8.57
CA ALA B 237 -12.36 2.57 9.53
C ALA B 237 -11.10 3.22 10.04
N LEU B 238 -11.13 4.55 10.16
CA LEU B 238 -10.06 5.26 10.83
C LEU B 238 -10.53 5.59 12.23
N VAL B 239 -9.72 5.25 13.24
CA VAL B 239 -10.08 5.53 14.62
C VAL B 239 -8.96 6.15 15.41
N ASP B 240 -9.35 6.79 16.50
CA ASP B 240 -8.43 7.33 17.49
C ASP B 240 -7.73 6.18 18.21
N HIS B 241 -6.50 6.38 18.66
CA HIS B 241 -5.78 5.31 19.37
C HIS B 241 -6.52 4.76 20.58
N ASP B 242 -7.40 5.57 21.17
CA ASP B 242 -8.12 5.20 22.39
C ASP B 242 -9.54 4.69 22.14
N THR B 243 -9.97 4.72 20.89
CA THR B 243 -11.33 4.33 20.57
C THR B 243 -11.54 2.85 20.77
N ASN B 244 -12.65 2.49 21.40
CA ASN B 244 -13.06 1.09 21.52
C ASN B 244 -14.51 0.89 21.11
N GLU B 245 -15.10 -0.22 21.54
CA GLU B 245 -16.48 -0.51 21.20
C GLU B 245 -17.45 0.54 21.75
N PHE B 246 -17.05 1.22 22.81
CA PHE B 246 -17.98 2.10 23.51
C PHE B 246 -17.66 3.58 23.51
N MET B 247 -16.40 3.93 23.27
CA MET B 247 -16.01 5.34 23.29
C MET B 247 -14.98 5.69 22.22
N GLY B 248 -14.95 6.97 21.84
CA GLY B 248 -13.93 7.47 20.92
C GLY B 248 -14.39 7.68 19.49
N GLU B 249 -13.62 8.48 18.75
CA GLU B 249 -13.90 8.77 17.35
C GLU B 249 -13.72 7.54 16.49
N ALA B 250 -14.62 7.37 15.53
CA ALA B 250 -14.46 6.34 14.50
C ALA B 250 -15.09 6.81 13.22
N TYR B 251 -14.37 6.61 12.12
CA TYR B 251 -14.88 6.91 10.79
C TYR B 251 -14.93 5.61 10.01
N GLY B 252 -16.12 5.16 9.64
CA GLY B 252 -16.25 3.96 8.83
C GLY B 252 -16.48 4.29 7.38
N PHE B 253 -15.94 3.45 6.50
CA PHE B 253 -16.07 3.61 5.07
C PHE B 253 -16.42 2.27 4.45
N ALA B 254 -17.59 2.21 3.83
CA ALA B 254 -18.09 0.97 3.27
C ALA B 254 -18.44 1.17 1.81
N LEU B 255 -17.73 0.47 0.93
CA LEU B 255 -17.94 0.60 -0.50
C LEU B 255 -19.08 -0.30 -1.00
N ALA B 256 -20.12 0.30 -1.59
CA ALA B 256 -21.24 -0.51 -2.04
C ALA B 256 -20.95 -1.07 -3.43
N TYR B 257 -20.12 -2.10 -3.47
CA TYR B 257 -19.64 -2.68 -4.72
C TYR B 257 -19.24 -4.12 -4.44
N SER B 258 -19.36 -4.99 -5.44
CA SER B 258 -19.16 -6.42 -5.23
C SER B 258 -18.03 -6.98 -6.09
N GLY B 259 -17.34 -6.08 -6.79
CA GLY B 259 -16.22 -6.49 -7.61
C GLY B 259 -14.92 -6.07 -6.96
N ASN B 260 -14.01 -5.57 -7.79
CA ASN B 260 -12.68 -5.17 -7.36
C ASN B 260 -12.67 -3.81 -6.66
N HIS B 261 -12.19 -3.80 -5.43
CA HIS B 261 -12.16 -2.57 -4.67
C HIS B 261 -10.73 -2.15 -4.32
N LYS B 262 -10.54 -0.85 -4.06
CA LYS B 262 -9.27 -0.40 -3.54
C LYS B 262 -9.47 0.72 -2.52
N PHE B 263 -9.05 0.44 -1.28
CA PHE B 263 -8.99 1.44 -0.22
C PHE B 263 -7.52 1.80 -0.04
N GLU B 264 -7.22 3.08 -0.09
CA GLU B 264 -5.85 3.52 0.09
C GLU B 264 -5.75 4.49 1.25
N VAL B 265 -4.86 4.20 2.19
CA VAL B 265 -4.62 5.09 3.31
C VAL B 265 -3.17 5.53 3.30
N GLU B 266 -2.96 6.82 3.10
CA GLU B 266 -1.63 7.37 2.90
C GLU B 266 -1.36 8.48 3.90
N ARG B 267 -0.31 8.32 4.71
CA ARG B 267 0.23 9.43 5.47
C ARG B 267 1.37 9.99 4.64
N ASP B 268 1.36 11.30 4.44
CA ASP B 268 2.32 11.93 3.56
C ASP B 268 3.47 12.60 4.32
N GLN B 269 4.28 13.34 3.56
CA GLN B 269 5.47 14.02 4.08
C GLN B 269 5.16 15.12 5.09
N PHE B 270 3.90 15.50 5.22
CA PHE B 270 3.51 16.57 6.14
C PHE B 270 2.59 16.06 7.25
N GLY B 271 2.61 14.74 7.47
CA GLY B 271 1.80 14.12 8.50
C GLY B 271 0.30 14.12 8.24
N GLN B 272 -0.09 14.46 7.02
CA GLN B 272 -1.51 14.45 6.68
C GLN B 272 -1.97 13.06 6.24
N ILE B 273 -3.27 12.78 6.40
CA ILE B 273 -3.79 11.49 6.01
C ILE B 273 -4.71 11.57 4.81
N HIS B 274 -4.28 10.92 3.73
CA HIS B 274 -4.98 10.94 2.46
C HIS B 274 -5.68 9.59 2.27
N VAL B 275 -6.98 9.60 1.99
CA VAL B 275 -7.75 8.36 1.80
C VAL B 275 -8.53 8.34 0.49
N ASN B 276 -8.37 7.24 -0.27
CA ASN B 276 -9.13 6.99 -1.51
C ASN B 276 -9.89 5.66 -1.45
N THR B 277 -11.03 5.58 -2.12
CA THR B 277 -11.78 4.33 -2.22
C THR B 277 -12.59 4.27 -3.50
N GLY B 278 -12.56 3.13 -4.16
CA GLY B 278 -13.39 2.92 -5.31
C GLY B 278 -13.10 1.59 -5.95
N ILE B 279 -13.44 1.50 -7.23
CA ILE B 279 -13.12 0.33 -8.00
C ILE B 279 -11.60 0.24 -8.08
N ASN B 280 -11.07 -0.96 -7.89
CA ASN B 280 -9.65 -1.15 -8.07
C ASN B 280 -9.28 -0.76 -9.50
N ASP B 281 -8.14 -0.10 -9.67
CA ASP B 281 -7.72 0.27 -11.02
C ASP B 281 -6.88 -0.83 -11.67
N TYR B 282 -6.69 -1.93 -10.95
CA TYR B 282 -6.05 -3.10 -11.53
C TYR B 282 -6.78 -3.55 -12.79
N ASN B 283 -6.11 -3.45 -13.93
CA ASN B 283 -6.68 -3.83 -15.21
C ASN B 283 -8.02 -3.13 -15.46
N PHE B 284 -8.09 -1.88 -15.05
CA PHE B 284 -9.26 -1.05 -15.30
C PHE B 284 -8.92 0.02 -16.33
N LYS B 285 -9.68 0.06 -17.40
CA LYS B 285 -9.48 1.05 -18.43
C LYS B 285 -10.78 1.27 -19.21
N TRP B 286 -11.58 2.21 -18.74
CA TRP B 286 -12.92 2.42 -19.28
C TRP B 286 -12.96 3.42 -20.44
N LYS B 287 -13.35 2.97 -21.62
CA LYS B 287 -13.45 3.86 -22.78
C LYS B 287 -14.70 4.73 -22.68
N LEU B 288 -14.48 6.01 -22.44
CA LEU B 288 -15.56 6.98 -22.32
C LEU B 288 -15.62 7.79 -23.60
N ASN B 289 -16.61 7.48 -24.44
CA ASN B 289 -16.78 8.16 -25.71
C ASN B 289 -17.48 9.50 -25.53
N PRO B 290 -17.31 10.39 -26.50
CA PRO B 290 -17.99 11.69 -26.46
C PRO B 290 -19.45 11.56 -26.09
N ASN B 291 -19.87 12.37 -25.12
CA ASN B 291 -21.27 12.39 -24.69
C ASN B 291 -21.71 11.17 -23.87
N GLU B 292 -20.75 10.35 -23.44
CA GLU B 292 -21.07 9.24 -22.53
C GLU B 292 -20.72 9.61 -21.10
N GLU B 293 -21.24 8.81 -20.15
CA GLU B 293 -20.93 9.00 -18.75
C GLU B 293 -20.60 7.70 -18.00
N PHE B 294 -19.82 7.84 -16.93
CA PHE B 294 -19.46 6.71 -16.10
C PHE B 294 -19.85 6.98 -14.66
N GLN B 295 -20.64 6.09 -14.06
CA GLN B 295 -21.04 6.21 -12.67
C GLN B 295 -20.26 5.23 -11.79
N THR B 296 -19.64 5.74 -10.72
CA THR B 296 -18.95 4.86 -9.77
C THR B 296 -19.94 4.32 -8.77
N PRO B 297 -19.65 3.13 -8.22
CA PRO B 297 -20.35 2.70 -7.01
C PRO B 297 -20.25 3.81 -5.96
N GLU B 298 -21.12 3.80 -4.96
CA GLU B 298 -21.04 4.81 -3.92
C GLU B 298 -20.38 4.25 -2.67
N VAL B 299 -19.93 5.15 -1.81
CA VAL B 299 -19.34 4.75 -0.53
C VAL B 299 -20.13 5.36 0.64
N LEU B 300 -20.41 4.53 1.64
CA LEU B 300 -21.10 4.94 2.86
C LEU B 300 -20.09 5.38 3.90
N MET B 301 -20.26 6.59 4.41
CA MET B 301 -19.36 7.14 5.42
C MET B 301 -20.09 7.40 6.73
N VAL B 302 -19.65 6.73 7.79
CA VAL B 302 -20.23 6.91 9.10
C VAL B 302 -19.25 7.61 10.03
N TYR B 303 -19.74 8.61 10.73
CA TYR B 303 -19.00 9.19 11.83
C TYR B 303 -19.62 8.79 13.17
N SER B 304 -18.81 8.22 14.05
CA SER B 304 -19.24 7.97 15.42
C SER B 304 -18.41 8.78 16.39
N ASP B 305 -19.06 9.31 17.42
CA ASP B 305 -18.33 9.99 18.47
C ASP B 305 -18.31 9.19 19.75
N GLN B 306 -18.92 8.01 19.74
CA GLN B 306 -18.91 7.16 20.92
C GLN B 306 -18.62 5.70 20.61
N GLY B 307 -17.49 5.42 19.97
CA GLY B 307 -17.03 4.04 19.82
C GLY B 307 -17.56 3.26 18.63
N LEU B 308 -17.01 2.06 18.44
CA LEU B 308 -17.33 1.22 17.30
C LEU B 308 -18.77 0.68 17.28
N ASN B 309 -19.32 0.32 18.44
CA ASN B 309 -20.71 -0.14 18.46
C ASN B 309 -21.65 0.85 17.80
N LYS B 310 -21.52 2.13 18.17
CA LYS B 310 -22.36 3.16 17.61
C LYS B 310 -22.14 3.28 16.09
N MET B 311 -20.88 3.37 15.67
CA MET B 311 -20.54 3.29 14.25
C MET B 311 -21.24 2.12 13.55
N SER B 312 -21.01 0.91 14.06
CA SER B 312 -21.63 -0.26 13.47
C SER B 312 -23.15 -0.10 13.34
N GLN B 313 -23.78 0.33 14.42
CA GLN B 313 -25.24 0.45 14.47
C GLN B 313 -25.79 1.39 13.40
N ALA B 314 -25.06 2.48 13.12
CA ALA B 314 -25.49 3.40 12.07
C ALA B 314 -25.42 2.69 10.73
N PHE B 315 -24.37 1.89 10.54
CA PHE B 315 -24.25 1.06 9.33
C PHE B 315 -25.38 0.04 9.28
N HIS B 316 -25.64 -0.62 10.41
CA HIS B 316 -26.72 -1.59 10.46
C HIS B 316 -28.06 -0.98 10.05
N SER B 317 -28.33 0.21 10.57
CA SER B 317 -29.61 0.85 10.39
C SER B 317 -29.78 1.33 8.94
N LEU B 318 -28.70 1.86 8.37
CA LEU B 318 -28.74 2.36 7.01
C LEU B 318 -28.94 1.25 6.00
N ILE B 319 -28.14 0.20 6.13
CA ILE B 319 -28.21 -0.95 5.22
C ILE B 319 -29.61 -1.56 5.24
N HIS B 320 -30.06 -1.87 6.45
CA HIS B 320 -31.35 -2.47 6.67
C HIS B 320 -32.55 -1.60 6.26
N GLU B 321 -32.50 -0.30 6.55
CA GLU B 321 -33.67 0.53 6.31
C GLU B 321 -33.69 1.24 4.94
N ARG B 322 -32.52 1.58 4.41
CA ARG B 322 -32.42 2.37 3.17
C ARG B 322 -31.55 1.78 2.06
N ILE B 323 -31.24 0.49 2.12
CA ILE B 323 -30.52 -0.16 1.04
C ILE B 323 -31.18 -1.45 0.62
N MET B 324 -31.28 -2.42 1.53
CA MET B 324 -31.96 -3.67 1.23
C MET B 324 -33.34 -3.35 0.68
N ARG B 325 -33.69 -3.97 -0.44
CA ARG B 325 -35.00 -3.77 -1.07
C ARG B 325 -35.93 -4.95 -0.85
N SER B 326 -35.40 -6.08 -0.40
CA SER B 326 -36.19 -7.29 -0.23
C SER B 326 -37.41 -7.08 0.67
N LYS B 327 -38.57 -7.59 0.24
CA LYS B 327 -39.75 -7.50 1.08
C LYS B 327 -39.57 -8.33 2.34
N PHE B 328 -38.57 -9.22 2.31
CA PHE B 328 -38.24 -10.05 3.47
C PHE B 328 -37.37 -9.35 4.52
N LYS B 329 -36.94 -8.12 4.26
CA LYS B 329 -35.97 -7.47 5.14
C LYS B 329 -36.46 -7.23 6.58
N ASP B 330 -37.76 -6.98 6.74
CA ASP B 330 -38.33 -6.74 8.06
C ASP B 330 -38.99 -7.99 8.61
N GLN B 331 -38.89 -9.08 7.87
CA GLN B 331 -39.57 -10.31 8.21
C GLN B 331 -38.64 -11.32 8.89
N ILE B 332 -39.15 -11.98 9.91
CA ILE B 332 -38.39 -13.02 10.59
C ILE B 332 -37.98 -14.13 9.64
N ARG B 333 -36.72 -14.55 9.77
CA ARG B 333 -36.17 -15.54 8.86
C ARG B 333 -36.39 -16.97 9.37
N PRO B 334 -36.74 -17.88 8.46
CA PRO B 334 -37.02 -19.29 8.79
C PRO B 334 -35.82 -19.99 9.40
N VAL B 335 -36.08 -20.80 10.42
CA VAL B 335 -35.07 -21.74 10.89
C VAL B 335 -35.01 -22.86 9.86
N LEU B 336 -33.93 -22.92 9.07
CA LEU B 336 -33.88 -23.87 7.96
C LEU B 336 -32.92 -25.03 8.17
N VAL B 337 -33.12 -26.08 7.38
CA VAL B 337 -32.17 -27.17 7.29
C VAL B 337 -31.67 -27.32 5.84
N ASN B 338 -30.36 -27.34 5.69
CA ASN B 338 -29.68 -27.44 4.41
C ASN B 338 -29.00 -28.81 4.35
N ASN B 339 -29.11 -29.51 3.22
CA ASN B 339 -28.55 -30.88 3.12
C ASN B 339 -27.06 -31.00 2.73
N TRP B 340 -26.35 -29.87 2.69
CA TRP B 340 -24.94 -29.86 2.25
C TRP B 340 -24.00 -30.71 3.14
N GLU B 341 -23.40 -30.10 4.16
CA GLU B 341 -22.54 -30.83 5.10
C GLU B 341 -23.17 -32.16 5.50
N ALA B 342 -24.50 -32.19 5.44
CA ALA B 342 -25.29 -33.32 5.89
C ALA B 342 -25.19 -34.52 4.96
N THR B 343 -25.20 -34.27 3.65
CA THR B 343 -25.16 -35.39 2.69
C THR B 343 -24.35 -35.16 1.41
N TYR B 344 -23.98 -33.91 1.13
CA TYR B 344 -23.25 -33.60 -0.09
C TYR B 344 -24.00 -34.11 -1.33
N PHE B 345 -23.28 -34.61 -2.33
CA PHE B 345 -23.92 -35.04 -3.58
C PHE B 345 -24.64 -36.37 -3.40
N ASP B 346 -24.44 -36.97 -2.23
CA ASP B 346 -25.03 -38.24 -1.86
C ASP B 346 -26.51 -38.08 -1.51
N PHE B 347 -27.41 -38.24 -2.49
CA PHE B 347 -28.83 -38.06 -2.19
C PHE B 347 -29.79 -38.34 -3.35
N ASN B 348 -31.07 -38.47 -3.01
CA ASN B 348 -32.14 -38.69 -3.98
C ASN B 348 -33.52 -38.34 -3.41
N GLU B 349 -34.51 -38.20 -4.28
CA GLU B 349 -35.83 -37.69 -3.89
C GLU B 349 -36.41 -38.34 -2.64
N ASP B 350 -36.07 -39.60 -2.40
CA ASP B 350 -36.67 -40.31 -1.27
C ASP B 350 -35.88 -40.20 0.03
N LYS B 351 -34.57 -40.01 -0.09
CA LYS B 351 -33.74 -39.71 1.08
C LYS B 351 -33.97 -38.27 1.53
N LEU B 352 -34.25 -37.40 0.56
CA LEU B 352 -34.60 -36.02 0.89
C LEU B 352 -35.85 -36.01 1.74
N LYS B 353 -36.90 -36.63 1.22
CA LYS B 353 -38.16 -36.75 1.96
C LYS B 353 -37.98 -37.15 3.42
N THR B 354 -36.97 -37.99 3.72
CA THR B 354 -36.76 -38.40 5.11
C THR B 354 -36.20 -37.25 5.94
N ILE B 355 -35.29 -36.47 5.36
CA ILE B 355 -34.79 -35.29 6.02
C ILE B 355 -35.93 -34.30 6.29
N VAL B 356 -36.70 -34.03 5.25
CA VAL B 356 -37.90 -33.21 5.36
C VAL B 356 -38.81 -33.69 6.50
N ASP B 357 -39.02 -35.00 6.56
CA ASP B 357 -39.87 -35.55 7.60
C ASP B 357 -39.32 -35.27 9.00
N LYS B 358 -38.04 -35.53 9.20
CA LYS B 358 -37.42 -35.24 10.48
C LYS B 358 -37.50 -33.73 10.79
N ALA B 359 -37.40 -32.90 9.75
CA ALA B 359 -37.40 -31.46 9.94
C ALA B 359 -38.72 -31.02 10.51
N LYS B 360 -39.80 -31.44 9.87
CA LYS B 360 -41.13 -31.09 10.34
C LYS B 360 -41.29 -31.44 11.83
N LYS B 361 -40.76 -32.59 12.23
CA LYS B 361 -40.87 -33.03 13.63
C LYS B 361 -40.05 -32.15 14.57
N LEU B 362 -38.93 -31.62 14.09
CA LEU B 362 -38.09 -30.78 14.93
C LEU B 362 -38.55 -29.32 14.98
N GLY B 363 -39.57 -28.99 14.18
CA GLY B 363 -40.11 -27.64 14.17
C GLY B 363 -39.36 -26.74 13.21
N LEU B 364 -38.56 -27.34 12.34
CA LEU B 364 -37.85 -26.57 11.33
C LEU B 364 -38.85 -26.05 10.30
N GLU B 365 -38.56 -24.89 9.72
CA GLU B 365 -39.55 -24.17 8.92
C GLU B 365 -39.29 -24.22 7.42
N MET B 366 -38.08 -24.58 7.05
CA MET B 366 -37.73 -24.62 5.65
C MET B 366 -36.69 -25.70 5.37
N PHE B 367 -36.78 -26.26 4.17
CA PHE B 367 -35.79 -27.22 3.71
C PHE B 367 -35.15 -26.71 2.45
N VAL B 368 -33.84 -26.53 2.48
CA VAL B 368 -33.11 -26.05 1.32
C VAL B 368 -32.43 -27.22 0.63
N LEU B 369 -32.69 -27.39 -0.67
CA LEU B 369 -31.96 -28.38 -1.46
C LEU B 369 -30.68 -27.77 -2.06
N ASP B 370 -29.53 -28.33 -1.71
CA ASP B 370 -28.23 -27.79 -2.11
C ASP B 370 -27.69 -28.45 -3.39
N ASP B 371 -26.40 -28.21 -3.67
CA ASP B 371 -25.75 -28.66 -4.89
C ASP B 371 -26.06 -30.11 -5.28
N GLY B 372 -26.29 -30.36 -6.57
CA GLY B 372 -26.38 -31.73 -7.06
C GLY B 372 -27.72 -32.16 -7.63
N TRP B 373 -28.64 -31.21 -7.78
CA TRP B 373 -30.01 -31.53 -8.17
C TRP B 373 -30.25 -31.35 -9.66
N PHE B 374 -29.27 -30.73 -10.32
CA PHE B 374 -29.36 -30.32 -11.71
C PHE B 374 -28.35 -31.09 -12.58
N GLY B 375 -28.44 -30.93 -13.90
CA GLY B 375 -27.46 -31.51 -14.81
C GLY B 375 -27.24 -32.99 -14.59
N HIS B 376 -26.00 -33.44 -14.69
CA HIS B 376 -25.65 -34.75 -14.19
C HIS B 376 -24.74 -34.59 -12.99
N ARG B 377 -25.08 -33.60 -12.15
CA ARG B 377 -24.21 -33.16 -11.06
C ARG B 377 -24.03 -34.20 -9.97
N ASP B 378 -23.05 -35.08 -10.14
CA ASP B 378 -22.73 -36.09 -9.11
C ASP B 378 -21.52 -35.71 -8.26
N ASP B 379 -20.86 -34.62 -8.66
CA ASP B 379 -19.75 -34.03 -7.92
C ASP B 379 -19.44 -32.66 -8.51
N ASP B 380 -18.34 -32.05 -8.09
CA ASP B 380 -18.00 -30.72 -8.58
C ASP B 380 -17.13 -30.74 -9.84
N ASN B 381 -17.35 -31.73 -10.71
CA ASN B 381 -16.56 -31.83 -11.93
C ASN B 381 -17.38 -31.71 -13.21
N SER B 382 -18.65 -31.34 -13.09
CA SER B 382 -19.53 -31.22 -14.25
C SER B 382 -20.75 -30.35 -14.01
N SER B 383 -21.48 -30.06 -15.10
CA SER B 383 -22.89 -29.67 -15.02
C SER B 383 -23.23 -28.19 -14.70
N LEU B 384 -22.26 -27.42 -14.21
CA LEU B 384 -22.55 -26.00 -13.99
C LEU B 384 -22.93 -25.37 -15.33
N GLY B 385 -24.12 -24.77 -15.38
CA GLY B 385 -24.61 -24.18 -16.61
C GLY B 385 -25.78 -24.95 -17.21
N ASP B 386 -26.02 -26.14 -16.67
CA ASP B 386 -27.19 -26.95 -17.03
C ASP B 386 -28.25 -26.94 -15.93
N TRP B 387 -29.04 -25.87 -15.87
CA TRP B 387 -30.01 -25.69 -14.80
C TRP B 387 -31.36 -26.32 -15.12
N LYS B 388 -31.31 -27.62 -15.40
CA LYS B 388 -32.48 -28.47 -15.55
C LYS B 388 -32.42 -29.54 -14.48
N VAL B 389 -33.57 -30.02 -14.03
CA VAL B 389 -33.57 -31.03 -12.98
C VAL B 389 -32.86 -32.33 -13.44
N TYR B 390 -32.08 -32.89 -12.53
CA TYR B 390 -31.39 -34.15 -12.75
C TYR B 390 -32.37 -35.30 -12.49
N LYS B 391 -32.99 -35.80 -13.56
CA LYS B 391 -34.10 -36.75 -13.43
C LYS B 391 -33.75 -38.02 -12.66
N LYS B 392 -32.56 -38.59 -12.90
CA LYS B 392 -32.13 -39.75 -12.13
C LYS B 392 -32.44 -39.54 -10.65
N LYS B 393 -32.26 -38.31 -10.19
CA LYS B 393 -32.45 -37.97 -8.78
C LYS B 393 -33.87 -37.53 -8.44
N PHE B 394 -34.61 -37.05 -9.42
CA PHE B 394 -36.00 -36.66 -9.18
C PHE B 394 -36.89 -37.26 -10.24
N PRO B 395 -37.14 -38.56 -10.13
CA PRO B 395 -37.87 -39.35 -11.12
C PRO B 395 -39.14 -38.66 -11.55
N ASN B 396 -39.81 -37.98 -10.63
CA ASN B 396 -41.08 -37.32 -10.92
C ASN B 396 -40.95 -35.82 -11.16
N GLY B 397 -39.72 -35.35 -11.30
CA GLY B 397 -39.49 -33.94 -11.53
C GLY B 397 -39.42 -33.19 -10.22
N LEU B 398 -38.81 -32.02 -10.26
CA LEU B 398 -38.52 -31.25 -9.05
C LEU B 398 -39.80 -30.71 -8.42
N GLY B 399 -40.76 -30.35 -9.25
CA GLY B 399 -42.02 -29.77 -8.79
C GLY B 399 -42.80 -30.74 -7.92
N HIS B 400 -42.66 -32.03 -8.22
CA HIS B 400 -43.27 -33.07 -7.42
C HIS B 400 -42.68 -32.97 -6.01
N PHE B 401 -41.35 -32.99 -5.93
CA PHE B 401 -40.69 -32.96 -4.63
C PHE B 401 -40.97 -31.68 -3.85
N ALA B 402 -41.00 -30.55 -4.56
CA ALA B 402 -41.31 -29.27 -3.91
C ALA B 402 -42.68 -29.35 -3.25
N ASP B 403 -43.65 -29.91 -3.98
CA ASP B 403 -45.01 -30.07 -3.46
C ASP B 403 -45.05 -30.86 -2.14
N TYR B 404 -44.20 -31.87 -2.04
CA TYR B 404 -44.09 -32.68 -0.83
C TYR B 404 -43.68 -31.83 0.36
N VAL B 405 -42.58 -31.11 0.21
CA VAL B 405 -42.09 -30.18 1.22
C VAL B 405 -43.24 -29.27 1.69
N HIS B 406 -43.97 -28.70 0.74
CA HIS B 406 -45.08 -27.81 1.07
C HIS B 406 -46.19 -28.54 1.80
N GLU B 407 -46.32 -29.84 1.53
CA GLU B 407 -47.29 -30.68 2.22
C GLU B 407 -46.93 -30.78 3.70
N GLN B 408 -45.66 -31.04 3.97
CA GLN B 408 -45.18 -31.19 5.33
C GLN B 408 -45.25 -29.88 6.11
N GLY B 409 -45.58 -28.79 5.43
CA GLY B 409 -45.67 -27.50 6.08
C GLY B 409 -44.38 -26.68 6.07
N LEU B 410 -43.43 -27.08 5.24
CA LEU B 410 -42.16 -26.34 5.15
C LEU B 410 -42.06 -25.56 3.84
N LYS B 411 -41.44 -24.38 3.92
CA LYS B 411 -41.02 -23.68 2.71
C LYS B 411 -39.91 -24.48 2.02
N PHE B 412 -39.70 -24.24 0.73
CA PHE B 412 -38.69 -24.97 -0.02
C PHE B 412 -37.62 -24.05 -0.62
N GLY B 413 -36.35 -24.40 -0.42
CA GLY B 413 -35.26 -23.60 -0.94
C GLY B 413 -34.42 -24.34 -1.96
N LEU B 414 -33.82 -23.62 -2.88
CA LEU B 414 -32.98 -24.25 -3.92
C LEU B 414 -31.67 -23.49 -4.18
N TRP B 415 -30.59 -24.25 -4.33
CA TRP B 415 -29.24 -23.74 -4.58
C TRP B 415 -29.01 -23.55 -6.08
N PHE B 416 -28.44 -22.41 -6.45
CA PHE B 416 -28.00 -22.14 -7.82
C PHE B 416 -26.58 -21.56 -7.81
N GLU B 417 -25.86 -21.74 -8.92
CA GLU B 417 -24.60 -21.07 -9.15
C GLU B 417 -24.57 -20.55 -10.58
N PRO B 418 -25.35 -19.50 -10.86
CA PRO B 418 -25.65 -19.08 -12.23
C PRO B 418 -24.48 -18.48 -12.99
N GLU B 419 -23.40 -18.09 -12.31
CA GLU B 419 -22.30 -17.40 -12.98
C GLU B 419 -21.26 -18.35 -13.57
N MET B 420 -21.44 -19.65 -13.32
CA MET B 420 -20.37 -20.61 -13.57
C MET B 420 -20.69 -21.60 -14.68
N ILE B 421 -19.63 -22.25 -15.18
CA ILE B 421 -19.79 -23.25 -16.23
C ILE B 421 -18.69 -24.31 -16.15
N SER B 422 -19.06 -25.57 -16.37
CA SER B 422 -18.08 -26.63 -16.46
C SER B 422 -17.79 -26.97 -17.93
N TYR B 423 -16.56 -27.43 -18.21
CA TYR B 423 -16.22 -27.97 -19.53
C TYR B 423 -17.21 -29.09 -19.84
N GLU B 424 -17.44 -29.93 -18.84
CA GLU B 424 -18.42 -31.02 -18.93
C GLU B 424 -19.81 -30.54 -18.59
N SER B 425 -20.46 -29.92 -19.57
CA SER B 425 -21.82 -29.43 -19.41
C SER B 425 -22.43 -29.30 -20.79
N ASN B 426 -23.75 -29.36 -20.85
CA ASN B 426 -24.43 -29.15 -22.11
C ASN B 426 -24.24 -27.71 -22.59
N LEU B 427 -24.15 -26.78 -21.64
CA LEU B 427 -23.92 -25.38 -22.00
C LEU B 427 -22.61 -25.21 -22.75
N TYR B 428 -21.51 -25.77 -22.24
CA TYR B 428 -20.23 -25.61 -22.93
C TYR B 428 -20.21 -26.32 -24.29
N LYS B 429 -21.04 -27.35 -24.43
CA LYS B 429 -21.13 -28.05 -25.71
C LYS B 429 -21.87 -27.22 -26.74
N GLU B 430 -22.96 -26.58 -26.32
CA GLU B 430 -23.69 -25.69 -27.20
C GLU B 430 -23.00 -24.34 -27.41
N HIS B 431 -22.48 -23.76 -26.32
CA HIS B 431 -21.94 -22.39 -26.40
C HIS B 431 -20.57 -22.23 -25.75
N PRO B 432 -19.54 -22.82 -26.36
CA PRO B 432 -18.17 -22.80 -25.84
C PRO B 432 -17.65 -21.39 -25.58
N ASP B 433 -18.08 -20.45 -26.39
CA ASP B 433 -17.60 -19.07 -26.29
C ASP B 433 -18.19 -18.34 -25.08
N TYR B 434 -19.07 -19.00 -24.34
CA TYR B 434 -19.70 -18.39 -23.14
C TYR B 434 -18.74 -18.40 -21.96
N LEU B 435 -17.67 -19.19 -22.12
CA LEU B 435 -16.67 -19.41 -21.07
C LEU B 435 -15.59 -18.35 -21.13
N MET B 436 -15.40 -17.64 -20.02
CA MET B 436 -14.45 -16.53 -19.97
C MET B 436 -13.01 -17.03 -20.01
N HIS B 437 -12.32 -16.73 -21.10
CA HIS B 437 -10.92 -17.08 -21.25
C HIS B 437 -10.31 -16.08 -22.23
N VAL B 438 -8.99 -16.06 -22.31
CA VAL B 438 -8.34 -15.23 -23.31
C VAL B 438 -8.15 -16.11 -24.55
N PRO B 439 -8.86 -15.77 -25.64
CA PRO B 439 -8.79 -16.59 -26.85
C PRO B 439 -7.34 -16.98 -27.11
N GLY B 440 -7.06 -18.28 -27.26
CA GLY B 440 -5.71 -18.75 -27.53
C GLY B 440 -4.90 -19.15 -26.30
N ARG B 441 -5.51 -19.04 -25.13
CA ARG B 441 -4.85 -19.44 -23.89
C ARG B 441 -5.76 -20.35 -23.07
N LYS B 442 -5.23 -21.48 -22.62
CA LYS B 442 -6.00 -22.35 -21.76
C LYS B 442 -6.21 -21.66 -20.42
N PRO B 443 -7.48 -21.50 -20.02
CA PRO B 443 -7.76 -20.76 -18.78
C PRO B 443 -7.39 -21.60 -17.57
N CYS B 444 -7.14 -20.93 -16.45
CA CYS B 444 -6.87 -21.63 -15.21
C CYS B 444 -8.17 -22.10 -14.56
N PRO B 445 -8.23 -23.39 -14.19
CA PRO B 445 -9.40 -23.92 -13.50
C PRO B 445 -9.35 -23.60 -12.00
N SER B 446 -10.52 -23.61 -11.37
CA SER B 446 -10.63 -23.43 -9.93
C SER B 446 -11.86 -24.23 -9.52
N ARG B 447 -11.69 -25.11 -8.54
CA ARG B 447 -12.69 -26.16 -8.30
C ARG B 447 -13.12 -26.75 -9.64
N ASN B 448 -12.16 -26.93 -10.55
CA ASN B 448 -12.41 -27.50 -11.87
C ASN B 448 -13.63 -26.94 -12.60
N GLN B 449 -13.84 -25.62 -12.48
CA GLN B 449 -14.93 -24.91 -13.16
C GLN B 449 -14.41 -23.58 -13.71
N TYR B 450 -15.24 -22.90 -14.50
CA TYR B 450 -14.86 -21.63 -15.12
C TYR B 450 -15.97 -20.58 -14.99
N VAL B 451 -15.66 -19.35 -15.34
CA VAL B 451 -16.61 -18.27 -15.24
C VAL B 451 -17.31 -17.97 -16.58
N LEU B 452 -18.58 -17.59 -16.54
CA LEU B 452 -19.31 -17.20 -17.73
C LEU B 452 -19.06 -15.72 -18.03
N GLU B 453 -19.09 -15.37 -19.31
CA GLU B 453 -18.94 -13.98 -19.71
C GLU B 453 -20.23 -13.22 -19.49
N LEU B 454 -20.53 -12.92 -18.24
CA LEU B 454 -21.75 -12.20 -17.88
C LEU B 454 -21.79 -10.78 -18.41
N GLY B 455 -20.65 -10.28 -18.90
CA GLY B 455 -20.64 -8.99 -19.58
C GLY B 455 -21.55 -8.98 -20.82
N ARG B 456 -21.74 -10.14 -21.43
CA ARG B 456 -22.59 -10.27 -22.62
C ARG B 456 -24.06 -10.59 -22.32
N LYS B 457 -24.96 -9.82 -22.93
CA LYS B 457 -26.39 -10.01 -22.78
C LYS B 457 -26.84 -11.43 -23.14
N GLU B 458 -26.30 -11.98 -24.22
CA GLU B 458 -26.76 -13.30 -24.65
C GLU B 458 -26.44 -14.38 -23.64
N VAL B 459 -25.31 -14.25 -22.94
CA VAL B 459 -24.94 -15.19 -21.92
C VAL B 459 -25.92 -15.05 -20.75
N ARG B 460 -26.13 -13.81 -20.32
CA ARG B 460 -27.05 -13.52 -19.23
C ARG B 460 -28.47 -13.99 -19.55
N ASP B 461 -28.94 -13.71 -20.77
CA ASP B 461 -30.26 -14.14 -21.20
C ASP B 461 -30.43 -15.66 -21.04
N ASN B 462 -29.41 -16.40 -21.47
CA ASN B 462 -29.48 -17.86 -21.42
C ASN B 462 -29.69 -18.39 -20.02
N ILE B 463 -28.93 -17.86 -19.06
CA ILE B 463 -29.06 -18.31 -17.67
C ILE B 463 -30.41 -17.90 -17.12
N PHE B 464 -30.80 -16.67 -17.38
CA PHE B 464 -32.05 -16.12 -16.90
C PHE B 464 -33.25 -16.97 -17.31
N GLU B 465 -33.25 -17.44 -18.56
CA GLU B 465 -34.35 -18.23 -19.07
C GLU B 465 -34.34 -19.64 -18.49
N GLN B 466 -33.16 -20.19 -18.26
CA GLN B 466 -33.11 -21.47 -17.59
C GLN B 466 -33.75 -21.34 -16.23
N MET B 467 -33.39 -20.29 -15.51
CA MET B 467 -33.88 -20.15 -14.15
C MET B 467 -35.38 -19.85 -14.13
N VAL B 468 -35.85 -19.03 -15.07
CA VAL B 468 -37.28 -18.76 -15.14
C VAL B 468 -38.09 -20.06 -15.35
N LYS B 469 -37.55 -20.99 -16.14
CA LYS B 469 -38.21 -22.28 -16.38
C LYS B 469 -38.42 -23.04 -15.08
N ILE B 470 -37.51 -22.86 -14.14
CA ILE B 470 -37.58 -23.56 -12.87
C ILE B 470 -38.52 -22.83 -11.91
N LEU B 471 -38.52 -21.51 -11.96
CA LEU B 471 -39.06 -20.70 -10.88
C LEU B 471 -40.48 -20.19 -11.09
N ASP B 472 -40.88 -20.07 -12.35
CA ASP B 472 -42.16 -19.44 -12.70
C ASP B 472 -43.44 -20.05 -12.09
N SER B 473 -43.40 -21.32 -11.71
CA SER B 473 -44.56 -21.92 -11.08
C SER B 473 -44.56 -21.65 -9.58
N LYS B 474 -43.66 -20.78 -9.13
CA LYS B 474 -43.60 -20.38 -7.72
C LYS B 474 -43.67 -21.55 -6.75
N LYS B 475 -42.78 -22.52 -6.89
CA LYS B 475 -42.68 -23.60 -5.90
C LYS B 475 -41.40 -23.50 -5.08
N ILE B 476 -40.54 -22.56 -5.45
CA ILE B 476 -39.34 -22.26 -4.70
C ILE B 476 -39.55 -20.97 -3.89
N ASP B 477 -39.41 -21.06 -2.56
CA ASP B 477 -39.61 -19.91 -1.68
C ASP B 477 -38.29 -19.23 -1.31
N TYR B 478 -37.19 -19.81 -1.77
CA TYR B 478 -35.87 -19.46 -1.29
C TYR B 478 -34.81 -19.92 -2.30
N ILE B 479 -33.84 -19.05 -2.55
CA ILE B 479 -32.75 -19.37 -3.44
C ILE B 479 -31.43 -19.06 -2.76
N LYS B 480 -30.51 -20.01 -2.80
CA LYS B 480 -29.16 -19.80 -2.34
C LYS B 480 -28.32 -19.64 -3.59
N TRP B 481 -27.86 -18.42 -3.81
CA TRP B 481 -27.09 -18.11 -4.99
C TRP B 481 -25.61 -18.20 -4.64
N ASP B 482 -24.95 -19.27 -5.07
CA ASP B 482 -23.57 -19.51 -4.69
C ASP B 482 -22.62 -19.10 -5.82
N MET B 483 -21.33 -19.07 -5.54
CA MET B 483 -20.31 -18.59 -6.48
C MET B 483 -18.92 -19.03 -5.99
N ASN B 484 -18.33 -20.04 -6.62
CA ASN B 484 -17.24 -20.75 -5.96
C ASN B 484 -15.79 -20.57 -6.44
N ARG B 485 -15.55 -19.58 -7.32
CA ARG B 485 -14.18 -19.26 -7.71
C ARG B 485 -14.03 -17.79 -8.05
N SER B 486 -12.79 -17.33 -8.03
CA SER B 486 -12.46 -15.97 -8.41
C SER B 486 -12.32 -15.93 -9.92
N LEU B 487 -12.23 -14.73 -10.46
CA LEU B 487 -11.99 -14.55 -11.88
C LEU B 487 -10.48 -14.49 -12.12
N SER B 488 -9.98 -15.29 -13.06
CA SER B 488 -8.54 -15.30 -13.33
C SER B 488 -8.19 -14.98 -14.77
N ASP B 489 -9.05 -15.34 -15.72
CA ASP B 489 -8.75 -15.12 -17.13
C ASP B 489 -9.58 -13.99 -17.73
N ILE B 490 -9.10 -12.77 -17.58
CA ILE B 490 -9.95 -11.58 -17.73
C ILE B 490 -10.13 -11.13 -19.19
N TYR B 491 -11.29 -11.43 -19.75
CA TYR B 491 -11.57 -11.10 -21.15
C TYR B 491 -13.07 -11.08 -21.39
N GLU B 492 -13.50 -10.24 -22.33
CA GLU B 492 -14.86 -10.31 -22.85
C GLU B 492 -14.77 -10.36 -24.38
N SER B 493 -15.24 -11.47 -24.95
CA SER B 493 -14.97 -11.80 -26.35
C SER B 493 -15.59 -10.85 -27.36
N ASP B 494 -16.66 -10.17 -26.97
CA ASP B 494 -17.33 -9.26 -27.90
C ASP B 494 -16.78 -7.83 -27.85
N LEU B 495 -15.74 -7.60 -27.05
CA LEU B 495 -15.19 -6.25 -26.94
C LEU B 495 -13.96 -6.06 -27.83
N PRO B 496 -13.84 -4.87 -28.43
CA PRO B 496 -12.58 -4.47 -29.07
C PRO B 496 -11.38 -4.61 -28.11
N ALA B 497 -10.19 -4.83 -28.68
CA ALA B 497 -9.01 -4.99 -27.86
C ALA B 497 -8.83 -3.83 -26.87
N ASP B 498 -9.12 -2.62 -27.33
CA ASP B 498 -8.92 -1.45 -26.48
C ASP B 498 -9.99 -1.26 -25.40
N GLN B 499 -10.93 -2.19 -25.31
CA GLN B 499 -11.92 -2.12 -24.23
C GLN B 499 -11.79 -3.29 -23.28
N GLN B 500 -10.69 -4.01 -23.37
CA GLN B 500 -10.56 -5.19 -22.52
C GLN B 500 -10.36 -4.81 -21.04
N GLY B 501 -10.07 -3.54 -20.82
CA GLY B 501 -9.96 -3.00 -19.47
C GLY B 501 -11.32 -2.76 -18.84
N GLU B 502 -12.37 -3.07 -19.59
CA GLU B 502 -13.74 -2.94 -19.10
C GLU B 502 -14.31 -4.27 -18.61
N ALA B 503 -13.59 -5.37 -18.89
CA ALA B 503 -14.08 -6.71 -18.55
C ALA B 503 -14.46 -6.92 -17.07
N TYR B 504 -13.57 -6.58 -16.13
CA TYR B 504 -13.89 -6.72 -14.69
C TYR B 504 -15.21 -6.03 -14.32
N HIS B 505 -15.29 -4.73 -14.57
CA HIS B 505 -16.47 -3.94 -14.19
C HIS B 505 -17.72 -4.39 -14.95
N ARG B 506 -17.55 -4.78 -16.21
CA ARG B 506 -18.67 -5.27 -16.98
C ARG B 506 -19.22 -6.56 -16.43
N TYR B 507 -18.33 -7.45 -15.98
CA TYR B 507 -18.76 -8.67 -15.32
C TYR B 507 -19.66 -8.33 -14.12
N VAL B 508 -19.22 -7.42 -13.27
CA VAL B 508 -20.03 -7.07 -12.09
C VAL B 508 -21.35 -6.43 -12.49
N LEU B 509 -21.31 -5.51 -13.47
CA LEU B 509 -22.52 -4.86 -13.91
C LEU B 509 -23.49 -5.90 -14.46
N GLY B 510 -22.95 -6.89 -15.17
CA GLY B 510 -23.76 -7.94 -15.76
C GLY B 510 -24.32 -8.81 -14.67
N TYR B 511 -23.51 -9.06 -13.64
CA TYR B 511 -23.96 -9.79 -12.48
C TYR B 511 -25.10 -9.03 -11.82
N TYR B 512 -24.96 -7.71 -11.68
CA TYR B 512 -26.01 -6.90 -11.09
C TYR B 512 -27.28 -6.91 -11.95
N ASP B 513 -27.13 -6.96 -13.26
CA ASP B 513 -28.27 -6.91 -14.14
C ASP B 513 -29.10 -8.18 -13.97
N LEU B 514 -28.41 -9.32 -14.04
CA LEU B 514 -29.08 -10.61 -13.97
C LEU B 514 -29.70 -10.78 -12.60
N LEU B 515 -28.94 -10.46 -11.57
CA LEU B 515 -29.41 -10.64 -10.20
C LEU B 515 -30.62 -9.75 -9.96
N ASN B 516 -30.56 -8.53 -10.48
CA ASN B 516 -31.65 -7.58 -10.29
C ASN B 516 -32.93 -8.04 -10.96
N LYS B 517 -32.79 -8.66 -12.13
CA LYS B 517 -33.92 -9.21 -12.87
C LYS B 517 -34.67 -10.25 -12.02
N LEU B 518 -33.93 -11.26 -11.59
CA LEU B 518 -34.49 -12.34 -10.80
C LEU B 518 -35.14 -11.83 -9.52
N VAL B 519 -34.43 -10.97 -8.79
CA VAL B 519 -34.93 -10.46 -7.53
C VAL B 519 -36.18 -9.62 -7.75
N THR B 520 -36.22 -8.93 -8.88
CA THR B 520 -37.35 -8.07 -9.23
C THR B 520 -38.55 -8.92 -9.66
N ARG B 521 -38.28 -9.93 -10.48
CA ARG B 521 -39.29 -10.86 -10.97
C ARG B 521 -39.87 -11.76 -9.87
N TYR B 522 -39.05 -12.16 -8.90
CA TYR B 522 -39.54 -13.02 -7.84
C TYR B 522 -39.38 -12.38 -6.47
N PRO B 523 -40.13 -11.29 -6.24
CA PRO B 523 -40.01 -10.50 -4.99
C PRO B 523 -40.44 -11.31 -3.78
N ASP B 524 -41.15 -12.41 -3.99
CA ASP B 524 -41.65 -13.18 -2.86
C ASP B 524 -40.72 -14.37 -2.57
N ILE B 525 -39.57 -14.38 -3.23
CA ILE B 525 -38.53 -15.37 -2.94
C ILE B 525 -37.47 -14.78 -2.03
N LEU B 526 -37.14 -15.49 -0.97
CA LEU B 526 -36.07 -15.09 -0.07
C LEU B 526 -34.73 -15.48 -0.68
N PHE B 527 -33.98 -14.49 -1.14
CA PHE B 527 -32.65 -14.70 -1.69
C PHE B 527 -31.58 -14.64 -0.61
N GLU B 528 -30.76 -15.70 -0.54
CA GLU B 528 -29.56 -15.72 0.28
C GLU B 528 -28.31 -15.83 -0.61
N GLY B 529 -27.41 -14.86 -0.44
CA GLY B 529 -26.19 -14.82 -1.22
C GLY B 529 -25.15 -15.75 -0.66
N CYS B 530 -24.23 -16.16 -1.51
CA CYS B 530 -23.18 -17.06 -1.09
C CYS B 530 -22.03 -16.99 -2.08
N SER B 531 -20.81 -17.15 -1.56
CA SER B 531 -19.67 -17.26 -2.44
C SER B 531 -18.63 -18.07 -1.68
N GLY B 532 -18.79 -19.38 -1.71
CA GLY B 532 -17.96 -20.25 -0.91
C GLY B 532 -17.82 -19.64 0.47
N GLY B 533 -18.96 -19.33 1.08
CA GLY B 533 -18.98 -18.55 2.30
C GLY B 533 -19.24 -17.07 2.01
N GLY B 534 -18.57 -16.20 2.78
CA GLY B 534 -18.72 -14.76 2.60
C GLY B 534 -17.67 -14.15 1.68
N GLY B 535 -17.50 -14.75 0.51
CA GLY B 535 -16.58 -14.23 -0.49
C GLY B 535 -17.14 -13.04 -1.23
N ARG B 536 -18.41 -12.71 -0.97
CA ARG B 536 -19.05 -11.54 -1.57
C ARG B 536 -20.02 -10.92 -0.58
N PHE B 537 -19.48 -10.54 0.57
CA PHE B 537 -20.26 -10.03 1.68
C PHE B 537 -20.09 -8.51 1.75
N ASP B 538 -20.85 -7.78 0.95
CA ASP B 538 -20.67 -6.34 0.92
C ASP B 538 -22.01 -5.59 0.87
N VAL B 539 -21.96 -4.26 1.03
CA VAL B 539 -23.16 -3.45 1.10
C VAL B 539 -23.93 -3.48 -0.23
N GLY B 540 -23.21 -3.65 -1.33
CA GLY B 540 -23.85 -3.67 -2.62
C GLY B 540 -24.64 -4.95 -2.79
N GLN B 541 -24.19 -6.02 -2.14
CA GLN B 541 -24.86 -7.30 -2.23
C GLN B 541 -26.14 -7.26 -1.39
N ALA B 542 -26.11 -6.51 -0.29
CA ALA B 542 -27.27 -6.35 0.58
C ALA B 542 -28.48 -5.84 -0.19
N TYR B 543 -28.24 -4.93 -1.12
CA TYR B 543 -29.28 -4.35 -1.95
C TYR B 543 -30.17 -5.41 -2.62
N TYR B 544 -29.56 -6.53 -3.02
CA TYR B 544 -30.28 -7.62 -3.70
C TYR B 544 -30.71 -8.78 -2.79
N THR B 545 -29.78 -9.26 -1.97
CA THR B 545 -30.02 -10.39 -1.06
C THR B 545 -29.93 -9.95 0.40
N PRO B 546 -31.02 -10.13 1.15
CA PRO B 546 -31.14 -9.63 2.52
C PRO B 546 -30.32 -10.43 3.54
N GLN B 547 -29.83 -11.60 3.13
CA GLN B 547 -28.97 -12.41 3.99
C GLN B 547 -27.90 -13.16 3.19
N ILE B 548 -26.81 -13.50 3.87
CA ILE B 548 -25.66 -14.07 3.21
C ILE B 548 -25.03 -15.14 4.09
N TRP B 549 -24.61 -16.22 3.45
CA TRP B 549 -23.85 -17.26 4.13
C TRP B 549 -22.46 -16.71 4.54
N ALA B 550 -22.29 -16.49 5.84
CA ALA B 550 -21.13 -15.77 6.35
C ALA B 550 -19.80 -16.46 6.05
N SER B 551 -19.80 -17.80 6.08
CA SER B 551 -18.56 -18.55 5.99
C SER B 551 -18.80 -20.04 5.87
N ASP B 552 -17.98 -20.73 5.08
CA ASP B 552 -18.01 -22.19 5.02
C ASP B 552 -17.48 -22.76 6.32
N ASN B 553 -16.84 -21.90 7.12
CA ASN B 553 -16.39 -22.31 8.44
C ASN B 553 -17.55 -22.32 9.43
N THR B 554 -17.95 -23.50 9.88
CA THR B 554 -19.08 -23.62 10.79
C THR B 554 -18.69 -24.03 12.19
N ASP B 555 -17.39 -24.00 12.48
CA ASP B 555 -16.93 -24.22 13.85
C ASP B 555 -17.39 -23.07 14.74
N ALA B 556 -18.03 -23.41 15.86
CA ALA B 556 -18.56 -22.39 16.76
C ALA B 556 -17.53 -21.35 17.17
N ILE B 557 -16.31 -21.81 17.46
CA ILE B 557 -15.28 -20.96 18.02
C ILE B 557 -14.67 -20.02 16.98
N GLU B 558 -14.41 -20.53 15.77
CA GLU B 558 -13.89 -19.68 14.68
C GLU B 558 -14.97 -18.75 14.08
N ARG B 559 -16.23 -19.15 14.19
CA ARG B 559 -17.33 -18.27 13.82
C ARG B 559 -17.43 -17.10 14.78
N LEU B 560 -16.90 -17.23 16.00
CA LEU B 560 -16.93 -16.09 16.92
C LEU B 560 -16.24 -14.88 16.29
N LYS B 561 -14.98 -15.02 15.90
CA LYS B 561 -14.30 -13.86 15.31
C LYS B 561 -14.83 -13.52 13.91
N ILE B 562 -15.25 -14.53 13.15
CA ILE B 562 -15.83 -14.25 11.84
C ILE B 562 -17.10 -13.42 11.98
N GLN B 563 -17.96 -13.80 12.91
CA GLN B 563 -19.23 -13.09 13.11
C GLN B 563 -19.04 -11.74 13.81
N TYR B 564 -18.13 -11.71 14.77
CA TYR B 564 -17.74 -10.47 15.43
C TYR B 564 -17.30 -9.44 14.39
N GLY B 565 -16.31 -9.80 13.58
CA GLY B 565 -15.82 -8.94 12.53
C GLY B 565 -16.88 -8.54 11.52
N THR B 566 -17.73 -9.47 11.15
CA THR B 566 -18.79 -9.19 10.20
C THR B 566 -19.73 -8.12 10.74
N SER B 567 -20.03 -8.18 12.03
CA SER B 567 -20.99 -7.27 12.64
C SER B 567 -20.44 -5.84 12.72
N LEU B 568 -19.18 -5.67 12.36
CA LEU B 568 -18.58 -4.35 12.36
C LEU B 568 -19.27 -3.44 11.34
N VAL B 569 -19.68 -4.03 10.22
CA VAL B 569 -20.38 -3.31 9.18
C VAL B 569 -21.82 -3.78 9.00
N TYR B 570 -22.03 -5.10 9.06
CA TYR B 570 -23.29 -5.68 8.60
C TYR B 570 -24.27 -6.11 9.69
N PRO B 571 -25.53 -5.70 9.57
CA PRO B 571 -26.55 -6.06 10.55
C PRO B 571 -26.63 -7.58 10.68
N GLN B 572 -26.93 -8.09 11.86
CA GLN B 572 -26.88 -9.55 12.07
C GLN B 572 -27.90 -10.35 11.23
N SER B 573 -29.03 -9.73 10.86
CA SER B 573 -30.04 -10.45 10.08
C SER B 573 -29.53 -10.76 8.68
N MET B 574 -28.36 -10.23 8.36
CA MET B 574 -27.79 -10.35 7.05
C MET B 574 -26.81 -11.52 7.02
N MET B 575 -26.50 -12.07 8.18
CA MET B 575 -25.61 -13.22 8.20
C MET B 575 -26.31 -14.50 8.67
N THR B 576 -26.10 -15.58 7.95
CA THR B 576 -26.70 -16.85 8.35
C THR B 576 -25.64 -17.71 9.00
N SER B 577 -26.06 -18.52 9.96
CA SER B 577 -25.17 -19.38 10.71
C SER B 577 -25.87 -20.68 11.03
N HIS B 578 -25.18 -21.78 10.81
CA HIS B 578 -25.80 -23.09 10.94
C HIS B 578 -25.16 -23.93 12.02
N VAL B 579 -25.99 -24.57 12.83
CA VAL B 579 -25.51 -25.59 13.75
C VAL B 579 -24.99 -26.74 12.90
N SER B 580 -23.72 -27.12 13.10
CA SER B 580 -23.13 -28.19 12.31
C SER B 580 -22.51 -29.26 13.18
N VAL B 581 -22.03 -30.31 12.56
CA VAL B 581 -21.67 -31.52 13.28
C VAL B 581 -20.34 -31.32 14.01
N SER B 582 -20.15 -32.06 15.10
CA SER B 582 -18.88 -32.07 15.82
C SER B 582 -18.32 -33.48 15.88
N PRO B 583 -17.00 -33.65 15.62
CA PRO B 583 -15.96 -32.66 15.31
C PRO B 583 -16.20 -31.90 14.01
N ASN B 584 -15.88 -30.63 14.04
CA ASN B 584 -16.07 -29.76 12.89
C ASN B 584 -15.37 -30.28 11.63
N GLU B 585 -16.10 -30.22 10.51
CA GLU B 585 -15.60 -30.71 9.24
C GLU B 585 -14.37 -29.95 8.72
N GLN B 586 -14.28 -28.66 9.07
CA GLN B 586 -13.22 -27.81 8.55
C GLN B 586 -11.94 -27.81 9.37
N ASN B 587 -12.05 -27.86 10.70
CA ASN B 587 -10.86 -27.74 11.52
C ASN B 587 -10.74 -28.81 12.61
N GLY B 588 -11.78 -29.63 12.76
CA GLY B 588 -11.69 -30.82 13.59
C GLY B 588 -11.87 -30.60 15.07
N ARG B 589 -12.25 -29.37 15.44
CA ARG B 589 -12.46 -29.02 16.84
C ARG B 589 -13.70 -29.72 17.40
N ILE B 590 -13.63 -30.08 18.68
CA ILE B 590 -14.75 -30.71 19.36
C ILE B 590 -15.46 -29.67 20.23
N THR B 591 -16.75 -29.46 19.98
CA THR B 591 -17.52 -28.46 20.75
C THR B 591 -18.87 -28.98 21.23
N PRO B 592 -19.32 -28.47 22.38
CA PRO B 592 -20.62 -28.83 22.91
C PRO B 592 -21.74 -28.35 21.97
N PHE B 593 -22.77 -29.17 21.83
CA PHE B 593 -23.91 -28.86 20.97
C PHE B 593 -24.57 -27.53 21.36
N ASN B 594 -24.65 -27.24 22.66
CA ASN B 594 -25.21 -25.98 23.13
C ASN B 594 -24.42 -24.77 22.63
N THR B 595 -23.12 -24.95 22.47
CA THR B 595 -22.26 -23.86 22.05
C THR B 595 -22.42 -23.57 20.57
N ARG B 596 -22.56 -24.63 19.79
CA ARG B 596 -22.81 -24.49 18.37
C ARG B 596 -24.15 -23.77 18.17
N GLY B 597 -25.14 -24.15 18.98
CA GLY B 597 -26.40 -23.44 19.03
C GLY B 597 -26.26 -21.96 19.31
N ALA B 598 -25.62 -21.62 20.42
CA ALA B 598 -25.54 -20.23 20.88
C ALA B 598 -24.88 -19.33 19.86
N VAL B 599 -23.78 -19.81 19.29
CA VAL B 599 -23.09 -19.03 18.28
C VAL B 599 -23.95 -18.89 17.01
N ALA B 600 -24.76 -19.90 16.68
CA ALA B 600 -25.53 -19.83 15.44
C ALA B 600 -26.79 -18.99 15.59
N MET B 601 -27.06 -18.55 16.82
CA MET B 601 -28.21 -17.69 17.09
C MET B 601 -27.84 -16.21 16.99
N TRP B 602 -26.58 -15.91 16.76
CA TRP B 602 -26.16 -14.56 16.52
C TRP B 602 -26.61 -14.19 15.09
N GLY B 603 -26.34 -15.06 14.13
CA GLY B 603 -26.91 -14.92 12.78
C GLY B 603 -28.31 -15.50 12.72
N ASP B 604 -28.83 -15.69 11.50
CA ASP B 604 -30.14 -16.31 11.32
C ASP B 604 -30.00 -17.83 11.45
N LEU B 605 -30.55 -18.40 12.50
CA LEU B 605 -30.34 -19.80 12.84
C LEU B 605 -30.76 -20.79 11.72
N GLY B 606 -29.91 -21.79 11.48
CA GLY B 606 -30.20 -22.88 10.57
C GLY B 606 -29.50 -24.15 10.99
N TYR B 607 -29.68 -25.23 10.22
CA TYR B 607 -29.03 -26.50 10.52
C TYR B 607 -28.39 -27.15 9.31
N GLU B 608 -27.17 -27.66 9.49
CA GLU B 608 -26.46 -28.36 8.43
C GLU B 608 -25.97 -29.71 8.92
N LEU B 609 -26.89 -30.56 9.34
CA LEU B 609 -26.51 -31.87 9.84
C LEU B 609 -27.58 -32.92 9.54
N ASP B 610 -27.13 -34.14 9.32
CA ASP B 610 -28.00 -35.25 8.93
C ASP B 610 -29.07 -35.53 9.99
N LEU B 611 -30.21 -34.83 9.89
CA LEU B 611 -31.30 -35.04 10.84
C LEU B 611 -31.67 -36.53 10.95
N THR B 612 -31.55 -37.23 9.82
CA THR B 612 -31.84 -38.66 9.74
C THR B 612 -31.11 -39.47 10.80
N LYS B 613 -29.81 -39.62 10.63
CA LYS B 613 -29.01 -40.38 11.59
C LYS B 613 -28.83 -39.58 12.87
N MET B 614 -29.94 -39.21 13.50
CA MET B 614 -29.87 -38.48 14.75
C MET B 614 -30.66 -39.21 15.83
N SER B 615 -30.05 -39.32 17.01
CA SER B 615 -30.67 -39.97 18.15
C SER B 615 -31.90 -39.19 18.58
N ASP B 616 -32.90 -39.89 19.12
CA ASP B 616 -34.02 -39.20 19.72
C ASP B 616 -33.49 -38.35 20.85
N GLU B 617 -32.33 -38.73 21.37
CA GLU B 617 -31.74 -38.10 22.53
C GLU B 617 -31.26 -36.68 22.24
N GLU B 618 -30.71 -36.48 21.05
CA GLU B 618 -30.24 -35.16 20.68
C GLU B 618 -31.23 -34.45 19.75
N SER B 619 -32.10 -35.22 19.11
CA SER B 619 -33.23 -34.65 18.39
C SER B 619 -33.96 -33.69 19.31
N ASP B 620 -34.01 -34.04 20.58
CA ASP B 620 -34.70 -33.24 21.57
C ASP B 620 -33.98 -31.93 21.87
N GLN B 621 -32.65 -31.96 21.84
CA GLN B 621 -31.86 -30.75 22.00
C GLN B 621 -32.16 -29.77 20.85
N VAL B 622 -32.32 -30.32 19.65
CA VAL B 622 -32.65 -29.50 18.48
C VAL B 622 -34.04 -28.87 18.62
N VAL B 623 -35.02 -29.65 19.08
CA VAL B 623 -36.36 -29.13 19.37
C VAL B 623 -36.29 -28.05 20.45
N LYS B 624 -35.43 -28.24 21.44
CA LYS B 624 -35.33 -27.27 22.52
C LYS B 624 -34.67 -25.98 22.04
N GLN B 625 -33.67 -26.11 21.14
CA GLN B 625 -33.00 -24.95 20.56
C GLN B 625 -33.96 -24.17 19.68
N VAL B 626 -34.58 -24.87 18.73
CA VAL B 626 -35.50 -24.23 17.80
C VAL B 626 -36.60 -23.52 18.58
N THR B 627 -37.10 -24.18 19.61
CA THR B 627 -38.21 -23.64 20.38
C THR B 627 -37.82 -22.36 21.08
N GLU B 628 -36.62 -22.35 21.68
CA GLU B 628 -36.18 -21.17 22.40
C GLU B 628 -35.79 -20.04 21.46
N TYR B 629 -35.30 -20.40 20.28
CA TYR B 629 -34.98 -19.43 19.25
C TYR B 629 -36.24 -18.73 18.75
N LYS B 630 -37.31 -19.48 18.51
CA LYS B 630 -38.56 -18.85 18.11
C LYS B 630 -39.04 -17.87 19.18
N LYS B 631 -38.66 -18.12 20.44
CA LYS B 631 -38.96 -17.22 21.55
C LYS B 631 -38.19 -15.89 21.49
N ILE B 632 -36.94 -15.93 21.04
CA ILE B 632 -36.12 -14.72 21.06
C ILE B 632 -35.87 -14.06 19.69
N ARG B 633 -36.08 -14.80 18.61
CA ARG B 633 -35.57 -14.38 17.30
C ARG B 633 -36.01 -12.99 16.82
N GLU B 634 -37.15 -12.50 17.25
CA GLU B 634 -37.55 -11.13 16.88
C GLU B 634 -36.52 -10.10 17.37
N VAL B 635 -35.97 -10.34 18.57
CA VAL B 635 -34.98 -9.47 19.16
C VAL B 635 -33.55 -9.76 18.68
N THR B 636 -33.18 -11.03 18.57
CA THR B 636 -31.82 -11.37 18.17
C THR B 636 -31.57 -11.03 16.69
N GLN B 637 -32.56 -11.23 15.85
CA GLN B 637 -32.42 -10.90 14.43
C GLN B 637 -32.50 -9.39 14.15
N PHE B 638 -33.37 -8.66 14.83
CA PHE B 638 -33.58 -7.26 14.44
C PHE B 638 -33.30 -6.21 15.52
N GLY B 639 -32.95 -6.63 16.72
CA GLY B 639 -32.61 -5.68 17.77
C GLY B 639 -31.27 -4.99 17.53
N THR B 640 -31.03 -3.90 18.24
CA THR B 640 -29.77 -3.19 18.13
C THR B 640 -28.69 -4.08 18.70
N LEU B 641 -27.60 -4.23 17.96
CA LEU B 641 -26.55 -5.15 18.34
C LEU B 641 -25.37 -4.45 19.05
N TYR B 642 -24.95 -5.03 20.17
CA TYR B 642 -23.82 -4.51 20.92
C TYR B 642 -22.83 -5.64 21.12
N ARG B 643 -21.63 -5.45 20.61
CA ARG B 643 -20.57 -6.38 20.89
C ARG B 643 -20.11 -6.04 22.30
N LEU B 644 -19.87 -7.04 23.13
CA LEU B 644 -19.46 -6.81 24.53
C LEU B 644 -17.99 -7.18 24.77
N LYS B 645 -17.58 -8.34 24.27
CA LYS B 645 -16.21 -8.84 24.46
C LYS B 645 -15.69 -9.61 23.23
N ALA B 646 -14.42 -9.41 22.89
CA ALA B 646 -13.82 -10.05 21.73
C ALA B 646 -13.09 -11.34 22.12
N SER B 647 -13.10 -12.32 21.23
CA SER B 647 -12.45 -13.62 21.45
C SER B 647 -11.08 -13.56 22.12
N ALA B 648 -10.27 -12.59 21.73
CA ALA B 648 -8.94 -12.44 22.28
C ALA B 648 -8.93 -12.30 23.81
N SER B 649 -10.01 -11.78 24.38
CA SER B 649 -10.14 -11.69 25.83
C SER B 649 -10.32 -13.06 26.50
N ASN B 650 -10.47 -14.09 25.66
CA ASN B 650 -10.83 -15.43 26.11
C ASN B 650 -12.34 -15.63 26.24
N GLN B 651 -13.09 -14.53 26.13
CA GLN B 651 -14.56 -14.56 26.04
C GLN B 651 -15.03 -13.70 24.86
N CYS B 652 -16.05 -14.18 24.15
CA CYS B 652 -16.73 -13.36 23.17
C CYS B 652 -18.13 -13.20 23.70
N ALA B 653 -18.63 -11.97 23.76
CA ALA B 653 -19.99 -11.72 24.25
C ALA B 653 -20.68 -10.65 23.44
N TRP B 654 -21.99 -10.79 23.28
CA TRP B 654 -22.77 -9.84 22.49
C TRP B 654 -24.20 -9.85 22.96
N MET B 655 -24.92 -8.76 22.71
CA MET B 655 -26.33 -8.74 23.04
C MET B 655 -27.15 -7.96 22.02
N MET B 656 -28.45 -8.24 21.99
CA MET B 656 -29.38 -7.48 21.19
C MET B 656 -30.47 -6.91 22.09
N VAL B 657 -30.86 -5.67 21.79
CA VAL B 657 -31.88 -4.94 22.53
C VAL B 657 -32.90 -4.45 21.51
N ASP B 658 -34.19 -4.58 21.83
CA ASP B 658 -35.22 -4.09 20.89
C ASP B 658 -35.33 -2.56 20.93
N SER B 659 -36.14 -2.01 20.02
CA SER B 659 -36.14 -0.57 19.77
C SER B 659 -36.64 0.22 20.96
N ASN B 660 -37.48 -0.39 21.78
CA ASN B 660 -38.07 0.29 22.92
C ASN B 660 -37.31 0.03 24.19
N LYS B 661 -36.24 -0.76 24.08
CA LYS B 661 -35.42 -1.14 25.21
C LYS B 661 -36.25 -1.81 26.29
N ASN B 662 -37.11 -2.73 25.88
CA ASN B 662 -37.91 -3.52 26.80
C ASN B 662 -37.42 -4.96 26.88
N GLU B 663 -36.70 -5.38 25.86
CA GLU B 663 -36.23 -6.75 25.79
C GLU B 663 -34.76 -6.82 25.36
N ALA B 664 -34.02 -7.68 26.03
CA ALA B 664 -32.61 -7.91 25.71
C ALA B 664 -32.27 -9.39 25.75
N VAL B 665 -31.49 -9.84 24.77
CA VAL B 665 -30.97 -11.20 24.77
C VAL B 665 -29.46 -11.10 24.70
N VAL B 666 -28.77 -11.78 25.64
CA VAL B 666 -27.32 -11.70 25.79
C VAL B 666 -26.67 -13.08 25.67
N THR B 667 -25.55 -13.16 24.95
CA THR B 667 -24.79 -14.41 24.87
C THR B 667 -23.35 -14.19 25.33
N VAL B 668 -22.87 -15.09 26.19
CA VAL B 668 -21.51 -15.04 26.69
C VAL B 668 -20.84 -16.40 26.48
N VAL B 669 -19.79 -16.45 25.65
CA VAL B 669 -19.14 -17.69 25.30
C VAL B 669 -17.72 -17.67 25.82
N ASN B 670 -17.37 -18.68 26.62
CA ASN B 670 -16.01 -18.84 27.10
C ASN B 670 -15.16 -19.74 26.20
N VAL B 671 -13.98 -19.29 25.82
CA VAL B 671 -13.15 -20.08 24.94
C VAL B 671 -12.36 -21.19 25.66
N MET B 672 -11.31 -20.84 26.38
CA MET B 672 -10.49 -21.86 27.07
C MET B 672 -10.87 -21.99 28.55
N ALA B 673 -10.86 -23.21 29.06
CA ALA B 673 -11.01 -23.41 30.50
C ALA B 673 -9.65 -23.34 31.19
N HIS B 674 -9.66 -22.90 32.45
CA HIS B 674 -8.45 -22.90 33.24
C HIS B 674 -8.67 -23.56 34.57
N ALA B 675 -7.67 -24.33 35.01
CA ALA B 675 -7.71 -25.03 36.28
C ALA B 675 -7.90 -24.05 37.44
N GLN B 676 -7.33 -22.84 37.31
CA GLN B 676 -7.50 -21.80 38.32
C GLN B 676 -8.02 -20.53 37.65
N PRO B 677 -9.32 -20.47 37.41
CA PRO B 677 -9.86 -19.42 36.55
C PRO B 677 -10.06 -18.10 37.30
N TYR B 678 -9.91 -16.99 36.59
CA TYR B 678 -10.21 -15.67 37.14
C TYR B 678 -11.72 -15.41 37.12
N CYS B 679 -12.26 -14.80 38.17
CA CYS B 679 -13.64 -14.34 38.10
C CYS B 679 -13.77 -13.25 37.04
N THR B 680 -14.76 -13.39 36.19
CA THR B 680 -15.05 -12.33 35.23
C THR B 680 -16.47 -11.88 35.45
N LYS B 681 -16.72 -10.63 35.09
CA LYS B 681 -18.07 -10.05 35.09
C LYS B 681 -18.44 -9.67 33.65
N THR B 682 -19.73 -9.72 33.35
CA THR B 682 -20.23 -9.23 32.06
C THR B 682 -21.17 -8.10 32.38
N LYS B 683 -20.98 -6.96 31.73
CA LYS B 683 -21.87 -5.81 31.89
C LYS B 683 -22.61 -5.58 30.59
N LEU B 684 -23.86 -5.15 30.70
CA LEU B 684 -24.69 -4.97 29.51
C LEU B 684 -24.64 -3.55 28.96
N ALA B 685 -25.26 -3.33 27.81
CA ALA B 685 -25.29 -2.04 27.14
C ALA B 685 -26.64 -1.83 26.44
N GLY B 686 -26.95 -0.58 26.08
CA GLY B 686 -28.16 -0.31 25.32
C GLY B 686 -29.47 -0.42 26.09
N LEU B 687 -29.40 -0.46 27.42
CA LEU B 687 -30.62 -0.52 28.21
C LEU B 687 -31.04 0.86 28.68
N ASP B 688 -32.26 0.94 29.18
CA ASP B 688 -32.78 2.16 29.75
C ASP B 688 -32.41 2.17 31.23
N PRO B 689 -31.66 3.19 31.66
CA PRO B 689 -31.14 3.29 33.03
C PRO B 689 -32.28 3.20 34.04
N ASP B 690 -33.46 3.65 33.65
CA ASP B 690 -34.58 3.80 34.58
C ASP B 690 -35.68 2.73 34.47
N LYS B 691 -35.50 1.78 33.56
CA LYS B 691 -36.40 0.64 33.53
C LYS B 691 -35.92 -0.44 34.48
N ARG B 692 -36.78 -1.39 34.80
CA ARG B 692 -36.37 -2.54 35.60
C ARG B 692 -36.58 -3.81 34.79
N TYR B 693 -35.55 -4.64 34.74
CA TYR B 693 -35.55 -5.80 33.86
C TYR B 693 -35.56 -7.09 34.66
N LYS B 694 -36.43 -8.02 34.27
CA LYS B 694 -36.47 -9.34 34.87
C LYS B 694 -35.67 -10.35 34.04
N ASN B 695 -34.77 -11.04 34.71
CA ASN B 695 -34.06 -12.18 34.14
C ASN B 695 -35.06 -13.33 34.08
N LEU B 696 -35.47 -13.72 32.88
CA LEU B 696 -36.59 -14.64 32.72
C LEU B 696 -36.26 -16.05 33.19
N GLU B 697 -34.99 -16.27 33.54
CA GLU B 697 -34.53 -17.57 33.95
C GLU B 697 -34.60 -17.72 35.47
N THR B 698 -34.20 -16.67 36.17
CA THR B 698 -34.13 -16.67 37.62
C THR B 698 -35.27 -15.88 38.24
N ASP B 699 -35.87 -14.99 37.46
CA ASP B 699 -36.97 -14.13 37.92
C ASP B 699 -36.52 -12.98 38.82
N GLU B 700 -35.21 -12.83 39.02
CA GLU B 700 -34.67 -11.68 39.71
C GLU B 700 -34.77 -10.43 38.85
N VAL B 701 -34.92 -9.28 39.49
CA VAL B 701 -35.08 -8.03 38.77
C VAL B 701 -33.98 -7.05 39.11
N PHE B 702 -33.47 -6.36 38.09
CA PHE B 702 -32.40 -5.40 38.24
C PHE B 702 -32.72 -4.15 37.43
N GLY B 703 -32.24 -3.00 37.87
CA GLY B 703 -32.35 -1.79 37.10
C GLY B 703 -31.39 -1.82 35.92
N GLY B 704 -31.73 -1.07 34.86
CA GLY B 704 -30.83 -0.90 33.74
C GLY B 704 -29.48 -0.33 34.17
N ASP B 705 -29.52 0.66 35.06
CA ASP B 705 -28.30 1.19 35.65
C ASP B 705 -27.47 0.09 36.29
N GLU B 706 -28.13 -0.86 36.95
CA GLU B 706 -27.41 -1.95 37.61
C GLU B 706 -26.77 -2.82 36.54
N LEU B 707 -27.56 -3.19 35.54
CA LEU B 707 -27.11 -4.14 34.54
C LEU B 707 -25.93 -3.57 33.76
N MET B 708 -25.85 -2.25 33.67
CA MET B 708 -24.79 -1.62 32.88
C MET B 708 -23.56 -1.22 33.70
N HIS B 709 -23.78 -0.82 34.94
CA HIS B 709 -22.68 -0.40 35.80
C HIS B 709 -22.08 -1.55 36.58
N LEU B 710 -22.94 -2.35 37.18
CA LEU B 710 -22.49 -3.40 38.09
C LEU B 710 -22.16 -4.65 37.32
N GLY B 711 -23.07 -5.06 36.44
CA GLY B 711 -22.91 -6.30 35.71
C GLY B 711 -23.21 -7.48 36.60
N PHE B 712 -22.72 -8.65 36.19
CA PHE B 712 -22.96 -9.85 36.94
C PHE B 712 -21.79 -10.76 36.68
N TYR B 713 -21.50 -11.62 37.65
CA TYR B 713 -20.45 -12.64 37.50
C TYR B 713 -20.86 -13.71 36.49
N ASP B 714 -19.96 -14.00 35.57
CA ASP B 714 -20.07 -15.18 34.70
C ASP B 714 -19.85 -16.45 35.53
N PRO B 715 -20.73 -17.45 35.34
CA PRO B 715 -20.58 -18.64 36.17
C PRO B 715 -19.29 -19.38 35.86
N ILE B 716 -18.57 -19.83 36.87
CA ILE B 716 -17.38 -20.63 36.65
C ILE B 716 -17.75 -22.03 36.17
N GLU B 717 -17.22 -22.42 35.02
CA GLU B 717 -17.52 -23.71 34.42
C GLU B 717 -16.22 -24.42 34.06
N ARG B 718 -16.21 -25.73 34.22
CA ARG B 718 -15.09 -26.52 33.76
C ARG B 718 -15.32 -26.78 32.28
N GLY B 719 -14.26 -27.07 31.53
CA GLY B 719 -14.38 -27.42 30.12
C GLY B 719 -14.33 -26.26 29.14
N ASP B 720 -13.80 -26.53 27.94
CA ASP B 720 -13.63 -25.53 26.89
C ASP B 720 -14.90 -25.26 26.12
N PHE B 721 -14.91 -24.13 25.41
CA PHE B 721 -15.96 -23.79 24.46
C PHE B 721 -17.37 -23.91 25.07
N LYS B 722 -17.64 -23.12 26.10
CA LYS B 722 -18.93 -23.13 26.79
C LYS B 722 -19.71 -21.83 26.58
N ALA B 723 -21.04 -21.93 26.58
CA ALA B 723 -21.87 -20.76 26.30
C ALA B 723 -22.96 -20.60 27.34
N LYS B 724 -23.36 -19.35 27.60
CA LYS B 724 -24.54 -19.06 28.39
C LYS B 724 -25.35 -17.89 27.80
N MET B 725 -26.68 -18.01 27.86
CA MET B 725 -27.62 -17.06 27.29
C MET B 725 -28.45 -16.41 28.40
N TYR B 726 -28.82 -15.14 28.21
CA TYR B 726 -29.70 -14.43 29.16
C TYR B 726 -30.86 -13.72 28.46
N HIS B 727 -32.04 -13.75 29.07
CA HIS B 727 -33.16 -13.06 28.48
C HIS B 727 -33.74 -12.10 29.50
N PHE B 728 -33.65 -10.81 29.21
CA PHE B 728 -34.22 -9.78 30.10
C PHE B 728 -35.45 -9.10 29.50
N LYS B 729 -36.50 -8.95 30.29
CA LYS B 729 -37.72 -8.26 29.86
C LYS B 729 -38.06 -7.16 30.85
N ALA B 730 -38.24 -5.93 30.37
CA ALA B 730 -38.61 -4.83 31.26
C ALA B 730 -39.97 -5.11 31.91
N ILE B 731 -40.09 -4.86 33.20
CA ILE B 731 -41.35 -5.11 33.91
C ILE B 731 -42.21 -3.86 34.00
N ASN B 732 -43.44 -4.03 34.49
CA ASN B 732 -44.33 -2.89 34.67
C ASN B 732 -44.57 -2.52 36.14
PT PT C . 13.70 15.56 28.54
PT PT D . 31.59 -9.32 24.45
PT PT E . 34.31 -9.41 24.75
PT PT F . 32.59 -5.28 20.35
PT PT G . 33.61 -7.65 23.13
PT PT H . 22.56 -8.03 21.86
PT PT I . 35.33 17.49 17.30
PT PT J . 13.64 18.42 22.41
C1 GOL K . 19.21 24.56 -3.14
O1 GOL K . 18.54 24.75 -1.91
C2 GOL K . 20.56 23.96 -2.81
O2 GOL K . 20.48 22.55 -2.84
C3 GOL K . 21.57 24.52 -3.80
O3 GOL K . 21.27 25.87 -3.97
C1 GOL L . 3.21 -14.18 -31.31
O1 GOL L . 4.33 -14.23 -32.17
C2 GOL L . 3.18 -12.86 -30.53
O2 GOL L . 3.52 -11.78 -31.37
C3 GOL L . 1.78 -12.64 -29.95
O3 GOL L . 1.22 -11.51 -30.56
C1 GOL M . -4.50 -11.79 -12.55
O1 GOL M . -5.10 -10.71 -13.23
C2 GOL M . -5.53 -12.50 -11.65
O2 GOL M . -6.82 -11.94 -11.81
C3 GOL M . -5.56 -14.00 -11.91
O3 GOL M . -5.14 -14.35 -13.21
C1 GOL N . 15.74 25.70 -3.47
O1 GOL N . 15.79 25.81 -2.06
C2 GOL N . 14.67 24.70 -3.92
O2 GOL N . 14.91 23.43 -3.34
C3 GOL N . 13.27 25.22 -3.58
O3 GOL N . 12.85 24.75 -2.32
C1 GOL O . 33.28 3.10 3.60
O1 GOL O . 32.33 3.18 4.64
C2 GOL O . 34.18 1.90 3.81
O2 GOL O . 33.41 0.72 3.80
C3 GOL O . 35.18 1.82 2.66
O3 GOL O . 34.77 0.78 1.79
C1 GOL P . 11.77 24.71 1.57
O1 GOL P . 12.75 25.71 1.41
C2 GOL P . 11.14 24.78 2.95
O2 GOL P . 11.17 23.51 3.53
C3 GOL P . 11.85 25.84 3.81
O3 GOL P . 12.85 25.26 4.62
C1 GOL Q . 34.56 7.11 -15.24
O1 GOL Q . 35.50 7.84 -15.98
C2 GOL Q . 34.77 7.42 -13.76
O2 GOL Q . 36.16 7.47 -13.51
C3 GOL Q . 34.15 8.77 -13.42
O3 GOL Q . 33.13 8.60 -12.45
PT PT R . 24.30 -12.55 18.75
PT PT S . -7.16 -21.57 22.69
PT PT T . -5.43 -19.45 28.96
PT PT U . -22.85 5.80 33.12
PT PT V . -25.64 5.31 34.49
PT PT W . -25.45 1.93 29.24
PT PT X . -25.34 3.90 32.40
PT PT Y . -15.38 4.55 28.32
PT PT Z . -29.33 -20.34 24.12
C1 GOL AA . -19.93 -23.88 -1.01
O1 GOL AA . -18.75 -24.24 -0.33
C2 GOL AA . -21.05 -23.73 0.01
O2 GOL AA . -21.13 -22.39 0.47
C3 GOL AA . -22.38 -24.16 -0.61
O3 GOL AA . -22.31 -25.52 -0.97
C1 GOL BA . -11.67 17.91 -27.46
O1 GOL BA . -13.06 18.06 -27.63
C2 GOL BA . -11.41 16.65 -26.63
O2 GOL BA . -12.00 15.52 -27.24
C3 GOL BA . -9.90 16.46 -26.46
O3 GOL BA . -9.43 15.46 -27.33
C1 GOL CA . 2.20 15.44 -10.89
O1 GOL CA . 1.55 16.04 -12.01
C2 GOL CA . 2.61 14.00 -11.16
O2 GOL CA . 3.98 13.88 -11.51
C3 GOL CA . 1.75 13.42 -12.27
O3 GOL CA . 0.65 12.78 -11.67
C1 GOL DA . -13.83 -25.18 -2.13
O1 GOL DA . -13.50 -23.81 -2.20
C2 GOL DA . -15.34 -25.33 -2.32
O2 GOL DA . -16.00 -25.37 -1.07
C3 GOL DA . -15.81 -24.12 -3.11
O3 GOL DA . -16.03 -23.07 -2.20
C1 GOL EA . -30.80 -4.17 12.12
O1 GOL EA . -29.77 -4.62 12.99
C2 GOL EA . -31.74 -3.25 12.90
O2 GOL EA . -31.06 -2.05 13.21
C3 GOL EA . -33.00 -2.95 12.09
O3 GOL EA . -32.91 -1.66 11.51
C1 GOL FA . -30.44 -9.09 -19.54
O1 GOL FA . -29.47 -9.03 -20.56
C2 GOL FA . -29.95 -10.07 -18.48
O2 GOL FA . -29.61 -9.37 -17.31
C3 GOL FA . -31.03 -11.10 -18.17
O3 GOL FA . -31.81 -11.35 -19.31
#